data_9MT2
#
_entry.id   9MT2
#
_cell.length_a   1.00
_cell.length_b   1.00
_cell.length_c   1.00
_cell.angle_alpha   90.00
_cell.angle_beta   90.00
_cell.angle_gamma   90.00
#
_symmetry.space_group_name_H-M   'P 1'
#
loop_
_entity.id
_entity.type
_entity.pdbx_description
1 polymer 'Pre-glycoprotein polyprotein GP complex'
2 polymer 'Pre-glycoprotein polyprotein GP complex'
3 polymer 'Pre-glycoprotein polyprotein GP complex'
4 branched beta-D-mannopyranose-(1-4)-2-acetamido-2-deoxy-beta-D-glucopyranose-(1-4)-2-acetamido-2-deoxy-beta-D-glucopyranose
5 branched 2-acetamido-2-deoxy-beta-D-glucopyranose-(1-4)-2-acetamido-2-deoxy-beta-D-glucopyranose
6 non-polymer 2-acetamido-2-deoxy-beta-D-glucopyranose
7 non-polymer 'ZINC ION'
#
loop_
_entity_poly.entity_id
_entity_poly.type
_entity_poly.pdbx_seq_one_letter_code
_entity_poly.pdbx_strand_id
1 'polypeptide(L)' MGQLISFFQEIPVFLQEALNIALVAVSLIAVIAGIINLYKSGLFQFIFFLLLAGRSCS A,D,G
2 'polypeptide(L)'
;DGTFKIGLHTEFQSVTLTMQRLLANHSNELPSLCMLNNSFYYMRGGVNTFLIRVSDISVLMKEYDVSIYEPEDLGNCLNK
SDSSWAIHWFSNALGHDWLMDPPMLCRNKTKKEGSNIQFNISKADDARVYGKKIRNGMRHLFRGFHDPCEEGKVCYLTIN
QCGDPSSFDYCGVNHLSKCQFDHVNTLHFLVRSKTHLNFERSLK
;
B,E,H
3 'polypeptide(L)'
;AFFSWSLTDSSGKDMPGGYCLEEWMLIAAKMKCFGNTAVAKCNQNHDSEFCDMLRLFDYNKNAIKTLNDEAKKEINLLSQ
AVNALISDNLLMKNKIKELMSIPYCNYTKFWYVNHTLTGQHTLPRCWLIRNGSYLNTSEFRNDWILESDHLISEMLSKEY
AERQGKTPITLVDICFWSTIFFTASLFLHLVGIPTHRHLKGEACPLPHKLDSFGGCRCGKYPRLKKPTIWHKRH
;
C,F,I
#
# COMPACT_ATOMS: atom_id res chain seq x y z
N GLY A 2 -3.39 -2.92 -35.06
CA GLY A 2 -2.93 -1.74 -34.35
C GLY A 2 -1.71 -2.01 -33.49
N GLN A 3 -1.63 -3.23 -32.95
CA GLN A 3 -0.48 -3.60 -32.13
C GLN A 3 0.81 -3.57 -32.93
N LEU A 4 0.79 -4.09 -34.16
CA LEU A 4 1.97 -4.06 -35.00
C LEU A 4 2.38 -2.64 -35.34
N ILE A 5 1.40 -1.77 -35.63
CA ILE A 5 1.72 -0.37 -35.93
C ILE A 5 2.34 0.31 -34.72
N SER A 6 1.76 0.08 -33.54
CA SER A 6 2.31 0.68 -32.32
C SER A 6 3.72 0.19 -32.05
N PHE A 7 3.97 -1.10 -32.26
CA PHE A 7 5.30 -1.64 -32.08
C PHE A 7 6.28 -1.04 -33.08
N PHE A 8 5.85 -0.84 -34.33
CA PHE A 8 6.71 -0.24 -35.34
C PHE A 8 7.02 1.22 -35.00
N GLN A 9 6.06 1.94 -34.41
CA GLN A 9 6.31 3.32 -34.02
C GLN A 9 7.29 3.44 -32.87
N GLU A 10 7.58 2.35 -32.15
CA GLU A 10 8.45 2.38 -30.98
C GLU A 10 9.75 1.61 -31.21
N ILE A 11 10.09 1.34 -32.47
CA ILE A 11 11.34 0.61 -32.77
C ILE A 11 12.58 1.35 -32.28
N PRO A 12 12.75 2.67 -32.53
CA PRO A 12 14.00 3.31 -32.10
C PRO A 12 14.27 3.22 -30.62
N VAL A 13 13.24 3.26 -29.77
CA VAL A 13 13.48 3.13 -28.34
C VAL A 13 13.65 1.67 -27.94
N PHE A 14 12.98 0.74 -28.64
CA PHE A 14 13.15 -0.68 -28.33
C PHE A 14 14.52 -1.17 -28.77
N LEU A 15 15.02 -0.68 -29.90
CA LEU A 15 16.31 -1.14 -30.42
C LEU A 15 17.46 -0.43 -29.72
N GLN A 16 17.46 -0.46 -28.39
CA GLN A 16 18.56 0.07 -27.60
C GLN A 16 19.20 -0.98 -26.69
N GLU A 17 18.60 -2.15 -26.55
CA GLU A 17 19.14 -3.23 -25.75
C GLU A 17 19.58 -4.37 -26.66
N ALA A 18 20.58 -5.12 -26.19
CA ALA A 18 21.13 -6.20 -27.01
C ALA A 18 20.10 -7.29 -27.27
N LEU A 19 19.29 -7.62 -26.26
CA LEU A 19 18.31 -8.68 -26.41
C LEU A 19 17.25 -8.34 -27.45
N ASN A 20 16.82 -7.08 -27.50
CA ASN A 20 15.83 -6.68 -28.49
C ASN A 20 16.39 -6.79 -29.90
N ILE A 21 17.64 -6.37 -30.10
CA ILE A 21 18.27 -6.51 -31.42
C ILE A 21 18.40 -7.98 -31.78
N ALA A 22 18.78 -8.82 -30.82
CA ALA A 22 18.89 -10.25 -31.08
C ALA A 22 17.54 -10.85 -31.47
N LEU A 23 16.48 -10.45 -30.77
CA LEU A 23 15.15 -10.96 -31.10
C LEU A 23 14.70 -10.51 -32.48
N VAL A 24 14.97 -9.24 -32.83
CA VAL A 24 14.61 -8.75 -34.16
C VAL A 24 15.36 -9.51 -35.24
N ALA A 25 16.67 -9.72 -35.03
CA ALA A 25 17.46 -10.46 -36.01
C ALA A 25 16.98 -11.89 -36.15
N VAL A 26 16.68 -12.55 -35.02
CA VAL A 26 16.18 -13.93 -35.07
C VAL A 26 14.86 -13.99 -35.81
N SER A 27 13.96 -13.04 -35.54
CA SER A 27 12.67 -13.02 -36.21
C SER A 27 12.83 -12.84 -37.71
N LEU A 28 13.68 -11.89 -38.12
CA LEU A 28 13.89 -11.64 -39.55
C LEU A 28 14.50 -12.86 -40.24
N ILE A 29 15.51 -13.48 -39.60
CA ILE A 29 16.14 -14.65 -40.19
C ILE A 29 15.15 -15.80 -40.29
N ALA A 30 14.33 -15.99 -39.26
CA ALA A 30 13.33 -17.06 -39.27
C ALA A 30 12.31 -16.84 -40.39
N VAL A 31 11.83 -15.61 -40.56
CA VAL A 31 10.87 -15.32 -41.61
C VAL A 31 11.49 -15.54 -42.99
N ILE A 32 12.73 -15.06 -43.18
CA ILE A 32 13.39 -15.23 -44.46
C ILE A 32 13.59 -16.70 -44.79
N ALA A 33 14.05 -17.47 -43.80
CA ALA A 33 14.29 -18.90 -44.02
C ALA A 33 12.99 -19.64 -44.26
N GLY A 34 11.90 -19.23 -43.59
CA GLY A 34 10.61 -19.83 -43.86
C GLY A 34 10.13 -19.55 -45.27
N ILE A 35 10.32 -18.32 -45.74
CA ILE A 35 9.95 -17.99 -47.12
C ILE A 35 10.77 -18.82 -48.10
N ILE A 36 12.06 -18.99 -47.83
CA ILE A 36 12.90 -19.84 -48.67
C ILE A 36 12.40 -21.27 -48.67
N ASN A 37 12.04 -21.79 -47.49
CA ASN A 37 11.58 -23.18 -47.39
C ASN A 37 10.29 -23.39 -48.15
N LEU A 38 9.31 -22.48 -47.99
CA LEU A 38 8.11 -22.57 -48.81
C LEU A 38 8.42 -22.44 -50.29
N TYR A 39 9.46 -21.69 -50.64
CA TYR A 39 9.91 -21.65 -52.03
C TYR A 39 10.61 -22.95 -52.41
N LYS A 40 11.29 -23.59 -51.46
CA LYS A 40 12.04 -24.81 -51.71
C LYS A 40 11.24 -26.08 -51.46
N SER A 41 9.98 -25.97 -51.06
CA SER A 41 9.14 -27.14 -50.80
C SER A 41 7.89 -27.19 -51.66
N GLY A 42 7.64 -26.19 -52.49
CA GLY A 42 6.55 -26.23 -53.44
C GLY A 42 5.26 -25.55 -53.03
N LEU A 43 5.24 -24.83 -51.91
CA LEU A 43 4.03 -24.09 -51.55
C LEU A 43 3.70 -23.03 -52.59
N PHE A 44 4.72 -22.29 -53.04
CA PHE A 44 4.50 -21.30 -54.09
C PHE A 44 4.06 -21.96 -55.38
N GLN A 45 4.71 -23.07 -55.75
CA GLN A 45 4.33 -23.80 -56.96
C GLN A 45 2.92 -24.37 -56.85
N PHE A 46 2.58 -24.92 -55.68
CA PHE A 46 1.23 -25.45 -55.48
C PHE A 46 0.18 -24.36 -55.58
N ILE A 47 0.45 -23.20 -54.99
CA ILE A 47 -0.50 -22.09 -55.07
C ILE A 47 -0.65 -21.61 -56.51
N PHE A 48 0.48 -21.51 -57.23
CA PHE A 48 0.41 -21.09 -58.63
C PHE A 48 -0.38 -22.07 -59.48
N PHE A 49 -0.17 -23.37 -59.25
CA PHE A 49 -0.92 -24.39 -59.99
C PHE A 49 -2.40 -24.34 -59.66
N LEU A 50 -2.74 -24.17 -58.38
CA LEU A 50 -4.15 -24.12 -57.98
C LEU A 50 -4.85 -22.90 -58.56
N LEU A 51 -4.17 -21.75 -58.54
CA LEU A 51 -4.79 -20.52 -59.06
C LEU A 51 -4.97 -20.58 -60.58
N LEU A 52 -4.12 -21.31 -61.28
CA LEU A 52 -4.16 -21.42 -62.73
C LEU A 52 -4.36 -22.88 -63.15
N ALA A 53 -5.27 -23.58 -62.49
CA ALA A 53 -5.54 -24.98 -62.81
C ALA A 53 -6.51 -25.05 -63.98
N GLY A 54 -6.06 -25.61 -65.10
CA GLY A 54 -6.90 -25.72 -66.27
C GLY A 54 -7.23 -24.42 -66.95
N ARG A 55 -6.40 -23.39 -66.77
CA ARG A 55 -6.65 -22.08 -67.36
C ARG A 55 -5.53 -21.58 -68.25
N SER A 56 -4.32 -22.13 -68.15
CA SER A 56 -3.20 -21.69 -68.96
C SER A 56 -2.18 -22.82 -69.04
N CYS A 57 -1.09 -22.56 -69.75
CA CYS A 57 -0.02 -23.54 -69.88
C CYS A 57 1.31 -22.98 -69.40
N GLY B 2 6.67 25.32 -21.18
CA GLY B 2 7.21 24.55 -20.07
C GLY B 2 7.29 23.07 -20.35
N THR B 3 7.12 22.70 -21.61
CA THR B 3 7.16 21.31 -22.04
C THR B 3 8.38 21.10 -22.93
N PHE B 4 9.21 20.11 -22.57
CA PHE B 4 10.39 19.79 -23.35
C PHE B 4 10.48 18.27 -23.51
N LYS B 5 11.18 17.85 -24.56
CA LYS B 5 11.32 16.43 -24.84
C LYS B 5 12.28 15.77 -23.87
N ILE B 6 11.87 14.63 -23.32
CA ILE B 6 12.72 13.83 -22.45
C ILE B 6 13.42 12.75 -23.27
N GLY B 7 12.62 11.87 -23.86
CA GLY B 7 13.11 10.85 -24.76
C GLY B 7 12.73 11.12 -26.20
N LEU B 8 12.82 10.07 -27.02
CA LEU B 8 12.42 10.19 -28.42
C LEU B 8 10.91 10.32 -28.57
N HIS B 9 10.15 9.84 -27.59
CA HIS B 9 8.69 9.96 -27.62
C HIS B 9 8.10 10.57 -26.36
N THR B 10 8.75 10.41 -25.20
CA THR B 10 8.25 10.99 -23.96
C THR B 10 8.51 12.49 -23.91
N GLU B 11 7.56 13.22 -23.34
CA GLU B 11 7.64 14.67 -23.26
C GLU B 11 7.35 15.11 -21.83
N PHE B 12 8.22 15.98 -21.30
CA PHE B 12 7.96 16.58 -20.00
C PHE B 12 6.77 17.51 -20.07
N GLN B 13 5.89 17.42 -19.07
CA GLN B 13 4.68 18.24 -19.02
C GLN B 13 4.36 18.57 -17.57
N SER B 14 3.66 19.69 -17.39
CA SER B 14 3.29 20.16 -16.06
C SER B 14 1.90 20.75 -16.09
N VAL B 15 1.21 20.66 -14.96
CA VAL B 15 -0.11 21.24 -14.78
C VAL B 15 -0.12 22.05 -13.49
N THR B 16 -0.74 23.23 -13.54
CA THR B 16 -0.86 24.12 -12.40
C THR B 16 -2.30 24.10 -11.91
N LEU B 17 -2.49 23.87 -10.62
CA LEU B 17 -3.81 23.75 -10.02
C LEU B 17 -4.10 24.94 -9.12
N THR B 18 -5.36 25.38 -9.13
CA THR B 18 -5.80 26.48 -8.29
C THR B 18 -7.02 26.04 -7.49
N MET B 19 -7.20 26.67 -6.33
CA MET B 19 -8.31 26.36 -5.45
C MET B 19 -8.94 27.66 -4.94
N GLN B 20 -8.98 28.67 -5.81
CA GLN B 20 -9.59 29.95 -5.44
C GLN B 20 -11.11 29.85 -5.41
N ARG B 21 -11.70 29.00 -6.26
CA ARG B 21 -13.14 28.85 -6.29
C ARG B 21 -13.66 28.28 -4.97
N LEU B 22 -12.95 27.30 -4.41
CA LEU B 22 -13.38 26.72 -3.14
C LEU B 22 -13.35 27.77 -2.03
N LEU B 23 -12.27 28.56 -1.95
CA LEU B 23 -12.15 29.55 -0.89
C LEU B 23 -13.16 30.68 -1.07
N ALA B 24 -13.38 31.12 -2.31
CA ALA B 24 -14.30 32.23 -2.55
C ALA B 24 -15.74 31.82 -2.30
N ASN B 25 -16.14 30.66 -2.82
CA ASN B 25 -17.52 30.20 -2.64
C ASN B 25 -17.81 29.88 -1.19
N HIS B 26 -16.95 29.09 -0.55
CA HIS B 26 -17.11 28.74 0.86
C HIS B 26 -16.33 29.70 1.75
N SER B 27 -16.66 30.99 1.63
CA SER B 27 -15.96 32.01 2.40
C SER B 27 -16.14 31.81 3.90
N ASN B 28 -17.36 31.49 4.33
CA ASN B 28 -17.59 31.28 5.76
C ASN B 28 -16.92 30.01 6.26
N GLU B 29 -16.84 28.99 5.41
CA GLU B 29 -16.27 27.71 5.82
C GLU B 29 -14.77 27.61 5.56
N LEU B 30 -14.25 28.33 4.56
CA LEU B 30 -12.84 28.25 4.16
C LEU B 30 -12.22 29.63 4.23
N PRO B 31 -11.79 30.08 5.41
CA PRO B 31 -11.00 31.31 5.50
C PRO B 31 -9.72 31.18 4.67
N SER B 32 -9.34 32.28 4.02
CA SER B 32 -8.20 32.30 3.12
C SER B 32 -7.11 33.18 3.72
N LEU B 33 -5.88 32.65 3.76
CA LEU B 33 -4.75 33.39 4.35
C LEU B 33 -3.68 33.66 3.27
N CYS B 34 -3.22 34.90 3.14
CA CYS B 34 -2.15 35.21 2.16
C CYS B 34 -1.02 35.98 2.87
N MET B 35 0.19 35.94 2.30
CA MET B 35 1.35 36.64 2.92
C MET B 35 1.91 37.68 1.93
N LEU B 36 1.92 38.95 2.30
CA LEU B 36 2.47 40.01 1.42
C LEU B 36 4.00 39.88 1.40
N ASN B 37 4.64 39.75 2.57
CA ASN B 37 6.12 39.58 2.67
C ASN B 37 6.48 39.22 4.11
N ASN B 38 7.65 39.63 4.60
CA ASN B 38 8.00 39.20 5.94
C ASN B 38 7.00 39.68 6.99
N SER B 39 6.59 40.94 6.92
CA SER B 39 5.88 41.58 8.01
C SER B 39 4.39 41.77 7.77
N PHE B 40 3.86 41.33 6.63
CA PHE B 40 2.46 41.60 6.30
C PHE B 40 1.72 40.32 5.96
N TYR B 41 0.49 40.21 6.46
CA TYR B 41 -0.37 39.08 6.16
C TYR B 41 -1.82 39.58 6.14
N TYR B 42 -2.66 38.86 5.40
CA TYR B 42 -4.09 39.13 5.36
C TYR B 42 -4.89 37.88 5.68
N MET B 43 -6.05 38.10 6.31
CA MET B 43 -7.04 37.06 6.56
C MET B 43 -8.37 37.52 5.99
N ARG B 44 -9.01 36.66 5.21
CA ARG B 44 -10.26 36.98 4.53
C ARG B 44 -11.31 35.98 4.96
N GLY B 45 -12.21 36.41 5.86
CA GLY B 45 -13.31 35.58 6.28
C GLY B 45 -14.66 36.21 5.96
N GLY B 46 -15.51 35.45 5.28
CA GLY B 46 -16.81 35.97 4.87
C GLY B 46 -16.70 37.06 3.82
N VAL B 47 -16.98 38.29 4.20
CA VAL B 47 -16.91 39.42 3.28
C VAL B 47 -16.07 40.53 3.90
N ASN B 48 -15.31 40.19 4.95
CA ASN B 48 -14.47 41.15 5.63
C ASN B 48 -13.04 40.63 5.65
N THR B 49 -12.08 41.54 5.47
CA THR B 49 -10.67 41.20 5.39
C THR B 49 -9.91 41.88 6.53
N PHE B 50 -9.03 41.14 7.17
CA PHE B 50 -8.22 41.62 8.27
C PHE B 50 -6.76 41.68 7.86
N LEU B 51 -5.98 42.48 8.57
CA LEU B 51 -4.55 42.64 8.34
C LEU B 51 -3.78 42.06 9.52
N ILE B 52 -2.85 41.16 9.23
CA ILE B 52 -1.98 40.56 10.23
C ILE B 52 -0.58 41.09 10.00
N ARG B 53 -0.06 41.84 10.96
CA ARG B 53 1.23 42.52 10.82
C ARG B 53 2.12 42.20 12.01
N VAL B 54 3.39 41.95 11.72
CA VAL B 54 4.40 41.72 12.75
C VAL B 54 5.41 42.86 12.67
N SER B 55 5.57 43.58 13.78
CA SER B 55 6.47 44.72 13.82
C SER B 55 7.05 44.86 15.21
N ASP B 56 8.19 45.54 15.29
CA ASP B 56 8.85 45.76 16.58
C ASP B 56 8.19 46.85 17.40
N ILE B 57 7.37 47.70 16.78
CA ILE B 57 6.76 48.84 17.45
C ILE B 57 5.25 48.65 17.50
N SER B 58 4.67 48.98 18.64
CA SER B 58 3.21 48.94 18.83
C SER B 58 2.82 50.12 19.69
N VAL B 59 2.01 51.02 19.14
CA VAL B 59 1.64 52.26 19.85
C VAL B 59 0.40 51.94 20.67
N LEU B 60 0.62 51.32 21.83
CA LEU B 60 -0.43 51.04 22.79
C LEU B 60 0.15 51.18 24.19
N MET B 61 -0.69 51.00 25.20
CA MET B 61 -0.25 51.04 26.58
C MET B 61 -1.26 50.30 27.44
N LYS B 62 -0.75 49.58 28.45
CA LYS B 62 -1.60 48.75 29.29
C LYS B 62 -2.46 49.56 30.25
N GLU B 63 -2.23 50.87 30.37
CA GLU B 63 -2.95 51.68 31.34
C GLU B 63 -4.37 51.99 30.86
N TYR B 64 -4.50 52.60 29.67
CA TYR B 64 -5.80 53.04 29.20
C TYR B 64 -6.17 52.41 27.87
N ASP B 65 -5.99 51.09 27.76
CA ASP B 65 -6.40 50.35 26.57
C ASP B 65 -7.24 49.15 27.00
N VAL B 66 -8.21 48.79 26.14
CA VAL B 66 -9.15 47.72 26.45
C VAL B 66 -8.44 46.38 26.36
N SER B 67 -8.65 45.54 27.35
CA SER B 67 -8.14 44.18 27.39
C SER B 67 -9.29 43.19 27.33
N ILE B 68 -9.14 42.15 26.50
CA ILE B 68 -10.21 41.20 26.21
C ILE B 68 -9.91 39.91 26.94
N TYR B 69 -10.84 39.46 27.78
CA TYR B 69 -10.74 38.19 28.49
C TYR B 69 -11.82 37.21 28.05
N GLU B 70 -13.08 37.61 28.10
CA GLU B 70 -14.17 36.68 27.84
C GLU B 70 -14.24 36.36 26.34
N PRO B 71 -14.56 35.12 25.97
CA PRO B 71 -14.71 34.78 24.55
C PRO B 71 -15.99 35.31 23.93
N GLU B 72 -16.71 36.18 24.64
CA GLU B 72 -17.95 36.76 24.15
C GLU B 72 -17.85 38.24 23.83
N ASP B 73 -17.13 39.00 24.65
CA ASP B 73 -16.97 40.44 24.41
C ASP B 73 -15.82 40.76 23.45
N LEU B 74 -15.36 39.77 22.69
CA LEU B 74 -14.28 39.99 21.73
C LEU B 74 -14.72 40.80 20.52
N GLY B 75 -16.01 41.06 20.36
CA GLY B 75 -16.51 41.85 19.25
C GLY B 75 -16.37 43.34 19.42
N ASN B 76 -15.87 43.80 20.57
CA ASN B 76 -15.68 45.24 20.79
C ASN B 76 -14.64 45.81 19.84
N CYS B 77 -13.58 45.05 19.55
CA CYS B 77 -12.50 45.52 18.68
C CYS B 77 -12.89 45.39 17.21
N LEU B 78 -13.96 46.09 16.85
CA LEU B 78 -14.45 46.12 15.47
C LEU B 78 -15.39 47.30 15.28
N ASN B 79 -14.99 48.26 14.43
CA ASN B 79 -15.79 49.47 14.25
C ASN B 79 -17.18 49.14 13.71
N LYS B 80 -17.24 48.28 12.70
CA LYS B 80 -18.51 47.75 12.19
C LYS B 80 -18.68 46.35 12.78
N SER B 81 -19.17 46.31 14.02
CA SER B 81 -19.19 45.09 14.81
C SER B 81 -20.33 44.16 14.36
N ASP B 82 -20.31 43.83 13.07
CA ASP B 82 -21.26 42.85 12.55
C ASP B 82 -20.92 41.45 13.05
N SER B 83 -19.65 41.06 12.95
CA SER B 83 -19.21 39.74 13.39
C SER B 83 -17.69 39.67 13.47
N SER B 84 -17.17 39.15 14.59
CA SER B 84 -15.74 38.93 14.76
C SER B 84 -15.41 37.44 14.80
N TRP B 85 -16.20 36.63 14.09
CA TRP B 85 -15.92 35.20 14.01
C TRP B 85 -14.56 34.93 13.35
N ALA B 86 -14.13 35.82 12.46
CA ALA B 86 -12.81 35.65 11.86
C ALA B 86 -11.71 35.71 12.91
N ILE B 87 -11.79 36.71 13.79
CA ILE B 87 -10.82 36.80 14.88
C ILE B 87 -10.98 35.63 15.86
N HIS B 88 -12.23 35.18 16.07
CA HIS B 88 -12.44 34.03 16.95
C HIS B 88 -11.73 32.79 16.42
N TRP B 89 -11.93 32.48 15.14
CA TRP B 89 -11.25 31.33 14.54
C TRP B 89 -9.75 31.53 14.50
N PHE B 90 -9.29 32.74 14.21
CA PHE B 90 -7.85 33.00 14.19
C PHE B 90 -7.24 32.74 15.56
N SER B 91 -7.92 33.17 16.62
CA SER B 91 -7.41 32.96 17.98
C SER B 91 -7.42 31.49 18.37
N ASN B 92 -8.51 30.78 18.06
CA ASN B 92 -8.59 29.39 18.50
C ASN B 92 -7.81 28.43 17.61
N ALA B 93 -7.40 28.86 16.41
CA ALA B 93 -6.54 28.06 15.56
C ALA B 93 -5.07 28.46 15.64
N LEU B 94 -4.78 29.63 16.19
CA LEU B 94 -3.40 30.06 16.42
C LEU B 94 -2.76 29.32 17.59
N GLY B 95 -3.53 28.52 18.33
CA GLY B 95 -3.02 27.87 19.52
C GLY B 95 -3.15 28.71 20.77
N HIS B 96 -4.01 29.72 20.77
CA HIS B 96 -4.07 30.71 21.83
C HIS B 96 -5.37 30.50 22.60
N ASP B 97 -5.27 29.91 23.78
CA ASP B 97 -6.41 29.66 24.65
C ASP B 97 -6.44 30.69 25.76
N TRP B 98 -7.58 31.35 25.93
CA TRP B 98 -7.68 32.50 26.83
C TRP B 98 -7.79 32.10 28.29
N LEU B 99 -7.89 30.80 28.59
CA LEU B 99 -8.08 30.37 29.98
C LEU B 99 -6.84 30.62 30.83
N MET B 100 -5.67 30.20 30.34
CA MET B 100 -4.43 30.24 31.12
C MET B 100 -3.29 30.80 30.28
N ASP B 101 -3.53 31.92 29.61
CA ASP B 101 -2.53 32.54 28.75
C ASP B 101 -2.75 34.05 28.89
N PRO B 102 -1.69 34.82 29.15
CA PRO B 102 -1.85 36.27 29.33
C PRO B 102 -2.57 36.91 28.16
N PRO B 103 -3.53 37.79 28.43
CA PRO B 103 -4.40 38.31 27.36
C PRO B 103 -3.70 39.32 26.44
N MET B 104 -4.48 39.91 25.56
CA MET B 104 -3.99 40.81 24.52
C MET B 104 -4.31 42.26 24.89
N LEU B 105 -3.99 43.18 23.98
CA LEU B 105 -4.30 44.59 24.13
C LEU B 105 -4.98 45.08 22.87
N CYS B 106 -5.80 46.13 23.03
CA CYS B 106 -6.62 46.61 21.93
C CYS B 106 -6.96 48.07 22.14
N ARG B 107 -7.41 48.72 21.08
CA ARG B 107 -7.81 50.12 21.09
C ARG B 107 -9.33 50.24 21.11
N ASN B 108 -9.80 51.43 21.50
CA ASN B 108 -11.23 51.68 21.63
C ASN B 108 -11.91 51.69 20.25
N LYS B 109 -13.19 51.34 20.25
CA LYS B 109 -13.97 51.35 19.00
C LYS B 109 -14.12 52.77 18.47
N THR B 110 -14.40 53.73 19.34
CA THR B 110 -14.70 55.08 18.88
C THR B 110 -13.44 55.83 18.43
N LYS B 111 -12.28 55.49 19.00
CA LYS B 111 -11.05 56.19 18.65
C LYS B 111 -10.69 55.92 17.19
N LYS B 112 -10.12 56.93 16.54
CA LYS B 112 -9.97 56.91 15.08
C LYS B 112 -8.76 56.10 14.62
N GLU B 113 -8.63 54.86 15.10
CA GLU B 113 -7.69 53.92 14.51
C GLU B 113 -8.31 52.52 14.36
N GLY B 114 -9.55 52.33 14.79
CA GLY B 114 -10.21 51.04 14.61
C GLY B 114 -9.60 49.95 15.47
N SER B 115 -9.68 48.72 14.97
CA SER B 115 -9.19 47.56 15.69
C SER B 115 -7.68 47.45 15.58
N ASN B 116 -7.01 47.37 16.71
CA ASN B 116 -5.55 47.25 16.76
C ASN B 116 -5.15 46.19 17.78
N ILE B 117 -5.77 45.01 17.69
CA ILE B 117 -5.47 43.93 18.62
C ILE B 117 -3.99 43.57 18.51
N GLN B 118 -3.34 43.46 19.67
CA GLN B 118 -1.90 43.22 19.75
C GLN B 118 -1.62 41.99 20.60
N PHE B 119 -0.76 41.12 20.09
CA PHE B 119 -0.19 40.03 20.86
C PHE B 119 1.29 40.34 21.12
N ASN B 120 1.69 40.33 22.38
CA ASN B 120 3.05 40.72 22.76
C ASN B 120 3.90 39.46 22.67
N ILE B 121 4.55 39.27 21.53
CA ILE B 121 5.35 38.07 21.27
C ILE B 121 6.84 38.36 21.36
N SER B 122 7.22 39.39 22.12
CA SER B 122 8.63 39.75 22.25
C SER B 122 9.40 38.63 22.95
N LYS B 123 10.57 38.31 22.41
CA LYS B 123 11.41 37.25 22.97
C LYS B 123 12.24 37.85 24.12
N ALA B 124 11.62 37.93 25.29
CA ALA B 124 12.25 38.48 26.47
C ALA B 124 11.69 37.77 27.70
N ASP B 125 11.92 38.35 28.86
CA ASP B 125 11.45 37.76 30.11
C ASP B 125 9.93 37.73 30.18
N ASP B 126 9.39 36.68 30.80
CA ASP B 126 7.96 36.46 31.00
C ASP B 126 7.19 36.32 29.69
N ALA B 127 7.89 36.15 28.57
CA ALA B 127 7.22 35.98 27.28
C ALA B 127 7.91 34.90 26.43
N ARG B 128 8.56 33.94 27.08
CA ARG B 128 9.25 32.86 26.39
C ARG B 128 8.35 31.66 26.11
N VAL B 129 7.06 31.75 26.47
CA VAL B 129 6.08 30.73 26.13
C VAL B 129 4.97 31.30 25.25
N TYR B 130 4.42 32.45 25.65
CA TYR B 130 3.38 33.11 24.86
C TYR B 130 3.86 33.43 23.45
N GLY B 131 5.01 34.10 23.34
CA GLY B 131 5.52 34.48 22.03
C GLY B 131 5.85 33.28 21.16
N LYS B 132 6.48 32.26 21.75
CA LYS B 132 6.81 31.06 20.99
C LYS B 132 5.56 30.33 20.51
N LYS B 133 4.54 30.27 21.36
CA LYS B 133 3.30 29.60 20.96
C LYS B 133 2.61 30.35 19.82
N ILE B 134 2.56 31.67 19.91
CA ILE B 134 1.93 32.45 18.83
C ILE B 134 2.76 32.32 17.55
N ARG B 135 4.08 32.29 17.67
CA ARG B 135 4.93 32.11 16.50
C ARG B 135 4.68 30.76 15.85
N ASN B 136 4.57 29.70 16.66
CA ASN B 136 4.27 28.39 16.11
C ASN B 136 2.90 28.36 15.44
N GLY B 137 1.92 29.05 16.04
CA GLY B 137 0.61 29.12 15.42
C GLY B 137 0.63 29.82 14.07
N MET B 138 1.34 30.95 13.98
CA MET B 138 1.46 31.64 12.69
C MET B 138 2.22 30.79 11.68
N ARG B 139 3.25 30.08 12.13
CA ARG B 139 3.99 29.20 11.23
C ARG B 139 3.10 28.09 10.71
N HIS B 140 2.21 27.57 11.56
CA HIS B 140 1.23 26.59 11.11
C HIS B 140 0.28 27.18 10.08
N LEU B 141 -0.28 28.36 10.38
CA LEU B 141 -1.36 28.90 9.57
C LEU B 141 -0.86 29.63 8.33
N PHE B 142 0.38 30.10 8.32
CA PHE B 142 0.91 30.89 7.21
C PHE B 142 2.17 30.21 6.68
N ARG B 143 2.06 29.59 5.51
CA ARG B 143 3.21 28.97 4.87
C ARG B 143 4.22 30.03 4.47
N GLY B 144 5.50 29.76 4.73
CA GLY B 144 6.54 30.73 4.45
C GLY B 144 6.66 31.82 5.49
N PHE B 145 6.17 31.58 6.70
CA PHE B 145 6.21 32.59 7.74
C PHE B 145 7.65 32.82 8.19
N HIS B 146 8.09 34.06 8.16
CA HIS B 146 9.41 34.46 8.65
C HIS B 146 9.22 35.40 9.83
N ASP B 147 10.02 35.21 10.87
CA ASP B 147 9.87 36.00 12.08
C ASP B 147 10.94 37.09 12.12
N PRO B 148 10.55 38.38 12.09
CA PRO B 148 11.53 39.44 12.26
C PRO B 148 11.82 39.80 13.70
N CYS B 149 11.09 39.24 14.66
CA CYS B 149 11.36 39.50 16.06
C CYS B 149 12.69 38.87 16.45
N GLU B 150 13.50 39.63 17.18
CA GLU B 150 14.84 39.18 17.57
C GLU B 150 14.91 39.02 19.09
N GLU B 151 15.72 38.07 19.52
CA GLU B 151 15.85 37.77 20.94
C GLU B 151 16.45 38.95 21.70
N GLY B 152 15.99 39.14 22.93
CA GLY B 152 16.48 40.20 23.76
C GLY B 152 15.96 41.59 23.42
N LYS B 153 14.95 41.68 22.57
CA LYS B 153 14.40 42.97 22.17
C LYS B 153 12.87 42.86 22.20
N VAL B 154 12.21 43.86 21.64
CA VAL B 154 10.75 43.99 21.72
C VAL B 154 10.16 43.76 20.33
N CYS B 155 9.05 43.04 20.28
CA CYS B 155 8.35 42.78 19.03
C CYS B 155 6.88 42.50 19.33
N TYR B 156 6.02 42.78 18.36
CA TYR B 156 4.58 42.65 18.55
C TYR B 156 3.93 42.08 17.30
N LEU B 157 2.68 41.63 17.47
CA LEU B 157 1.83 41.15 16.38
C LEU B 157 0.60 42.03 16.29
N THR B 158 0.32 42.54 15.10
CA THR B 158 -0.75 43.52 14.88
C THR B 158 -1.91 42.87 14.14
N ILE B 159 -3.12 43.09 14.63
CA ILE B 159 -4.35 42.67 13.95
C ILE B 159 -5.20 43.90 13.71
N ASN B 160 -5.67 44.06 12.47
CA ASN B 160 -6.43 45.24 12.08
C ASN B 160 -7.28 44.91 10.87
N GLN B 161 -8.60 45.04 10.99
CA GLN B 161 -9.46 44.85 9.84
C GLN B 161 -9.28 46.00 8.86
N CYS B 162 -9.21 45.67 7.57
CA CYS B 162 -8.79 46.64 6.57
C CYS B 162 -9.79 47.76 6.42
N GLY B 163 -9.28 48.93 6.01
CA GLY B 163 -10.09 50.13 5.89
C GLY B 163 -9.88 51.14 7.00
N ASP B 164 -9.29 50.73 8.11
CA ASP B 164 -9.03 51.65 9.21
C ASP B 164 -7.91 52.62 8.86
N PRO B 165 -7.87 53.79 9.50
CA PRO B 165 -6.75 54.72 9.27
C PRO B 165 -5.39 54.11 9.55
N SER B 166 -5.29 53.25 10.57
CA SER B 166 -4.03 52.58 10.85
C SER B 166 -3.68 51.52 9.81
N SER B 167 -4.68 50.99 9.10
CA SER B 167 -4.41 50.03 8.04
C SER B 167 -3.70 50.67 6.86
N PHE B 168 -3.78 52.00 6.74
CA PHE B 168 -3.10 52.77 5.72
C PHE B 168 -3.64 52.44 4.32
N ASP B 169 -2.89 52.78 3.29
CA ASP B 169 -3.27 52.49 1.92
C ASP B 169 -2.91 51.06 1.49
N TYR B 170 -2.33 50.27 2.39
CA TYR B 170 -1.93 48.92 2.04
C TYR B 170 -3.15 48.02 1.80
N CYS B 171 -4.28 48.36 2.39
CA CYS B 171 -5.52 47.62 2.19
C CYS B 171 -6.26 48.13 0.96
N GLY B 172 -7.50 47.68 0.80
CA GLY B 172 -8.30 48.02 -0.36
C GLY B 172 -8.31 46.92 -1.39
N VAL B 173 -8.39 47.29 -2.66
CA VAL B 173 -8.39 46.32 -3.75
C VAL B 173 -7.03 46.34 -4.45
N ASN B 174 -6.00 46.78 -3.72
CA ASN B 174 -4.63 46.82 -4.30
C ASN B 174 -3.79 45.64 -3.78
N HIS B 175 -3.12 45.81 -2.63
CA HIS B 175 -2.23 44.74 -2.09
C HIS B 175 -3.05 43.49 -1.78
N LEU B 176 -4.27 43.67 -1.27
CA LEU B 176 -5.14 42.50 -0.99
C LEU B 176 -5.23 41.66 -2.27
N SER B 177 -5.44 42.30 -3.42
CA SER B 177 -5.55 41.57 -4.71
C SER B 177 -4.18 40.97 -5.08
N LYS B 178 -3.10 41.74 -4.94
CA LYS B 178 -1.76 41.25 -5.37
C LYS B 178 -1.31 40.10 -4.45
N CYS B 179 -1.81 40.05 -3.22
CA CYS B 179 -1.48 38.91 -2.32
C CYS B 179 -2.26 37.66 -2.79
N GLN B 180 -1.61 36.49 -2.80
CA GLN B 180 -2.27 35.26 -3.31
C GLN B 180 -2.66 34.35 -2.14
N PHE B 181 -3.95 34.07 -1.98
CA PHE B 181 -4.43 33.16 -0.91
C PHE B 181 -3.90 31.75 -1.19
N ASP B 182 -3.34 31.10 -0.17
CA ASP B 182 -2.77 29.74 -0.34
C ASP B 182 -3.77 28.71 0.22
N HIS B 183 -3.96 27.59 -0.48
CA HIS B 183 -4.84 26.56 0.05
C HIS B 183 -4.15 25.64 1.04
N VAL B 184 -2.82 25.62 1.08
CA VAL B 184 -2.13 24.90 2.15
C VAL B 184 -2.42 25.55 3.49
N ASN B 185 -2.54 26.88 3.50
CA ASN B 185 -2.87 27.60 4.73
C ASN B 185 -4.23 27.17 5.26
N THR B 186 -5.24 27.08 4.37
CA THR B 186 -6.57 26.67 4.82
C THR B 186 -6.66 25.17 5.09
N LEU B 187 -5.82 24.36 4.45
CA LEU B 187 -5.75 22.94 4.82
C LEU B 187 -5.19 22.78 6.22
N HIS B 188 -4.14 23.52 6.55
CA HIS B 188 -3.60 23.48 7.90
C HIS B 188 -4.56 24.11 8.90
N PHE B 189 -5.38 25.06 8.44
CA PHE B 189 -6.31 25.77 9.31
C PHE B 189 -7.44 24.89 9.82
N LEU B 190 -7.82 23.85 9.07
CA LEU B 190 -9.01 23.09 9.38
C LEU B 190 -8.74 21.71 9.97
N VAL B 191 -7.60 21.09 9.66
CA VAL B 191 -7.31 19.76 10.16
C VAL B 191 -7.04 19.82 11.65
N ARG B 192 -7.66 18.91 12.40
CA ARG B 192 -7.51 18.83 13.85
C ARG B 192 -6.96 17.44 14.18
N SER B 193 -5.63 17.31 14.17
CA SER B 193 -4.97 16.06 14.45
C SER B 193 -4.01 16.12 15.63
N LYS B 194 -3.77 17.30 16.21
CA LYS B 194 -2.92 17.55 17.37
C LYS B 194 -1.44 17.32 17.04
N THR B 195 -1.11 16.86 15.84
CA THR B 195 0.26 16.62 15.44
C THR B 195 0.91 17.82 14.77
N HIS B 196 0.24 18.96 14.75
CA HIS B 196 0.77 20.16 14.13
C HIS B 196 1.53 21.02 15.14
N LEU B 197 2.04 22.15 14.68
CA LEU B 197 2.92 23.00 15.47
C LEU B 197 2.21 23.65 16.66
N ASN B 198 0.88 23.61 16.71
CA ASN B 198 0.16 24.19 17.82
C ASN B 198 0.36 23.39 19.10
N GLY C 18 -10.22 10.08 -19.52
CA GLY C 18 -10.61 9.55 -18.22
C GLY C 18 -11.06 10.61 -17.24
N TYR C 19 -10.39 10.68 -16.10
CA TYR C 19 -10.70 11.70 -15.11
C TYR C 19 -10.29 13.07 -15.64
N CYS C 20 -11.18 14.05 -15.50
CA CYS C 20 -10.97 15.37 -16.09
C CYS C 20 -11.13 16.44 -15.02
N LEU C 21 -10.41 17.55 -15.23
CA LEU C 21 -10.46 18.71 -14.34
C LEU C 21 -11.02 19.89 -15.11
N GLU C 22 -11.96 20.60 -14.50
CA GLU C 22 -12.68 21.68 -15.17
C GLU C 22 -11.81 22.94 -15.25
N GLU C 23 -12.40 24.00 -15.83
CA GLU C 23 -11.66 25.22 -16.08
C GLU C 23 -11.20 25.90 -14.79
N TRP C 24 -12.07 25.95 -13.78
CA TRP C 24 -11.76 26.69 -12.57
C TRP C 24 -10.74 25.99 -11.69
N MET C 25 -10.35 24.76 -12.03
CA MET C 25 -9.34 24.03 -11.26
C MET C 25 -7.92 24.24 -11.76
N LEU C 26 -7.75 24.94 -12.88
CA LEU C 26 -6.43 25.15 -13.48
C LEU C 26 -6.16 26.64 -13.64
N ILE C 27 -4.89 26.96 -13.89
CA ILE C 27 -4.43 28.33 -14.10
C ILE C 27 -3.91 28.45 -15.53
N ALA C 28 -4.49 29.40 -16.28
CA ALA C 28 -4.05 29.70 -17.64
C ALA C 28 -4.07 28.45 -18.53
N ALA C 29 -5.10 27.63 -18.35
CA ALA C 29 -5.22 26.40 -19.12
C ALA C 29 -6.69 26.06 -19.28
N LYS C 30 -6.98 25.22 -20.27
CA LYS C 30 -8.34 24.79 -20.55
C LYS C 30 -8.64 23.52 -19.76
N MET C 31 -9.77 22.88 -20.06
CA MET C 31 -10.13 21.63 -19.40
C MET C 31 -9.11 20.55 -19.73
N LYS C 32 -8.66 19.85 -18.70
CA LYS C 32 -7.61 18.83 -18.83
C LYS C 32 -8.12 17.50 -18.32
N CYS C 33 -7.82 16.43 -19.05
CA CYS C 33 -8.26 15.10 -18.73
C CYS C 33 -7.07 14.19 -18.49
N PHE C 34 -7.15 13.36 -17.45
CA PHE C 34 -6.10 12.43 -17.08
C PHE C 34 -6.61 11.00 -17.20
N GLY C 35 -5.71 10.09 -17.55
CA GLY C 35 -6.09 8.71 -17.77
C GLY C 35 -6.47 8.00 -16.49
N ASN C 36 -7.30 6.95 -16.65
CA ASN C 36 -7.71 6.15 -15.51
C ASN C 36 -6.53 5.43 -14.88
N THR C 37 -5.62 4.90 -15.71
CA THR C 37 -4.46 4.17 -15.17
C THR C 37 -3.59 5.07 -14.33
N ALA C 38 -3.35 6.30 -14.78
CA ALA C 38 -2.52 7.23 -14.02
C ALA C 38 -3.19 7.59 -12.69
N VAL C 39 -4.50 7.84 -12.71
CA VAL C 39 -5.20 8.19 -11.48
C VAL C 39 -5.57 6.98 -10.63
N ALA C 40 -5.43 5.77 -11.17
CA ALA C 40 -5.68 4.56 -10.39
C ALA C 40 -4.66 4.39 -9.27
N LYS C 41 -3.48 5.00 -9.40
CA LYS C 41 -2.47 4.93 -8.34
C LYS C 41 -2.93 5.66 -7.09
N CYS C 42 -3.85 6.61 -7.22
CA CYS C 42 -4.35 7.36 -6.07
C CYS C 42 -5.26 6.54 -5.17
N ASN C 43 -5.66 5.33 -5.59
CA ASN C 43 -6.57 4.54 -4.80
C ASN C 43 -5.97 4.16 -3.45
N GLN C 44 -4.70 3.77 -3.43
CA GLN C 44 -4.03 3.35 -2.22
C GLN C 44 -2.87 4.25 -1.82
N ASN C 45 -2.53 5.25 -2.63
CA ASN C 45 -1.41 6.13 -2.33
C ASN C 45 -1.84 7.21 -1.34
N HIS C 46 -1.17 7.26 -0.19
CA HIS C 46 -1.38 8.32 0.78
C HIS C 46 -0.16 9.22 0.92
N ASP C 47 0.77 9.17 -0.03
CA ASP C 47 1.97 9.99 -0.01
C ASP C 47 2.08 10.88 -1.25
N SER C 48 0.97 11.16 -1.91
CA SER C 48 0.95 11.98 -3.11
C SER C 48 0.08 13.20 -2.89
N GLU C 49 0.63 14.38 -3.19
CA GLU C 49 -0.12 15.62 -3.03
C GLU C 49 -1.14 15.80 -4.15
N PHE C 50 -0.81 15.34 -5.36
CA PHE C 50 -1.74 15.44 -6.48
C PHE C 50 -2.99 14.62 -6.21
N CYS C 51 -2.83 13.44 -5.61
CA CYS C 51 -3.99 12.64 -5.24
C CYS C 51 -4.86 13.34 -4.22
N ASP C 52 -4.23 14.03 -3.25
CA ASP C 52 -4.99 14.79 -2.27
C ASP C 52 -5.77 15.92 -2.93
N MET C 53 -5.15 16.62 -3.87
CA MET C 53 -5.85 17.69 -4.57
C MET C 53 -7.01 17.13 -5.40
N LEU C 54 -6.81 15.99 -6.06
CA LEU C 54 -7.89 15.36 -6.81
C LEU C 54 -9.03 14.95 -5.90
N ARG C 55 -8.70 14.42 -4.71
CA ARG C 55 -9.73 14.03 -3.76
C ARG C 55 -10.52 15.25 -3.29
N LEU C 56 -9.84 16.36 -3.01
CA LEU C 56 -10.55 17.57 -2.61
C LEU C 56 -11.46 18.08 -3.72
N PHE C 57 -10.97 18.08 -4.97
CA PHE C 57 -11.79 18.54 -6.07
C PHE C 57 -13.00 17.64 -6.28
N ASP C 58 -12.80 16.33 -6.19
CA ASP C 58 -13.92 15.39 -6.35
C ASP C 58 -14.92 15.55 -5.22
N TYR C 59 -14.44 15.79 -4.00
CA TYR C 59 -15.36 16.00 -2.88
C TYR C 59 -16.17 17.27 -3.07
N ASN C 60 -15.53 18.34 -3.58
CA ASN C 60 -16.28 19.56 -3.89
C ASN C 60 -17.33 19.29 -4.96
N LYS C 61 -16.96 18.56 -6.01
CA LYS C 61 -17.90 18.25 -7.07
C LYS C 61 -19.10 17.46 -6.53
N ASN C 62 -18.84 16.50 -5.64
CA ASN C 62 -19.93 15.75 -5.01
C ASN C 62 -20.79 16.65 -4.15
N ALA C 63 -20.17 17.58 -3.41
CA ALA C 63 -20.91 18.44 -2.49
C ALA C 63 -21.81 19.41 -3.24
N ILE C 64 -21.35 19.92 -4.39
CA ILE C 64 -22.17 20.86 -5.16
C ILE C 64 -23.45 20.18 -5.65
N LYS C 65 -23.34 18.95 -6.14
CA LYS C 65 -24.50 18.25 -6.66
C LYS C 65 -25.39 17.68 -5.56
N THR C 66 -24.90 17.57 -4.33
CA THR C 66 -25.65 16.95 -3.25
C THR C 66 -25.96 17.88 -2.10
N LEU C 67 -25.01 18.69 -1.65
CA LEU C 67 -25.15 19.53 -0.48
C LEU C 67 -25.40 21.00 -0.84
N ASN C 68 -26.14 21.24 -1.91
CA ASN C 68 -26.47 22.59 -2.34
C ASN C 68 -27.94 22.80 -2.65
N ASP C 69 -28.70 21.75 -2.97
CA ASP C 69 -30.12 21.91 -3.29
C ASP C 69 -30.95 22.24 -2.05
N GLU C 70 -30.43 21.98 -0.86
CA GLU C 70 -31.15 22.25 0.38
C GLU C 70 -30.28 23.08 1.30
N ALA C 71 -30.93 23.96 2.07
CA ALA C 71 -30.24 24.84 3.01
C ALA C 71 -29.96 24.17 4.36
N LYS C 72 -29.99 22.84 4.42
CA LYS C 72 -29.76 22.10 5.65
C LYS C 72 -28.29 21.93 5.98
N LYS C 73 -27.40 22.71 5.36
CA LYS C 73 -25.96 22.57 5.57
C LYS C 73 -25.57 23.09 6.94
N GLU C 74 -26.01 22.42 8.00
CA GLU C 74 -25.68 22.79 9.37
C GLU C 74 -24.51 21.98 9.92
N ILE C 75 -23.83 21.21 9.06
CA ILE C 75 -22.79 20.29 9.47
C ILE C 75 -21.52 20.60 8.69
N ASN C 76 -20.37 20.53 9.36
CA ASN C 76 -19.08 20.89 8.78
C ASN C 76 -18.47 19.69 8.04
N LEU C 77 -19.21 19.22 7.04
CA LEU C 77 -18.77 18.05 6.28
C LEU C 77 -17.51 18.33 5.48
N LEU C 78 -17.34 19.56 5.00
CA LEU C 78 -16.13 19.90 4.27
C LEU C 78 -14.90 19.78 5.17
N SER C 79 -14.99 20.31 6.39
CA SER C 79 -13.89 20.17 7.34
C SER C 79 -13.66 18.71 7.69
N GLN C 80 -14.73 17.94 7.87
CA GLN C 80 -14.57 16.52 8.19
C GLN C 80 -13.86 15.78 7.06
N ALA C 81 -14.20 16.09 5.81
CA ALA C 81 -13.53 15.47 4.68
C ALA C 81 -12.07 15.89 4.60
N VAL C 82 -11.78 17.17 4.82
CA VAL C 82 -10.38 17.62 4.83
C VAL C 82 -9.60 16.88 5.89
N ASN C 83 -10.21 16.65 7.05
CA ASN C 83 -9.58 15.85 8.09
C ASN C 83 -9.45 14.37 7.70
N ALA C 84 -10.18 13.93 6.68
CA ALA C 84 -10.26 12.52 6.32
C ALA C 84 -9.54 12.18 5.02
N LEU C 85 -9.86 12.87 3.93
CA LEU C 85 -9.31 12.54 2.62
C LEU C 85 -8.00 13.24 2.31
N ILE C 86 -7.45 14.01 3.24
CA ILE C 86 -6.14 14.64 3.09
C ILE C 86 -5.18 13.98 4.07
N SER C 87 -4.05 13.51 3.55
CA SER C 87 -3.03 12.89 4.37
C SER C 87 -2.35 13.94 5.24
N ASP C 88 -2.69 13.97 6.52
CA ASP C 88 -2.07 14.94 7.43
C ASP C 88 -0.58 14.68 7.59
N ASN C 89 -0.16 13.42 7.49
CA ASN C 89 1.27 13.10 7.60
C ASN C 89 2.05 13.74 6.47
N LEU C 90 1.52 13.68 5.24
CA LEU C 90 2.21 14.28 4.11
C LEU C 90 2.29 15.80 4.25
N LEU C 91 1.20 16.44 4.69
CA LEU C 91 1.21 17.88 4.88
C LEU C 91 2.20 18.29 5.97
N MET C 92 2.25 17.52 7.06
CA MET C 92 3.20 17.82 8.13
C MET C 92 4.64 17.61 7.65
N LYS C 93 4.87 16.59 6.83
CA LYS C 93 6.20 16.38 6.27
C LYS C 93 6.61 17.55 5.38
N ASN C 94 5.66 18.05 4.58
CA ASN C 94 5.94 19.22 3.74
C ASN C 94 6.25 20.45 4.60
N LYS C 95 5.51 20.63 5.70
CA LYS C 95 5.79 21.75 6.59
C LYS C 95 7.17 21.61 7.23
N ILE C 96 7.54 20.40 7.62
CA ILE C 96 8.87 20.17 8.21
C ILE C 96 9.95 20.47 7.18
N LYS C 97 9.78 20.01 5.95
CA LYS C 97 10.75 20.31 4.90
C LYS C 97 10.84 21.80 4.65
N GLU C 98 9.71 22.50 4.72
CA GLU C 98 9.71 23.96 4.60
C GLU C 98 10.53 24.59 5.71
N LEU C 99 10.33 24.13 6.94
CA LEU C 99 11.04 24.72 8.08
C LEU C 99 12.49 24.28 8.19
N MET C 100 12.90 23.27 7.41
CA MET C 100 14.27 22.78 7.43
C MET C 100 15.09 23.32 6.25
N SER C 101 14.58 24.34 5.56
CA SER C 101 15.28 24.99 4.45
C SER C 101 15.66 23.99 3.34
N ILE C 102 14.74 23.07 3.05
CA ILE C 102 14.91 22.12 1.96
C ILE C 102 13.65 22.17 1.09
N PRO C 103 13.73 21.81 -0.19
CA PRO C 103 12.57 21.96 -1.08
C PRO C 103 11.36 21.18 -0.58
N TYR C 104 10.18 21.77 -0.77
CA TYR C 104 8.93 21.19 -0.32
C TYR C 104 7.85 21.46 -1.36
N CYS C 105 6.66 20.93 -1.11
CA CYS C 105 5.51 21.06 -2.01
C CYS C 105 4.48 21.99 -1.39
N ASN C 106 4.04 22.99 -2.16
CA ASN C 106 2.97 23.88 -1.72
C ASN C 106 1.71 23.72 -2.54
N TYR C 107 1.54 22.57 -3.20
CA TYR C 107 0.26 22.11 -3.73
C TYR C 107 -0.27 23.00 -4.85
N THR C 108 0.61 23.44 -5.75
CA THR C 108 0.10 24.28 -6.83
C THR C 108 0.51 23.82 -8.22
N LYS C 109 1.71 23.27 -8.38
CA LYS C 109 2.23 22.88 -9.68
C LYS C 109 2.67 21.42 -9.62
N PHE C 110 2.23 20.64 -10.61
CA PHE C 110 2.53 19.22 -10.68
C PHE C 110 3.07 18.89 -12.06
N TRP C 111 4.19 18.17 -12.09
CA TRP C 111 4.85 17.79 -13.32
C TRP C 111 4.76 16.28 -13.51
N TYR C 112 4.74 15.86 -14.78
CA TYR C 112 4.62 14.46 -15.12
C TYR C 112 5.23 14.23 -16.50
N VAL C 113 5.48 12.96 -16.81
CA VAL C 113 6.00 12.56 -18.11
C VAL C 113 4.86 11.95 -18.91
N ASN C 114 4.61 12.52 -20.09
CA ASN C 114 3.49 12.11 -20.93
C ASN C 114 4.02 11.52 -22.24
N HIS C 115 3.57 10.30 -22.55
CA HIS C 115 3.87 9.70 -23.84
C HIS C 115 2.92 10.27 -24.87
N THR C 116 3.48 11.03 -25.83
CA THR C 116 2.64 11.81 -26.75
C THR C 116 1.79 10.91 -27.63
N LEU C 117 2.36 9.82 -28.15
CA LEU C 117 1.64 8.99 -29.10
C LEU C 117 0.51 8.21 -28.41
N THR C 118 0.86 7.39 -27.42
CA THR C 118 -0.15 6.57 -26.75
C THR C 118 -1.11 7.41 -25.94
N GLY C 119 -0.67 8.59 -25.48
CA GLY C 119 -1.52 9.45 -24.66
C GLY C 119 -1.64 9.04 -23.21
N GLN C 120 -0.89 8.02 -22.78
CA GLN C 120 -0.91 7.55 -21.40
C GLN C 120 0.35 8.02 -20.69
N HIS C 121 0.19 8.52 -19.47
CA HIS C 121 1.26 9.22 -18.77
C HIS C 121 1.46 8.69 -17.36
N THR C 122 2.27 9.40 -16.58
CA THR C 122 2.56 9.04 -15.20
C THR C 122 1.69 9.88 -14.24
N LEU C 123 1.71 9.51 -12.98
CA LEU C 123 1.03 10.29 -11.96
C LEU C 123 1.82 11.57 -11.69
N PRO C 124 1.19 12.74 -11.79
CA PRO C 124 1.93 14.00 -11.60
C PRO C 124 2.56 14.09 -10.22
N ARG C 125 3.75 14.68 -10.17
CA ARG C 125 4.52 14.86 -8.95
C ARG C 125 4.72 16.35 -8.70
N CYS C 126 4.98 16.69 -7.43
CA CYS C 126 5.17 18.08 -7.06
C CYS C 126 6.34 18.71 -7.78
N TRP C 127 6.14 19.96 -8.21
CA TRP C 127 7.23 20.83 -8.63
C TRP C 127 7.71 21.56 -7.38
N LEU C 128 8.73 21.00 -6.73
CA LEU C 128 9.19 21.56 -5.43
C LEU C 128 9.49 23.06 -5.55
N ILE C 129 9.22 23.81 -4.48
CA ILE C 129 9.56 25.27 -4.47
C ILE C 129 10.59 25.50 -3.35
N ARG C 130 11.62 26.29 -3.62
CA ARG C 130 12.65 26.61 -2.59
C ARG C 130 12.89 28.13 -2.59
N ASN C 131 12.98 28.74 -1.40
CA ASN C 131 13.13 30.21 -1.33
C ASN C 131 11.93 30.86 -2.04
N GLY C 132 10.74 30.26 -1.90
CA GLY C 132 9.54 30.79 -2.57
C GLY C 132 9.73 30.87 -4.08
N SER C 133 10.41 29.89 -4.67
CA SER C 133 10.64 29.87 -6.13
C SER C 133 10.67 28.42 -6.64
N TYR C 134 10.03 28.16 -7.78
CA TYR C 134 9.98 26.78 -8.33
C TYR C 134 11.37 26.34 -8.77
N LEU C 135 11.87 25.23 -8.21
CA LEU C 135 13.15 24.70 -8.66
C LEU C 135 13.17 24.59 -10.18
N ASN C 136 14.27 24.99 -10.79
CA ASN C 136 14.43 24.86 -12.22
C ASN C 136 14.54 23.39 -12.60
N THR C 137 14.31 23.11 -13.88
CA THR C 137 14.33 21.72 -14.34
C THR C 137 15.77 21.26 -14.56
N SER C 138 16.62 21.50 -13.57
CA SER C 138 17.99 20.98 -13.58
C SER C 138 18.44 20.42 -12.24
N GLU C 139 17.75 20.73 -11.14
CA GLU C 139 18.10 20.18 -9.84
C GLU C 139 17.46 18.83 -9.58
N PHE C 140 16.25 18.61 -10.08
CA PHE C 140 15.60 17.30 -10.07
C PHE C 140 15.66 16.64 -11.44
N ARG C 141 16.77 16.83 -12.15
CA ARG C 141 16.94 16.26 -13.48
C ARG C 141 16.90 14.73 -13.41
N ASN C 142 17.51 14.15 -12.38
CA ASN C 142 17.47 12.70 -12.19
C ASN C 142 16.07 12.20 -11.88
N ASP C 143 15.13 13.08 -11.54
CA ASP C 143 13.78 12.65 -11.21
C ASP C 143 12.95 12.40 -12.45
N TRP C 144 12.93 13.34 -13.39
CA TRP C 144 12.08 13.17 -14.58
C TRP C 144 12.67 12.20 -15.60
N ILE C 145 14.00 12.07 -15.69
CA ILE C 145 14.58 11.04 -16.54
C ILE C 145 14.20 9.66 -16.04
N LEU C 146 14.39 9.43 -14.73
CA LEU C 146 13.98 8.17 -14.13
C LEU C 146 12.47 7.97 -14.24
N GLU C 147 11.69 9.05 -14.20
CA GLU C 147 10.25 8.92 -14.31
C GLU C 147 9.84 8.50 -15.72
N SER C 148 10.52 9.03 -16.75
CA SER C 148 10.26 8.58 -18.11
C SER C 148 10.66 7.14 -18.31
N ASP C 149 11.80 6.73 -17.75
CA ASP C 149 12.20 5.33 -17.83
C ASP C 149 11.18 4.44 -17.14
N HIS C 150 10.69 4.86 -15.98
CA HIS C 150 9.66 4.11 -15.28
C HIS C 150 8.36 4.09 -16.07
N LEU C 151 8.06 5.16 -16.82
CA LEU C 151 6.87 5.17 -17.66
C LEU C 151 6.96 4.11 -18.75
N ILE C 152 8.11 4.04 -19.44
CA ILE C 152 8.28 3.03 -20.47
C ILE C 152 8.21 1.63 -19.87
N SER C 153 8.88 1.43 -18.73
CA SER C 153 8.85 0.14 -18.07
C SER C 153 7.43 -0.22 -17.64
N GLU C 154 6.67 0.76 -17.15
CA GLU C 154 5.30 0.51 -16.72
C GLU C 154 4.41 0.17 -17.91
N MET C 155 4.59 0.82 -19.04
CA MET C 155 3.82 0.48 -20.23
C MET C 155 4.09 -0.97 -20.64
N LEU C 156 5.37 -1.35 -20.72
CA LEU C 156 5.70 -2.71 -21.12
C LEU C 156 5.19 -3.73 -20.10
N SER C 157 5.32 -3.43 -18.81
CA SER C 157 4.87 -4.34 -17.77
C SER C 157 3.35 -4.45 -17.76
N LYS C 158 2.64 -3.36 -18.08
CA LYS C 158 1.19 -3.41 -18.19
C LYS C 158 0.78 -4.29 -19.36
N GLU C 159 1.49 -4.20 -20.48
CA GLU C 159 1.22 -5.11 -21.60
C GLU C 159 1.44 -6.55 -21.18
N TYR C 160 2.53 -6.83 -20.46
CA TYR C 160 2.79 -8.20 -20.01
C TYR C 160 1.71 -8.68 -19.06
N ALA C 161 1.29 -7.83 -18.12
CA ALA C 161 0.27 -8.22 -17.15
C ALA C 161 -1.08 -8.47 -17.82
N GLU C 162 -1.43 -7.63 -18.80
CA GLU C 162 -2.67 -7.84 -19.56
C GLU C 162 -2.60 -9.15 -20.34
N ARG C 163 -1.43 -9.47 -20.90
CA ARG C 163 -1.27 -10.76 -21.55
C ARG C 163 -1.43 -11.92 -20.58
N GLN C 164 -0.81 -11.81 -19.40
CA GLN C 164 -0.83 -12.90 -18.44
C GLN C 164 -2.18 -13.05 -17.75
N GLY C 165 -3.02 -12.01 -17.78
CA GLY C 165 -4.33 -12.10 -17.15
C GLY C 165 -5.37 -12.85 -17.96
N LYS C 166 -5.11 -13.06 -19.26
CA LYS C 166 -6.05 -13.78 -20.12
C LYS C 166 -5.50 -15.08 -20.67
N THR C 167 -4.19 -15.20 -20.84
CA THR C 167 -3.58 -16.42 -21.36
C THR C 167 -3.07 -17.26 -20.20
N PRO C 168 -3.56 -18.48 -20.02
CA PRO C 168 -3.07 -19.32 -18.93
C PRO C 168 -1.64 -19.75 -19.17
N ILE C 169 -0.89 -19.91 -18.08
CA ILE C 169 0.49 -20.37 -18.19
C ILE C 169 0.53 -21.86 -18.54
N THR C 170 -0.52 -22.61 -18.17
CA THR C 170 -0.58 -24.01 -18.53
C THR C 170 -0.66 -24.18 -20.04
N LEU C 171 -1.45 -23.33 -20.71
CA LEU C 171 -1.54 -23.38 -22.16
C LEU C 171 -0.21 -23.02 -22.82
N VAL C 172 0.48 -22.02 -22.27
CA VAL C 172 1.80 -21.65 -22.80
C VAL C 172 2.79 -22.80 -22.64
N ASP C 173 2.77 -23.45 -21.48
CA ASP C 173 3.64 -24.60 -21.27
C ASP C 173 3.30 -25.74 -22.22
N ILE C 174 2.00 -25.98 -22.43
CA ILE C 174 1.58 -27.02 -23.37
C ILE C 174 2.08 -26.71 -24.77
N CYS C 175 1.96 -25.45 -25.20
CA CYS C 175 2.46 -25.07 -26.52
C CYS C 175 3.96 -25.23 -26.63
N PHE C 176 4.70 -24.81 -25.60
CA PHE C 176 6.15 -24.93 -25.62
C PHE C 176 6.59 -26.39 -25.68
N TRP C 177 5.95 -27.25 -24.89
CA TRP C 177 6.33 -28.66 -24.90
C TRP C 177 5.90 -29.35 -26.18
N SER C 178 4.77 -28.94 -26.78
CA SER C 178 4.38 -29.47 -28.07
C SER C 178 5.38 -29.06 -29.15
N THR C 179 5.86 -27.81 -29.10
CA THR C 179 6.88 -27.38 -30.05
C THR C 179 8.17 -28.15 -29.86
N ILE C 180 8.57 -28.39 -28.62
CA ILE C 180 9.77 -29.18 -28.35
C ILE C 180 9.60 -30.60 -28.87
N PHE C 181 8.44 -31.19 -28.64
CA PHE C 181 8.15 -32.54 -29.12
C PHE C 181 8.22 -32.61 -30.64
N PHE C 182 7.62 -31.61 -31.31
CA PHE C 182 7.64 -31.60 -32.76
C PHE C 182 9.05 -31.39 -33.31
N THR C 183 9.85 -30.54 -32.66
CA THR C 183 11.22 -30.33 -33.10
C THR C 183 12.06 -31.59 -32.92
N ALA C 184 11.86 -32.30 -31.80
CA ALA C 184 12.54 -33.58 -31.60
C ALA C 184 12.10 -34.60 -32.63
N SER C 185 10.80 -34.62 -32.97
CA SER C 185 10.32 -35.51 -34.01
C SER C 185 10.97 -35.21 -35.35
N LEU C 186 11.13 -33.92 -35.67
CA LEU C 186 11.83 -33.54 -36.89
C LEU C 186 13.28 -34.00 -36.87
N PHE C 187 13.95 -33.85 -35.72
CA PHE C 187 15.33 -34.30 -35.60
C PHE C 187 15.46 -35.80 -35.84
N LEU C 188 14.59 -36.59 -35.21
CA LEU C 188 14.60 -38.03 -35.45
C LEU C 188 14.19 -38.37 -36.88
N HIS C 189 13.41 -37.49 -37.52
CA HIS C 189 13.09 -37.67 -38.93
C HIS C 189 14.35 -37.52 -39.79
N LEU C 190 15.18 -36.52 -39.50
CA LEU C 190 16.43 -36.38 -40.23
C LEU C 190 17.36 -37.56 -39.98
N VAL C 191 17.60 -37.88 -38.70
CA VAL C 191 18.56 -38.93 -38.35
C VAL C 191 18.04 -40.30 -38.79
N GLY C 192 16.77 -40.58 -38.49
CA GLY C 192 16.22 -41.89 -38.78
C GLY C 192 16.54 -42.90 -37.69
N ILE C 193 15.55 -43.67 -37.29
CA ILE C 193 15.70 -44.65 -36.21
C ILE C 193 15.82 -46.03 -36.82
N PRO C 194 16.81 -46.83 -36.44
CA PRO C 194 16.89 -48.19 -36.96
C PRO C 194 15.65 -49.01 -36.58
N THR C 195 15.24 -49.88 -37.50
CA THR C 195 14.04 -50.68 -37.31
C THR C 195 14.35 -52.12 -36.94
N HIS C 196 15.16 -52.81 -37.74
CA HIS C 196 15.49 -54.21 -37.51
C HIS C 196 17.00 -54.43 -37.63
N ARG C 197 17.50 -55.38 -36.85
CA ARG C 197 18.93 -55.64 -36.80
C ARG C 197 19.40 -56.37 -38.05
N HIS C 198 20.69 -56.25 -38.32
CA HIS C 198 21.36 -56.98 -39.40
C HIS C 198 22.51 -57.80 -38.82
N LEU C 199 22.67 -59.02 -39.34
CA LEU C 199 23.80 -59.86 -38.96
C LEU C 199 25.08 -59.34 -39.61
N LYS C 200 26.21 -59.81 -39.08
CA LYS C 200 27.51 -59.38 -39.58
C LYS C 200 27.71 -59.89 -41.01
N GLY C 201 27.64 -58.99 -41.98
CA GLY C 201 27.84 -59.37 -43.37
C GLY C 201 26.70 -60.11 -44.00
N GLU C 202 25.49 -59.98 -43.45
CA GLU C 202 24.32 -60.67 -43.97
C GLU C 202 23.17 -59.69 -44.17
N ALA C 203 22.27 -60.05 -45.09
CA ALA C 203 21.12 -59.22 -45.38
C ALA C 203 20.13 -59.26 -44.22
N CYS C 204 19.17 -58.34 -44.26
CA CYS C 204 18.18 -58.26 -43.18
C CYS C 204 17.27 -59.49 -43.20
N PRO C 205 16.88 -59.99 -42.03
CA PRO C 205 16.11 -61.24 -41.96
C PRO C 205 14.62 -61.06 -42.19
N LEU C 206 14.22 -59.94 -42.78
CA LEU C 206 12.81 -59.66 -42.98
C LEU C 206 12.15 -60.79 -43.78
N PRO C 207 10.93 -61.20 -43.42
CA PRO C 207 10.06 -60.63 -42.37
C PRO C 207 10.34 -61.18 -40.98
N HIS C 208 11.34 -62.04 -40.81
CA HIS C 208 11.66 -62.55 -39.48
C HIS C 208 12.34 -61.48 -38.64
N LYS C 209 12.23 -61.61 -37.33
CA LYS C 209 12.80 -60.68 -36.38
C LYS C 209 13.78 -61.38 -35.46
N LEU C 210 14.85 -60.67 -35.09
CA LEU C 210 15.90 -61.20 -34.25
C LEU C 210 15.73 -60.73 -32.82
N ASP C 211 16.01 -61.61 -31.87
CA ASP C 211 15.93 -61.29 -30.45
C ASP C 211 17.25 -60.68 -29.98
N SER C 212 17.42 -60.58 -28.66
CA SER C 212 18.66 -60.04 -28.12
C SER C 212 19.85 -60.91 -28.46
N PHE C 213 19.64 -62.22 -28.63
CA PHE C 213 20.69 -63.15 -29.00
C PHE C 213 20.85 -63.31 -30.51
N GLY C 214 20.02 -62.63 -31.30
CA GLY C 214 20.11 -62.71 -32.74
C GLY C 214 19.47 -63.93 -33.37
N GLY C 215 18.76 -64.75 -32.59
CA GLY C 215 18.13 -65.94 -33.11
C GLY C 215 16.68 -65.69 -33.52
N CYS C 216 16.08 -66.75 -34.06
CA CYS C 216 14.68 -66.71 -34.50
C CYS C 216 13.93 -67.86 -33.83
N ARG C 217 12.70 -67.57 -33.41
CA ARG C 217 11.83 -68.61 -32.87
C ARG C 217 11.43 -69.62 -33.92
N CYS C 218 11.59 -69.29 -35.20
CA CYS C 218 11.26 -70.22 -36.28
C CYS C 218 12.29 -71.33 -36.42
N GLY C 219 13.47 -71.17 -35.83
CA GLY C 219 14.54 -72.13 -35.95
C GLY C 219 15.47 -71.89 -37.12
N LYS C 220 15.15 -70.93 -38.00
CA LYS C 220 16.04 -70.64 -39.13
C LYS C 220 17.36 -70.06 -38.65
N TYR C 221 17.33 -69.18 -37.66
CA TYR C 221 18.54 -68.55 -37.13
C TYR C 221 18.86 -69.14 -35.76
N PRO C 222 19.92 -69.95 -35.64
CA PRO C 222 20.27 -70.50 -34.33
C PRO C 222 20.76 -69.42 -33.38
N ARG C 223 20.54 -69.66 -32.09
CA ARG C 223 20.93 -68.72 -31.04
C ARG C 223 22.41 -68.93 -30.72
N LEU C 224 23.26 -68.39 -31.59
CA LEU C 224 24.70 -68.48 -31.41
C LEU C 224 25.29 -67.28 -30.68
N LYS C 225 24.45 -66.34 -30.24
CA LYS C 225 24.89 -65.14 -29.52
C LYS C 225 25.86 -64.31 -30.36
N LYS C 226 25.68 -64.31 -31.68
CA LYS C 226 26.54 -63.54 -32.55
C LYS C 226 26.24 -62.04 -32.40
N PRO C 227 27.25 -61.19 -32.58
CA PRO C 227 27.01 -59.74 -32.50
C PRO C 227 26.08 -59.28 -33.62
N THR C 228 25.30 -58.25 -33.32
CA THR C 228 24.34 -57.70 -34.26
C THR C 228 24.50 -56.19 -34.36
N ILE C 229 24.10 -55.64 -35.49
CA ILE C 229 24.17 -54.20 -35.75
C ILE C 229 22.79 -53.70 -36.15
N TRP C 230 22.58 -52.41 -35.96
CA TRP C 230 21.30 -51.77 -36.26
C TRP C 230 21.36 -51.04 -37.58
N HIS C 231 20.28 -51.11 -38.36
CA HIS C 231 20.17 -50.43 -39.64
C HIS C 231 18.78 -49.84 -39.78
N LYS C 232 18.70 -48.76 -40.56
CA LYS C 232 17.45 -48.05 -40.76
C LYS C 232 16.63 -48.74 -41.85
N ARG C 233 15.57 -48.08 -42.31
CA ARG C 233 14.71 -48.65 -43.33
C ARG C 233 15.45 -48.82 -44.65
N HIS C 234 15.25 -49.96 -45.29
CA HIS C 234 15.90 -50.27 -46.56
C HIS C 234 15.05 -51.20 -47.40
N GLY D 2 28.68 -12.49 -16.70
CA GLY D 2 28.27 -12.38 -15.32
C GLY D 2 26.98 -13.11 -15.01
N GLN D 3 25.99 -12.95 -15.90
CA GLN D 3 24.70 -13.62 -15.70
C GLN D 3 24.87 -15.14 -15.73
N LEU D 4 25.66 -15.64 -16.67
CA LEU D 4 25.89 -17.09 -16.74
C LEU D 4 26.62 -17.60 -15.51
N ILE D 5 27.62 -16.84 -15.02
CA ILE D 5 28.34 -17.25 -13.82
C ILE D 5 27.41 -17.27 -12.62
N SER D 6 26.58 -16.24 -12.48
CA SER D 6 25.63 -16.21 -11.36
C SER D 6 24.63 -17.36 -11.44
N PHE D 7 24.15 -17.67 -12.64
CA PHE D 7 23.23 -18.78 -12.81
C PHE D 7 23.90 -20.11 -12.47
N PHE D 8 25.16 -20.28 -12.88
CA PHE D 8 25.88 -21.50 -12.56
C PHE D 8 26.15 -21.62 -11.05
N GLN D 9 26.33 -20.49 -10.38
CA GLN D 9 26.52 -20.52 -8.94
C GLN D 9 25.25 -20.91 -8.17
N GLU D 10 24.09 -20.88 -8.82
CA GLU D 10 22.82 -21.16 -8.16
C GLU D 10 22.18 -22.44 -8.68
N ILE D 11 22.95 -23.30 -9.35
CA ILE D 11 22.38 -24.54 -9.90
C ILE D 11 21.80 -25.45 -8.82
N PRO D 12 22.48 -25.74 -7.70
CA PRO D 12 21.87 -26.63 -6.71
C PRO D 12 20.54 -26.11 -6.17
N VAL D 13 20.38 -24.80 -6.02
CA VAL D 13 19.10 -24.26 -5.60
C VAL D 13 18.04 -24.48 -6.67
N PHE D 14 18.38 -24.23 -7.93
CA PHE D 14 17.42 -24.39 -9.01
C PHE D 14 17.10 -25.87 -9.25
N LEU D 15 18.11 -26.74 -9.18
CA LEU D 15 17.89 -28.15 -9.48
C LEU D 15 17.24 -28.87 -8.31
N GLN D 16 16.09 -28.36 -7.86
CA GLN D 16 15.29 -29.02 -6.84
C GLN D 16 13.84 -29.15 -7.28
N GLU D 17 13.53 -28.82 -8.53
CA GLU D 17 12.17 -28.84 -9.05
C GLU D 17 12.15 -29.56 -10.38
N ALA D 18 11.03 -30.20 -10.68
CA ALA D 18 10.92 -31.01 -11.91
C ALA D 18 11.09 -30.15 -13.16
N LEU D 19 10.49 -28.96 -13.17
CA LEU D 19 10.55 -28.11 -14.35
C LEU D 19 11.97 -27.65 -14.63
N ASN D 20 12.73 -27.31 -13.59
CA ASN D 20 14.10 -26.85 -13.79
C ASN D 20 14.98 -27.95 -14.37
N ILE D 21 14.86 -29.16 -13.83
CA ILE D 21 15.62 -30.30 -14.37
C ILE D 21 15.20 -30.58 -15.80
N ALA D 22 13.90 -30.48 -16.09
CA ALA D 22 13.43 -30.69 -17.45
C ALA D 22 14.03 -29.66 -18.40
N LEU D 23 14.04 -28.40 -18.00
CA LEU D 23 14.61 -27.35 -18.85
C LEU D 23 16.10 -27.55 -19.06
N VAL D 24 16.83 -27.93 -18.01
CA VAL D 24 18.25 -28.18 -18.15
C VAL D 24 18.52 -29.33 -19.10
N ALA D 25 17.75 -30.42 -18.97
CA ALA D 25 17.91 -31.57 -19.85
C ALA D 25 17.59 -31.20 -21.29
N VAL D 26 16.51 -30.45 -21.52
CA VAL D 26 16.15 -30.05 -22.86
C VAL D 26 17.24 -29.16 -23.46
N SER D 27 17.77 -28.23 -22.67
CA SER D 27 18.83 -27.34 -23.17
C SER D 27 20.06 -28.14 -23.56
N LEU D 28 20.48 -29.07 -22.69
CA LEU D 28 21.67 -29.87 -22.99
C LEU D 28 21.47 -30.75 -24.22
N ILE D 29 20.30 -31.38 -24.32
CA ILE D 29 20.03 -32.22 -25.49
C ILE D 29 19.99 -31.38 -26.76
N ALA D 30 19.37 -30.20 -26.70
CA ALA D 30 19.30 -29.33 -27.87
C ALA D 30 20.68 -28.89 -28.31
N VAL D 31 21.55 -28.50 -27.36
CA VAL D 31 22.90 -28.08 -27.73
C VAL D 31 23.68 -29.24 -28.32
N ILE D 32 23.58 -30.42 -27.71
CA ILE D 32 24.33 -31.57 -28.21
C ILE D 32 23.87 -31.95 -29.61
N ALA D 33 22.55 -31.99 -29.83
CA ALA D 33 22.02 -32.36 -31.12
C ALA D 33 22.31 -31.30 -32.18
N GLY D 34 22.33 -30.02 -31.80
CA GLY D 34 22.72 -28.98 -32.73
C GLY D 34 24.18 -29.08 -33.13
N ILE D 35 25.04 -29.41 -32.17
CA ILE D 35 26.45 -29.64 -32.49
C ILE D 35 26.60 -30.82 -33.44
N ILE D 36 25.84 -31.90 -33.19
CA ILE D 36 25.88 -33.06 -34.08
C ILE D 36 25.42 -32.68 -35.48
N ASN D 37 24.33 -31.91 -35.58
CA ASN D 37 23.82 -31.51 -36.88
C ASN D 37 24.82 -30.63 -37.63
N LEU D 38 25.46 -29.68 -36.92
CA LEU D 38 26.46 -28.86 -37.56
C LEU D 38 27.64 -29.69 -38.04
N TYR D 39 28.05 -30.67 -37.24
CA TYR D 39 29.10 -31.59 -37.67
C TYR D 39 28.65 -32.40 -38.88
N LYS D 40 27.40 -32.86 -38.89
CA LYS D 40 26.90 -33.68 -39.98
C LYS D 40 26.61 -32.85 -41.22
N SER D 41 26.10 -31.62 -41.05
CA SER D 41 25.78 -30.78 -42.20
C SER D 41 27.05 -30.35 -42.93
N GLY D 42 28.07 -29.94 -42.19
CA GLY D 42 29.33 -29.57 -42.81
C GLY D 42 29.90 -28.23 -42.40
N LEU D 43 29.34 -27.63 -41.35
CA LEU D 43 29.88 -26.35 -40.86
C LEU D 43 31.30 -26.51 -40.36
N PHE D 44 31.58 -27.58 -39.60
CA PHE D 44 32.95 -27.82 -39.15
C PHE D 44 33.87 -28.09 -40.33
N GLN D 45 33.40 -28.86 -41.32
CA GLN D 45 34.21 -29.10 -42.50
C GLN D 45 34.46 -27.80 -43.27
N PHE D 46 33.45 -26.94 -43.37
CA PHE D 46 33.63 -25.67 -44.06
C PHE D 46 34.63 -24.79 -43.33
N ILE D 47 34.57 -24.75 -42.00
CA ILE D 47 35.52 -23.97 -41.22
C ILE D 47 36.93 -24.51 -41.40
N PHE D 48 37.08 -25.84 -41.38
CA PHE D 48 38.39 -26.45 -41.57
C PHE D 48 38.94 -26.14 -42.96
N PHE D 49 38.09 -26.18 -43.98
CA PHE D 49 38.52 -25.82 -45.33
C PHE D 49 38.94 -24.36 -45.41
N LEU D 50 38.18 -23.46 -44.77
CA LEU D 50 38.52 -22.05 -44.79
C LEU D 50 39.84 -21.78 -44.09
N LEU D 51 40.09 -22.46 -42.96
CA LEU D 51 41.32 -22.21 -42.21
C LEU D 51 42.54 -22.80 -42.92
N LEU D 52 42.34 -23.81 -43.76
CA LEU D 52 43.44 -24.49 -44.45
C LEU D 52 43.16 -24.57 -45.95
N ALA D 53 42.76 -23.44 -46.53
CA ALA D 53 42.44 -23.38 -47.96
C ALA D 53 43.74 -23.34 -48.76
N GLY D 54 43.98 -24.39 -49.54
CA GLY D 54 45.16 -24.42 -50.39
C GLY D 54 46.46 -24.56 -49.65
N ARG D 55 46.44 -25.12 -48.44
CA ARG D 55 47.64 -25.26 -47.63
C ARG D 55 47.91 -26.69 -47.18
N SER D 56 47.01 -27.63 -47.46
CA SER D 56 47.19 -29.01 -47.03
C SER D 56 46.37 -29.92 -47.95
N CYS D 57 46.68 -31.21 -47.89
CA CYS D 57 45.97 -32.21 -48.68
C CYS D 57 45.74 -33.48 -47.88
N GLY E 2 26.09 -15.38 16.01
CA GLY E 2 24.67 -15.09 15.96
C GLY E 2 24.06 -15.31 14.59
N THR E 3 24.90 -15.68 13.63
CA THR E 3 24.47 -15.95 12.26
C THR E 3 24.65 -17.43 11.96
N PHE E 4 23.59 -18.05 11.45
CA PHE E 4 23.61 -19.46 11.09
C PHE E 4 23.09 -19.62 9.67
N LYS E 5 23.58 -20.67 8.99
CA LYS E 5 23.14 -20.94 7.63
C LYS E 5 21.66 -21.28 7.60
N ILE E 6 20.94 -20.68 6.66
CA ILE E 6 19.50 -20.89 6.54
C ILE E 6 19.14 -21.65 5.27
N GLY E 7 19.93 -21.54 4.20
CA GLY E 7 19.71 -22.31 3.00
C GLY E 7 21.02 -22.82 2.44
N LEU E 8 21.26 -22.57 1.15
CA LEU E 8 22.55 -22.88 0.54
C LEU E 8 23.48 -21.68 0.60
N HIS E 9 23.06 -20.56 0.01
CA HIS E 9 23.82 -19.32 0.04
C HIS E 9 23.22 -18.27 0.94
N THR E 10 21.91 -18.28 1.15
CA THR E 10 21.28 -17.37 2.08
C THR E 10 21.71 -17.70 3.51
N GLU E 11 21.82 -16.66 4.33
CA GLU E 11 22.26 -16.80 5.71
C GLU E 11 21.42 -15.91 6.62
N PHE E 12 21.10 -16.43 7.79
CA PHE E 12 20.33 -15.67 8.79
C PHE E 12 21.25 -14.65 9.46
N GLN E 13 20.87 -13.38 9.39
CA GLN E 13 21.66 -12.30 9.96
C GLN E 13 20.76 -11.40 10.80
N SER E 14 21.35 -10.77 11.81
CA SER E 14 20.63 -9.90 12.72
C SER E 14 21.38 -8.59 12.91
N VAL E 15 20.64 -7.51 13.11
CA VAL E 15 21.21 -6.19 13.37
C VAL E 15 20.51 -5.60 14.58
N THR E 16 21.27 -4.95 15.45
CA THR E 16 20.76 -4.31 16.65
C THR E 16 20.98 -2.81 16.57
N LEU E 17 19.90 -2.05 16.73
CA LEU E 17 19.93 -0.60 16.65
C LEU E 17 19.85 0.01 18.04
N THR E 18 20.25 1.29 18.15
CA THR E 18 20.17 1.98 19.46
C THR E 18 19.67 3.40 19.26
N MET E 19 18.88 3.91 20.21
CA MET E 19 18.38 5.30 20.12
C MET E 19 18.70 6.04 21.44
N GLN E 20 19.29 5.35 22.40
CA GLN E 20 19.60 5.97 23.72
C GLN E 20 20.51 7.18 23.49
N ARG E 21 21.44 7.08 22.54
CA ARG E 21 22.33 8.22 22.22
C ARG E 21 21.47 9.42 21.78
N LEU E 22 20.45 9.17 20.94
CA LEU E 22 19.55 10.26 20.49
C LEU E 22 18.77 10.81 21.69
N LEU E 23 18.34 9.93 22.60
CA LEU E 23 17.62 10.37 23.82
C LEU E 23 18.54 11.35 24.58
N ALA E 24 19.84 11.05 24.65
CA ALA E 24 20.80 11.95 25.34
C ALA E 24 21.20 13.09 24.41
N ASN E 25 21.25 12.85 23.10
CA ASN E 25 21.68 13.90 22.14
C ASN E 25 20.81 15.14 22.34
N HIS E 26 19.49 14.96 22.34
CA HIS E 26 18.56 16.10 22.60
C HIS E 26 17.87 15.83 23.93
N SER E 27 18.65 15.71 25.02
CA SER E 27 18.05 15.36 26.28
C SER E 27 17.04 16.39 26.78
N ASN E 28 16.99 17.58 26.18
CA ASN E 28 16.06 18.62 26.59
C ASN E 28 14.75 18.47 25.84
N GLU E 29 13.68 18.94 26.48
CA GLU E 29 12.29 18.83 25.99
C GLU E 29 11.84 17.39 25.81
N LEU E 30 12.70 16.42 26.16
CA LEU E 30 12.30 15.02 26.14
C LEU E 30 13.19 14.22 27.09
N PRO E 31 12.63 13.66 28.15
CA PRO E 31 13.41 12.85 29.07
C PRO E 31 13.71 11.46 28.48
N SER E 32 14.54 10.72 29.19
CA SER E 32 14.85 9.33 28.86
C SER E 32 14.35 8.44 30.00
N LEU E 33 13.51 7.45 29.67
CA LEU E 33 12.91 6.59 30.72
C LEU E 33 13.56 5.20 30.71
N CYS E 34 13.98 4.70 31.87
CA CYS E 34 14.54 3.32 31.96
C CYS E 34 13.97 2.64 33.21
N MET E 35 13.53 1.39 33.09
CA MET E 35 12.93 0.66 34.24
C MET E 35 13.97 -0.31 34.81
N LEU E 36 14.29 -0.17 36.11
CA LEU E 36 15.28 -1.07 36.76
C LEU E 36 14.64 -2.46 36.98
N ASN E 37 13.46 -2.49 37.63
CA ASN E 37 12.74 -3.79 37.82
C ASN E 37 11.26 -3.52 38.06
N ASN E 38 10.55 -4.43 38.73
CA ASN E 38 9.11 -4.28 38.86
C ASN E 38 8.73 -3.04 39.66
N SER E 39 9.42 -2.79 40.77
CA SER E 39 9.04 -1.72 41.69
C SER E 39 9.86 -0.45 41.52
N PHE E 40 10.88 -0.45 40.65
CA PHE E 40 11.76 0.70 40.48
C PHE E 40 11.71 1.18 39.04
N TYR E 41 11.62 2.50 38.87
CA TYR E 41 11.64 3.13 37.56
C TYR E 41 12.45 4.41 37.66
N TYR E 42 12.98 4.86 36.52
CA TYR E 42 13.90 5.98 36.49
C TYR E 42 13.47 6.99 35.43
N MET E 43 13.91 8.23 35.62
CA MET E 43 13.63 9.31 34.69
C MET E 43 14.80 10.30 34.71
N ARG E 44 15.33 10.62 33.53
CA ARG E 44 16.45 11.54 33.40
C ARG E 44 16.01 12.70 32.50
N GLY E 45 15.97 13.91 33.07
CA GLY E 45 15.66 15.09 32.29
C GLY E 45 16.80 16.10 32.31
N GLY E 46 17.42 16.33 31.15
CA GLY E 46 18.55 17.23 31.08
C GLY E 46 19.75 16.71 31.83
N VAL E 47 20.06 17.33 32.96
CA VAL E 47 21.18 16.92 33.82
C VAL E 47 20.70 16.43 35.18
N ASN E 48 19.38 16.33 35.37
CA ASN E 48 18.80 15.90 36.63
C ASN E 48 18.05 14.60 36.43
N THR E 49 18.28 13.64 37.33
CA THR E 49 17.68 12.32 37.25
C THR E 49 16.78 12.10 38.47
N PHE E 50 15.61 11.52 38.24
CA PHE E 50 14.65 11.25 39.29
C PHE E 50 14.37 9.75 39.38
N LEU E 51 13.86 9.33 40.53
CA LEU E 51 13.51 7.94 40.79
C LEU E 51 12.01 7.82 40.97
N ILE E 52 11.41 6.85 40.30
CA ILE E 52 9.99 6.56 40.42
C ILE E 52 9.85 5.23 41.14
N ARG E 53 9.18 5.25 42.28
CA ARG E 53 9.02 4.07 43.14
C ARG E 53 7.53 3.79 43.31
N VAL E 54 7.15 2.53 43.10
CA VAL E 54 5.80 2.06 43.36
C VAL E 54 5.86 0.93 44.36
N SER E 55 5.09 1.05 45.44
CA SER E 55 5.11 0.08 46.55
C SER E 55 3.97 0.44 47.49
N ASP E 56 3.83 -0.35 48.55
CA ASP E 56 2.78 -0.16 49.53
C ASP E 56 3.18 0.73 50.69
N ILE E 57 4.45 1.11 50.79
CA ILE E 57 4.91 1.93 51.91
C ILE E 57 4.48 3.38 51.71
N SER E 58 4.41 4.12 52.81
CA SER E 58 4.01 5.53 52.78
C SER E 58 4.77 6.24 53.88
N VAL E 59 5.90 6.86 53.52
CA VAL E 59 6.68 7.63 54.49
C VAL E 59 6.11 9.03 54.69
N LEU E 60 5.29 9.50 53.77
CA LEU E 60 4.76 10.86 53.80
C LEU E 60 3.26 10.82 54.10
N MET E 61 2.81 11.77 54.92
CA MET E 61 1.43 11.79 55.40
C MET E 61 0.74 13.07 54.96
N LYS E 62 -0.60 13.00 54.95
CA LYS E 62 -1.43 14.12 54.52
C LYS E 62 -1.77 15.11 55.62
N GLU E 63 -1.41 14.81 56.87
CA GLU E 63 -1.83 15.64 58.00
C GLU E 63 -0.94 16.86 58.19
N TYR E 64 0.36 16.65 58.40
CA TYR E 64 1.30 17.71 58.73
C TYR E 64 2.35 17.87 57.63
N ASP E 65 1.93 17.84 56.37
CA ASP E 65 2.86 17.96 55.26
C ASP E 65 2.18 18.69 54.11
N VAL E 66 3.01 19.24 53.23
CA VAL E 66 2.52 20.10 52.15
C VAL E 66 1.85 19.25 51.08
N SER E 67 0.71 19.72 50.58
CA SER E 67 0.00 19.10 49.48
C SER E 67 0.02 20.03 48.27
N ILE E 68 0.12 19.46 47.08
CA ILE E 68 0.35 20.20 45.85
C ILE E 68 -0.97 20.29 45.09
N TYR E 69 -1.43 21.53 44.84
CA TYR E 69 -2.59 21.78 44.00
C TYR E 69 -2.24 22.50 42.71
N GLU E 70 -1.59 23.66 42.82
CA GLU E 70 -1.32 24.47 41.64
C GLU E 70 -0.23 23.81 40.78
N PRO E 71 -0.39 23.83 39.45
CA PRO E 71 0.66 23.27 38.57
C PRO E 71 1.94 24.09 38.56
N GLU E 72 1.97 25.26 39.18
CA GLU E 72 3.15 26.12 39.14
C GLU E 72 4.00 26.02 40.41
N ASP E 73 3.38 25.80 41.57
CA ASP E 73 4.10 25.76 42.83
C ASP E 73 4.51 24.35 43.25
N LEU E 74 4.48 23.39 42.32
CA LEU E 74 4.81 22.01 42.63
C LEU E 74 6.31 21.78 42.76
N GLY E 75 7.11 22.83 42.84
CA GLY E 75 8.54 22.73 43.02
C GLY E 75 9.00 22.64 44.47
N ASN E 76 8.07 22.50 45.42
CA ASN E 76 8.45 22.42 46.82
C ASN E 76 9.33 21.21 47.08
N CYS E 77 8.99 20.06 46.49
CA CYS E 77 9.84 18.87 46.56
C CYS E 77 10.95 18.95 45.51
N LEU E 78 11.81 19.95 45.66
CA LEU E 78 12.99 20.06 44.80
C LEU E 78 14.02 20.89 45.57
N ASN E 79 15.00 20.21 46.18
CA ASN E 79 16.00 20.91 46.97
C ASN E 79 16.84 21.85 46.11
N LYS E 80 17.26 21.39 44.94
CA LYS E 80 17.96 22.23 43.96
C LYS E 80 16.93 22.71 42.96
N SER E 81 16.24 23.79 43.30
CA SER E 81 15.10 24.28 42.52
C SER E 81 15.56 25.04 41.28
N ASP E 82 16.41 24.38 40.50
CA ASP E 82 16.81 24.93 39.21
C ASP E 82 15.67 24.85 38.21
N SER E 83 15.03 23.68 38.12
CA SER E 83 13.92 23.47 37.20
C SER E 83 13.16 22.19 37.53
N SER E 84 11.84 22.30 37.71
CA SER E 84 10.97 21.14 37.89
C SER E 84 10.14 20.86 36.64
N TRP E 85 10.62 21.30 35.47
CA TRP E 85 9.90 21.10 34.23
C TRP E 85 9.76 19.62 33.91
N ALA E 86 10.80 18.83 34.21
CA ALA E 86 10.73 17.39 33.98
C ALA E 86 9.62 16.75 34.81
N ILE E 87 9.53 17.12 36.09
CA ILE E 87 8.49 16.57 36.95
C ILE E 87 7.11 17.00 36.48
N HIS E 88 6.97 18.28 36.11
CA HIS E 88 5.68 18.77 35.63
C HIS E 88 5.25 18.05 34.35
N TRP E 89 6.18 17.86 33.42
CA TRP E 89 5.85 17.24 32.15
C TRP E 89 5.55 15.76 32.32
N PHE E 90 6.28 15.09 33.22
CA PHE E 90 5.93 13.71 33.57
C PHE E 90 4.53 13.63 34.19
N SER E 91 4.21 14.57 35.07
CA SER E 91 2.92 14.55 35.75
C SER E 91 1.77 14.75 34.77
N ASN E 92 1.91 15.70 33.84
CA ASN E 92 0.82 15.93 32.91
C ASN E 92 0.90 15.04 31.67
N ALA E 93 1.94 14.22 31.55
CA ALA E 93 1.96 13.18 30.53
C ALA E 93 1.46 11.84 31.05
N LEU E 94 1.47 11.62 32.37
CA LEU E 94 0.85 10.43 32.94
C LEU E 94 -0.66 10.44 32.81
N GLY E 95 -1.26 11.56 32.43
CA GLY E 95 -2.70 11.71 32.38
C GLY E 95 -3.30 12.48 33.54
N HIS E 96 -2.49 12.81 34.55
CA HIS E 96 -2.99 13.58 35.68
C HIS E 96 -3.38 14.99 35.25
N ASP E 97 -4.46 15.50 35.84
CA ASP E 97 -5.00 16.81 35.51
C ASP E 97 -4.89 17.72 36.73
N TRP E 98 -5.14 19.02 36.49
CA TRP E 98 -5.08 20.02 37.53
C TRP E 98 -6.43 20.64 37.88
N LEU E 99 -7.36 20.69 36.92
CA LEU E 99 -8.62 21.41 37.13
C LEU E 99 -9.52 20.67 38.11
N MET E 100 -9.71 19.36 37.93
CA MET E 100 -10.65 18.62 38.75
C MET E 100 -10.10 17.26 39.18
N ASP E 101 -8.78 17.13 39.24
CA ASP E 101 -8.19 15.84 39.59
C ASP E 101 -7.65 15.87 41.02
N PRO E 102 -7.74 14.75 41.74
CA PRO E 102 -7.23 14.71 43.13
C PRO E 102 -5.75 15.05 43.18
N PRO E 103 -5.32 15.75 44.24
CA PRO E 103 -3.94 16.22 44.33
C PRO E 103 -3.01 15.12 44.85
N MET E 104 -1.73 15.45 44.91
CA MET E 104 -0.70 14.54 45.38
C MET E 104 0.09 15.19 46.51
N LEU E 105 0.77 14.34 47.29
CA LEU E 105 1.53 14.79 48.43
C LEU E 105 2.90 15.32 48.01
N CYS E 106 3.55 16.02 48.93
CA CYS E 106 4.90 16.51 48.73
C CYS E 106 5.51 16.79 50.10
N ARG E 107 6.83 16.99 50.12
CA ARG E 107 7.58 17.18 51.35
C ARG E 107 8.36 18.49 51.29
N ASN E 108 8.56 19.08 52.46
CA ASN E 108 9.33 20.33 52.55
C ASN E 108 10.77 20.11 52.10
N LYS E 109 11.30 21.10 51.38
CA LYS E 109 12.69 21.02 50.93
C LYS E 109 13.68 21.25 52.07
N THR E 110 13.23 21.82 53.18
CA THR E 110 14.13 22.00 54.33
C THR E 110 14.57 20.67 54.91
N LYS E 111 13.66 19.69 54.97
CA LYS E 111 14.00 18.37 55.49
C LYS E 111 15.04 17.70 54.60
N LYS E 112 15.90 16.91 55.24
CA LYS E 112 16.98 16.22 54.52
C LYS E 112 16.47 15.13 53.60
N GLU E 113 15.21 14.70 53.74
CA GLU E 113 14.68 13.62 52.91
C GLU E 113 14.56 14.02 51.44
N GLY E 114 14.54 15.32 51.14
CA GLY E 114 14.45 15.74 49.76
C GLY E 114 13.06 15.56 49.18
N SER E 115 13.03 15.42 47.86
CA SER E 115 11.76 15.25 47.15
C SER E 115 11.14 13.90 47.49
N ASN E 116 9.87 13.92 47.86
CA ASN E 116 9.13 12.71 48.18
C ASN E 116 7.71 12.80 47.60
N ILE E 117 7.62 13.21 46.34
CA ILE E 117 6.34 13.28 45.64
C ILE E 117 5.64 11.92 45.71
N GLN E 118 4.45 11.90 46.30
CA GLN E 118 3.72 10.67 46.53
C GLN E 118 2.34 10.74 45.89
N PHE E 119 1.94 9.64 45.27
CA PHE E 119 0.62 9.50 44.66
C PHE E 119 -0.11 8.34 45.33
N ASN E 120 -1.44 8.48 45.43
CA ASN E 120 -2.29 7.46 46.03
C ASN E 120 -3.00 6.73 44.90
N ILE E 121 -2.61 5.47 44.67
CA ILE E 121 -3.14 4.68 43.56
C ILE E 121 -3.76 3.37 44.05
N SER E 122 -4.18 3.33 45.31
CA SER E 122 -4.74 2.11 45.89
C SER E 122 -6.09 1.78 45.23
N LYS E 123 -6.35 0.48 45.10
CA LYS E 123 -7.65 0.01 44.60
C LYS E 123 -8.62 -0.05 45.77
N ALA E 124 -9.28 1.07 46.05
CA ALA E 124 -10.23 1.15 47.15
C ALA E 124 -11.20 2.29 46.86
N ASP E 125 -12.02 2.62 47.85
CA ASP E 125 -13.02 3.68 47.68
C ASP E 125 -12.33 5.03 47.49
N ASP E 126 -12.90 5.84 46.59
CA ASP E 126 -12.42 7.19 46.27
C ASP E 126 -10.98 7.18 45.74
N ALA E 127 -10.51 6.03 45.26
CA ALA E 127 -9.16 5.93 44.72
C ALA E 127 -9.07 5.07 43.47
N ARG E 128 -10.18 4.57 42.94
CA ARG E 128 -10.18 3.77 41.72
C ARG E 128 -10.37 4.60 40.46
N VAL E 129 -10.48 5.92 40.59
CA VAL E 129 -10.61 6.81 39.44
C VAL E 129 -9.27 7.40 39.04
N TYR E 130 -8.44 7.76 40.01
CA TYR E 130 -7.14 8.35 39.75
C TYR E 130 -6.02 7.33 39.68
N GLY E 131 -6.07 6.31 40.54
CA GLY E 131 -5.02 5.32 40.55
C GLY E 131 -4.95 4.51 39.27
N LYS E 132 -6.12 4.10 38.76
CA LYS E 132 -6.15 3.37 37.49
C LYS E 132 -5.61 4.21 36.36
N LYS E 133 -5.96 5.50 36.32
CA LYS E 133 -5.45 6.39 35.28
C LYS E 133 -3.93 6.54 35.37
N ILE E 134 -3.41 6.70 36.59
CA ILE E 134 -1.96 6.83 36.76
C ILE E 134 -1.25 5.55 36.34
N ARG E 135 -1.82 4.40 36.69
CA ARG E 135 -1.19 3.14 36.31
C ARG E 135 -1.25 2.92 34.81
N ASN E 136 -2.35 3.33 34.16
CA ASN E 136 -2.41 3.28 32.71
C ASN E 136 -1.35 4.19 32.09
N GLY E 137 -1.16 5.37 32.68
CA GLY E 137 -0.11 6.25 32.21
C GLY E 137 1.27 5.61 32.30
N MET E 138 1.57 4.98 33.43
CA MET E 138 2.86 4.32 33.57
C MET E 138 2.99 3.12 32.66
N ARG E 139 1.88 2.42 32.37
CA ARG E 139 1.92 1.36 31.37
C ARG E 139 2.29 1.93 30.00
N HIS E 140 1.70 3.07 29.64
CA HIS E 140 1.96 3.62 28.31
C HIS E 140 3.37 4.19 28.20
N LEU E 141 3.83 4.89 29.22
CA LEU E 141 5.20 5.42 29.21
C LEU E 141 6.22 4.31 29.36
N PHE E 142 6.20 3.60 30.50
CA PHE E 142 7.18 2.56 30.76
C PHE E 142 6.71 1.24 30.15
N ARG E 143 7.59 0.63 29.36
CA ARG E 143 7.21 -0.52 28.54
C ARG E 143 6.76 -1.69 29.42
N GLY E 144 7.68 -2.23 30.21
CA GLY E 144 7.38 -3.42 31.00
C GLY E 144 6.81 -3.15 32.36
N PHE E 145 5.84 -2.23 32.45
CA PHE E 145 5.24 -1.92 33.74
C PHE E 145 4.42 -3.09 34.25
N HIS E 146 4.50 -3.33 35.55
CA HIS E 146 3.75 -4.40 36.20
C HIS E 146 3.15 -3.87 37.49
N ASP E 147 1.92 -4.27 37.78
CA ASP E 147 1.25 -3.82 38.99
C ASP E 147 1.76 -4.58 40.20
N PRO E 148 2.34 -3.91 41.20
CA PRO E 148 2.75 -4.59 42.44
C PRO E 148 1.74 -4.50 43.57
N CYS E 149 0.62 -3.82 43.37
CA CYS E 149 -0.38 -3.63 44.41
C CYS E 149 -1.36 -4.78 44.42
N GLU E 150 -2.13 -4.87 45.51
CA GLU E 150 -3.12 -5.92 45.68
C GLU E 150 -4.52 -5.31 45.73
N GLU E 151 -5.48 -6.02 45.12
CA GLU E 151 -6.86 -5.53 45.08
C GLU E 151 -7.45 -5.49 46.48
N GLY E 152 -8.14 -4.40 46.80
CA GLY E 152 -8.75 -4.24 48.09
C GLY E 152 -7.80 -3.90 49.22
N LYS E 153 -6.54 -3.62 48.91
CA LYS E 153 -5.52 -3.31 49.91
C LYS E 153 -4.99 -1.89 49.68
N VAL E 154 -3.95 -1.54 50.42
CA VAL E 154 -3.36 -0.20 50.36
C VAL E 154 -2.07 -0.26 49.57
N CYS E 155 -1.89 0.72 48.68
CA CYS E 155 -0.70 0.80 47.84
C CYS E 155 -0.53 2.23 47.36
N TYR E 156 0.71 2.68 47.24
CA TYR E 156 1.01 4.07 46.91
C TYR E 156 2.02 4.14 45.77
N LEU E 157 2.40 5.37 45.42
CA LEU E 157 3.41 5.65 44.42
C LEU E 157 4.33 6.73 44.97
N THR E 158 5.61 6.66 44.59
CA THR E 158 6.60 7.59 45.12
C THR E 158 7.53 8.05 44.01
N ILE E 159 7.82 9.36 43.99
CA ILE E 159 8.79 9.95 43.09
C ILE E 159 9.81 10.72 43.92
N ASN E 160 11.08 10.39 43.72
CA ASN E 160 12.17 11.01 44.49
C ASN E 160 13.32 11.36 43.56
N GLN E 161 13.81 12.60 43.67
CA GLN E 161 15.01 12.99 42.94
C GLN E 161 16.20 12.15 43.38
N CYS E 162 17.01 11.72 42.41
CA CYS E 162 18.18 10.92 42.71
C CYS E 162 19.22 11.74 43.47
N GLY E 163 19.96 11.04 44.33
CA GLY E 163 20.92 11.65 45.20
C GLY E 163 20.40 12.00 46.58
N ASP E 164 19.07 12.15 46.71
CA ASP E 164 18.47 12.41 48.00
C ASP E 164 18.45 11.12 48.84
N PRO E 165 18.37 11.26 50.17
CA PRO E 165 18.22 10.07 51.01
C PRO E 165 16.99 9.23 50.68
N SER E 166 15.91 9.88 50.23
CA SER E 166 14.72 9.15 49.80
C SER E 166 15.01 8.23 48.62
N SER E 167 15.96 8.59 47.76
CA SER E 167 16.40 7.72 46.69
C SER E 167 17.47 6.72 47.12
N PHE E 168 18.04 6.90 48.32
CA PHE E 168 19.05 6.00 48.88
C PHE E 168 20.29 5.95 48.01
N ASP E 169 21.10 4.90 48.19
CA ASP E 169 22.32 4.75 47.42
C ASP E 169 22.08 4.18 46.02
N TYR E 170 20.83 3.84 45.70
CA TYR E 170 20.53 3.27 44.39
C TYR E 170 20.91 4.22 43.26
N CYS E 171 20.63 5.51 43.43
CA CYS E 171 20.96 6.49 42.42
C CYS E 171 22.45 6.84 42.48
N GLY E 172 22.84 7.85 41.72
CA GLY E 172 24.24 8.19 41.59
C GLY E 172 24.83 7.62 40.31
N VAL E 173 25.96 6.95 40.46
CA VAL E 173 26.62 6.28 39.33
C VAL E 173 26.37 4.78 39.44
N ASN E 174 25.23 4.42 40.05
CA ASN E 174 24.90 2.99 40.25
C ASN E 174 23.75 2.55 39.34
N HIS E 175 22.50 2.65 39.79
CA HIS E 175 21.34 2.14 39.01
C HIS E 175 21.16 2.88 37.68
N LEU E 176 21.10 4.21 37.69
CA LEU E 176 20.82 4.93 36.42
C LEU E 176 21.93 4.60 35.41
N SER E 177 23.16 4.42 35.89
CA SER E 177 24.30 4.06 35.00
C SER E 177 24.07 2.67 34.40
N LYS E 178 23.60 1.72 35.21
CA LYS E 178 23.41 0.31 34.73
C LYS E 178 22.05 0.18 34.02
N CYS E 179 21.18 1.19 34.13
CA CYS E 179 19.85 1.15 33.48
C CYS E 179 20.00 1.54 32.00
N GLN E 180 19.20 0.91 31.12
CA GLN E 180 19.28 1.22 29.66
C GLN E 180 17.99 1.95 29.25
N PHE E 181 18.14 3.18 28.75
CA PHE E 181 16.96 3.98 28.31
C PHE E 181 16.26 3.27 27.16
N ASP E 182 14.93 3.14 27.25
CA ASP E 182 14.15 2.45 26.19
C ASP E 182 13.55 3.51 25.27
N HIS E 183 13.86 3.46 23.97
CA HIS E 183 13.37 4.46 23.04
C HIS E 183 11.89 4.32 22.72
N VAL E 184 11.31 3.14 22.96
CA VAL E 184 9.87 3.00 22.80
C VAL E 184 9.14 3.84 23.83
N ASN E 185 9.71 3.98 25.03
CA ASN E 185 9.12 4.86 26.04
C ASN E 185 9.06 6.29 25.54
N THR E 186 10.14 6.78 24.94
CA THR E 186 10.15 8.13 24.40
C THR E 186 9.19 8.27 23.21
N LEU E 187 9.15 7.25 22.35
CA LEU E 187 8.25 7.30 21.19
C LEU E 187 6.80 7.38 21.62
N HIS E 188 6.42 6.55 22.59
CA HIS E 188 5.08 6.66 23.18
C HIS E 188 4.91 7.94 23.97
N PHE E 189 6.00 8.56 24.37
CA PHE E 189 5.98 9.71 25.28
C PHE E 189 5.85 11.04 24.54
N LEU E 190 6.20 11.09 23.26
CA LEU E 190 6.16 12.31 22.47
C LEU E 190 4.96 12.38 21.54
N VAL E 191 4.14 11.33 21.47
CA VAL E 191 3.01 11.28 20.56
C VAL E 191 1.74 11.68 21.31
N ARG E 192 0.95 12.57 20.72
CA ARG E 192 -0.31 13.03 21.29
C ARG E 192 -1.40 12.84 20.25
N SER E 193 -2.01 11.65 20.24
CA SER E 193 -3.06 11.32 19.30
C SER E 193 -4.38 10.97 19.96
N LYS E 194 -4.44 10.89 21.28
CA LYS E 194 -5.66 10.63 22.04
C LYS E 194 -6.15 9.20 21.82
N THR E 195 -5.48 8.46 20.95
CA THR E 195 -5.80 7.06 20.70
C THR E 195 -5.01 6.11 21.58
N HIS E 196 -4.20 6.63 22.50
CA HIS E 196 -3.35 5.81 23.34
C HIS E 196 -4.07 5.47 24.64
N LEU E 197 -3.34 4.89 25.59
CA LEU E 197 -3.94 4.51 26.87
C LEU E 197 -4.33 5.72 27.69
N ASN E 198 -3.66 6.85 27.48
CA ASN E 198 -3.96 8.07 28.23
C ASN E 198 -5.26 8.71 27.74
N GLY F 18 23.88 0.82 -0.49
CA GLY F 18 22.72 1.70 -0.44
C GLY F 18 22.64 2.51 0.83
N TYR F 19 21.53 2.39 1.55
CA TYR F 19 21.37 3.10 2.80
C TYR F 19 22.35 2.55 3.83
N CYS F 20 23.04 3.46 4.53
CA CYS F 20 24.10 3.09 5.46
C CYS F 20 23.81 3.68 6.82
N LEU F 21 24.18 2.93 7.87
CA LEU F 21 24.02 3.35 9.25
C LEU F 21 25.39 3.44 9.90
N GLU F 22 25.73 4.63 10.40
CA GLU F 22 27.02 4.83 11.04
C GLU F 22 27.09 4.07 12.37
N GLU F 23 28.29 4.07 12.95
CA GLU F 23 28.58 3.21 14.09
C GLU F 23 27.79 3.61 15.34
N TRP F 24 27.47 4.89 15.49
CA TRP F 24 26.82 5.34 16.73
C TRP F 24 25.36 4.91 16.80
N MET F 25 24.81 4.33 15.75
CA MET F 25 23.43 3.86 15.72
C MET F 25 23.31 2.36 15.90
N LEU F 26 24.42 1.65 16.13
CA LEU F 26 24.42 0.21 16.30
C LEU F 26 25.08 -0.15 17.63
N ILE F 27 24.77 -1.36 18.11
CA ILE F 27 25.31 -1.88 19.36
C ILE F 27 26.28 -3.00 19.03
N ALA F 28 27.52 -2.87 19.52
CA ALA F 28 28.56 -3.89 19.34
C ALA F 28 28.78 -4.20 17.86
N ALA F 29 28.77 -3.17 17.03
CA ALA F 29 28.96 -3.34 15.60
C ALA F 29 29.50 -2.03 15.03
N LYS F 30 30.03 -2.14 13.80
CA LYS F 30 30.55 -0.99 13.08
C LYS F 30 29.52 -0.53 12.04
N MET F 31 29.90 0.43 11.22
CA MET F 31 29.01 0.93 10.18
C MET F 31 28.71 -0.16 9.17
N LYS F 32 27.43 -0.32 8.84
CA LYS F 32 26.99 -1.29 7.85
C LYS F 32 25.97 -0.64 6.93
N CYS F 33 25.88 -1.18 5.71
CA CYS F 33 25.04 -0.61 4.68
C CYS F 33 24.00 -1.64 4.22
N PHE F 34 22.78 -1.17 4.00
CA PHE F 34 21.68 -2.00 3.52
C PHE F 34 21.37 -1.65 2.07
N GLY F 35 20.90 -2.65 1.33
CA GLY F 35 20.60 -2.45 -0.07
C GLY F 35 19.45 -1.49 -0.29
N ASN F 36 19.51 -0.77 -1.41
CA ASN F 36 18.46 0.19 -1.72
C ASN F 36 17.11 -0.50 -1.94
N THR F 37 17.12 -1.64 -2.62
CA THR F 37 15.87 -2.35 -2.92
C THR F 37 15.16 -2.78 -1.64
N ALA F 38 15.92 -3.29 -0.66
CA ALA F 38 15.33 -3.65 0.62
C ALA F 38 14.79 -2.41 1.34
N VAL F 39 15.57 -1.32 1.32
CA VAL F 39 15.10 -0.09 1.94
C VAL F 39 13.94 0.52 1.16
N ALA F 40 13.91 0.31 -0.16
CA ALA F 40 12.83 0.85 -0.98
C ALA F 40 11.47 0.27 -0.58
N LYS F 41 11.45 -0.87 0.12
CA LYS F 41 10.21 -1.42 0.62
C LYS F 41 9.58 -0.55 1.70
N CYS F 42 10.33 0.38 2.28
CA CYS F 42 9.82 1.27 3.31
C CYS F 42 9.12 2.50 2.74
N ASN F 43 9.10 2.66 1.42
CA ASN F 43 8.47 3.84 0.82
C ASN F 43 6.98 3.91 1.14
N GLN F 44 6.28 2.77 1.04
CA GLN F 44 4.85 2.70 1.32
C GLN F 44 4.56 1.84 2.54
N ASN F 45 5.57 1.33 3.22
CA ASN F 45 5.37 0.48 4.38
C ASN F 45 5.11 1.32 5.62
N HIS F 46 4.03 0.98 6.32
CA HIS F 46 3.71 1.60 7.61
C HIS F 46 3.41 0.59 8.70
N ASP F 47 3.61 -0.70 8.46
CA ASP F 47 3.48 -1.74 9.48
C ASP F 47 4.82 -2.40 9.76
N SER F 48 5.90 -1.65 9.59
CA SER F 48 7.25 -2.17 9.79
C SER F 48 7.98 -1.27 10.78
N GLU F 49 8.55 -1.89 11.82
CA GLU F 49 9.27 -1.13 12.85
C GLU F 49 10.65 -0.70 12.38
N PHE F 50 11.32 -1.52 11.58
CA PHE F 50 12.63 -1.16 11.06
C PHE F 50 12.56 0.08 10.17
N CYS F 51 11.49 0.18 9.37
CA CYS F 51 11.29 1.37 8.55
C CYS F 51 11.11 2.60 9.42
N ASP F 52 10.36 2.47 10.52
CA ASP F 52 10.19 3.60 11.44
C ASP F 52 11.52 4.01 12.07
N MET F 53 12.34 3.04 12.46
CA MET F 53 13.65 3.36 13.04
C MET F 53 14.54 4.04 12.00
N LEU F 54 14.52 3.56 10.76
CA LEU F 54 15.28 4.22 9.70
C LEU F 54 14.80 5.64 9.47
N ARG F 55 13.49 5.86 9.52
CA ARG F 55 12.95 7.20 9.35
C ARG F 55 13.40 8.12 10.48
N LEU F 56 13.41 7.62 11.72
CA LEU F 56 13.91 8.40 12.84
C LEU F 56 15.39 8.74 12.65
N PHE F 57 16.19 7.76 12.23
CA PHE F 57 17.61 8.01 12.03
C PHE F 57 17.84 9.04 10.93
N ASP F 58 17.10 8.92 9.82
CA ASP F 58 17.24 9.89 8.72
C ASP F 58 16.82 11.28 9.15
N TYR F 59 15.73 11.39 9.93
CA TYR F 59 15.31 12.69 10.42
C TYR F 59 16.37 13.29 11.35
N ASN F 60 16.97 12.47 12.21
CA ASN F 60 18.05 12.98 13.07
C ASN F 60 19.22 13.47 12.23
N LYS F 61 19.62 12.70 11.23
CA LYS F 61 20.75 13.09 10.38
C LYS F 61 20.45 14.39 9.66
N ASN F 62 19.23 14.55 9.15
CA ASN F 62 18.87 15.78 8.45
C ASN F 62 18.81 16.96 9.41
N ALA F 63 18.26 16.77 10.61
CA ALA F 63 18.13 17.87 11.56
C ALA F 63 19.49 18.34 12.05
N ILE F 64 20.39 17.41 12.36
CA ILE F 64 21.73 17.80 12.82
C ILE F 64 22.49 18.51 11.70
N LYS F 65 22.32 18.04 10.46
CA LYS F 65 23.06 18.63 9.35
C LYS F 65 22.67 20.09 9.10
N THR F 66 21.38 20.39 9.15
CA THR F 66 20.89 21.72 8.77
C THR F 66 20.26 22.47 9.95
N LEU F 67 19.29 21.88 10.62
CA LEU F 67 18.53 22.63 11.62
C LEU F 67 19.33 22.89 12.88
N ASN F 68 20.25 21.99 13.24
CA ASN F 68 21.01 22.14 14.48
C ASN F 68 22.00 23.30 14.42
N ASP F 69 22.45 23.67 13.21
CA ASP F 69 23.47 24.70 13.09
C ASP F 69 22.98 26.04 13.62
N GLU F 70 21.73 26.41 13.29
CA GLU F 70 21.20 27.69 13.73
C GLU F 70 20.64 27.57 15.14
N ALA F 71 20.82 28.64 15.92
CA ALA F 71 20.41 28.68 17.33
C ALA F 71 18.93 28.99 17.51
N LYS F 72 18.12 28.85 16.46
CA LYS F 72 16.69 29.12 16.53
C LYS F 72 15.88 27.90 16.97
N LYS F 73 16.51 26.96 17.68
CA LYS F 73 15.86 25.70 18.06
C LYS F 73 14.89 25.92 19.22
N GLU F 74 13.92 26.80 18.99
CA GLU F 74 12.79 27.01 19.88
C GLU F 74 11.52 26.37 19.35
N ILE F 75 11.64 25.53 18.34
CA ILE F 75 10.52 24.90 17.65
C ILE F 75 10.76 23.40 17.59
N ASN F 76 9.76 22.62 18.00
CA ASN F 76 9.94 21.19 18.26
C ASN F 76 9.57 20.35 17.03
N LEU F 77 10.29 20.57 15.94
CA LEU F 77 10.11 19.74 14.76
C LEU F 77 10.49 18.29 15.03
N LEU F 78 11.37 18.04 16.00
CA LEU F 78 11.69 16.66 16.36
C LEU F 78 10.44 15.93 16.83
N SER F 79 9.70 16.52 17.78
CA SER F 79 8.45 15.92 18.22
C SER F 79 7.42 15.90 17.10
N GLN F 80 7.32 16.99 16.33
CA GLN F 80 6.33 17.06 15.26
C GLN F 80 6.62 16.06 14.15
N ALA F 81 7.83 15.50 14.11
CA ALA F 81 8.13 14.39 13.22
C ALA F 81 7.91 13.04 13.89
N VAL F 82 8.24 12.94 15.19
CA VAL F 82 8.01 11.69 15.91
C VAL F 82 6.54 11.30 15.87
N ASN F 83 5.65 12.28 16.01
CA ASN F 83 4.24 11.94 15.90
C ASN F 83 3.73 11.89 14.47
N ALA F 84 4.60 12.16 13.48
CA ALA F 84 4.20 12.17 12.07
C ALA F 84 4.81 11.02 11.28
N LEU F 85 6.14 10.89 11.29
CA LEU F 85 6.80 9.86 10.49
C LEU F 85 6.86 8.51 11.20
N ILE F 86 6.31 8.40 12.41
CA ILE F 86 6.20 7.12 13.12
C ILE F 86 4.73 6.76 13.19
N SER F 87 4.41 5.56 12.71
CA SER F 87 3.03 5.08 12.75
C SER F 87 2.65 4.71 14.18
N ASP F 88 1.83 5.55 14.81
CA ASP F 88 1.40 5.28 16.17
C ASP F 88 0.54 4.03 16.27
N ASN F 89 -0.09 3.62 15.17
CA ASN F 89 -0.87 2.39 15.18
C ASN F 89 0.01 1.17 15.45
N LEU F 90 1.21 1.14 14.85
CA LEU F 90 2.14 0.05 15.12
C LEU F 90 2.61 0.06 16.56
N LEU F 91 2.91 1.24 17.10
CA LEU F 91 3.31 1.32 18.51
C LEU F 91 2.21 0.82 19.43
N MET F 92 0.97 1.22 19.16
CA MET F 92 -0.12 0.80 20.04
C MET F 92 -0.43 -0.68 19.87
N LYS F 93 -0.26 -1.23 18.66
CA LYS F 93 -0.42 -2.67 18.47
C LYS F 93 0.64 -3.44 19.24
N ASN F 94 1.89 -2.96 19.22
CA ASN F 94 2.93 -3.60 20.00
C ASN F 94 2.64 -3.50 21.49
N LYS F 95 2.13 -2.35 21.94
CA LYS F 95 1.77 -2.20 23.35
C LYS F 95 0.65 -3.15 23.75
N ILE F 96 -0.35 -3.31 22.88
CA ILE F 96 -1.44 -4.24 23.14
C ILE F 96 -0.91 -5.66 23.22
N LYS F 97 -0.02 -6.03 22.30
CA LYS F 97 0.58 -7.36 22.33
C LYS F 97 1.36 -7.59 23.62
N GLU F 98 2.09 -6.57 24.07
CA GLU F 98 2.81 -6.68 25.34
C GLU F 98 1.84 -6.86 26.50
N LEU F 99 0.74 -6.10 26.51
CA LEU F 99 -0.25 -6.21 27.58
C LEU F 99 -0.99 -7.55 27.55
N MET F 100 -1.02 -8.23 26.40
CA MET F 100 -1.59 -9.56 26.31
C MET F 100 -0.58 -10.66 26.60
N SER F 101 0.64 -10.32 27.01
CA SER F 101 1.69 -11.30 27.31
C SER F 101 1.98 -12.20 26.11
N ILE F 102 2.01 -11.60 24.93
CA ILE F 102 2.38 -12.30 23.70
C ILE F 102 3.53 -11.53 23.08
N PRO F 103 4.36 -12.20 22.27
CA PRO F 103 5.59 -11.55 21.78
C PRO F 103 5.32 -10.26 21.02
N TYR F 104 6.20 -9.28 21.24
CA TYR F 104 6.05 -7.96 20.65
C TYR F 104 7.44 -7.43 20.29
N CYS F 105 7.47 -6.26 19.68
CA CYS F 105 8.69 -5.61 19.23
C CYS F 105 9.00 -4.41 20.12
N ASN F 106 10.22 -4.34 20.64
CA ASN F 106 10.67 -3.18 21.41
C ASN F 106 11.76 -2.39 20.67
N TYR F 107 11.81 -2.53 19.34
CA TYR F 107 12.61 -1.65 18.47
C TYR F 107 14.10 -1.69 18.83
N THR F 108 14.61 -2.87 19.16
CA THR F 108 16.01 -3.01 19.52
C THR F 108 16.78 -3.89 18.54
N LYS F 109 16.34 -5.12 18.30
CA LYS F 109 17.07 -6.07 17.47
C LYS F 109 16.20 -6.49 16.30
N PHE F 110 16.78 -6.45 15.10
CA PHE F 110 16.08 -6.80 13.87
C PHE F 110 16.84 -7.91 13.15
N TRP F 111 16.10 -8.88 12.61
CA TRP F 111 16.68 -10.00 11.90
C TRP F 111 16.18 -10.03 10.47
N TYR F 112 17.04 -10.53 9.58
CA TYR F 112 16.71 -10.63 8.16
C TYR F 112 17.47 -11.81 7.57
N VAL F 113 17.22 -12.08 6.29
CA VAL F 113 17.88 -13.16 5.56
C VAL F 113 18.72 -12.52 4.46
N ASN F 114 20.01 -12.81 4.46
CA ASN F 114 20.96 -12.21 3.54
C ASN F 114 21.50 -13.27 2.57
N HIS F 115 21.43 -12.97 1.28
CA HIS F 115 22.07 -13.80 0.27
C HIS F 115 23.55 -13.46 0.21
N THR F 116 24.40 -14.39 0.64
CA THR F 116 25.82 -14.10 0.80
C THR F 116 26.49 -13.76 -0.52
N LEU F 117 26.14 -14.49 -1.59
CA LEU F 117 26.81 -14.29 -2.87
C LEU F 117 26.40 -12.98 -3.52
N THR F 118 25.11 -12.81 -3.79
CA THR F 118 24.64 -11.60 -4.46
C THR F 118 24.72 -10.37 -3.57
N GLY F 119 24.66 -10.55 -2.25
CA GLY F 119 24.71 -9.43 -1.33
C GLY F 119 23.41 -8.70 -1.11
N GLN F 120 22.33 -9.17 -1.73
CA GLN F 120 21.02 -8.54 -1.58
C GLN F 120 20.15 -9.35 -0.63
N HIS F 121 19.43 -8.64 0.24
CA HIS F 121 18.74 -9.27 1.36
C HIS F 121 17.29 -8.82 1.45
N THR F 122 16.62 -9.19 2.55
CA THR F 122 15.24 -8.81 2.80
C THR F 122 15.17 -7.64 3.78
N LEU F 123 13.97 -7.11 3.93
CA LEU F 123 13.74 -6.06 4.91
C LEU F 123 13.80 -6.65 6.31
N PRO F 124 14.64 -6.10 7.20
CA PRO F 124 14.77 -6.67 8.54
C PRO F 124 13.44 -6.68 9.29
N ARG F 125 13.22 -7.75 10.05
CA ARG F 125 12.00 -7.95 10.81
C ARG F 125 12.34 -8.00 12.30
N CYS F 126 11.37 -7.62 13.13
CA CYS F 126 11.59 -7.60 14.57
C CYS F 126 11.95 -8.98 15.10
N TRP F 127 12.90 -9.01 16.03
CA TRP F 127 13.17 -10.18 16.86
C TRP F 127 12.28 -10.06 18.09
N LEU F 128 11.12 -10.72 18.04
CA LEU F 128 10.09 -10.51 19.04
C LEU F 128 10.57 -10.96 20.41
N ILE F 129 10.03 -10.33 21.45
CA ILE F 129 10.40 -10.60 22.83
C ILE F 129 9.16 -10.99 23.61
N ARG F 130 9.27 -12.05 24.40
CA ARG F 130 8.23 -12.48 25.33
C ARG F 130 8.85 -12.64 26.71
N ASN F 131 8.09 -12.24 27.74
CA ASN F 131 8.56 -12.27 29.13
C ASN F 131 9.84 -11.44 29.30
N GLY F 132 10.01 -10.40 28.49
CA GLY F 132 11.18 -9.57 28.58
C GLY F 132 12.46 -10.22 28.09
N SER F 133 12.35 -11.29 27.31
CA SER F 133 13.52 -11.99 26.79
C SER F 133 13.35 -12.25 25.30
N TYR F 134 14.47 -12.20 24.57
CA TYR F 134 14.45 -12.45 23.14
C TYR F 134 14.01 -13.89 22.86
N LEU F 135 13.12 -14.05 21.88
CA LEU F 135 12.71 -15.39 21.49
C LEU F 135 13.85 -16.12 20.81
N ASN F 136 14.03 -17.39 21.16
CA ASN F 136 15.05 -18.20 20.53
C ASN F 136 14.68 -18.47 19.07
N THR F 137 15.68 -18.86 18.29
CA THR F 137 15.45 -19.10 16.87
C THR F 137 14.86 -20.49 16.66
N SER F 138 13.80 -20.81 17.41
CA SER F 138 13.03 -22.02 17.21
C SER F 138 11.53 -21.82 17.30
N GLU F 139 11.05 -20.70 17.85
CA GLU F 139 9.63 -20.43 17.93
C GLU F 139 9.09 -19.77 16.66
N PHE F 140 9.89 -18.95 16.00
CA PHE F 140 9.55 -18.33 14.73
C PHE F 140 10.37 -18.95 13.59
N ARG F 141 10.60 -20.25 13.66
CA ARG F 141 11.36 -20.94 12.62
C ARG F 141 10.66 -20.82 11.27
N ASN F 142 9.33 -20.99 11.27
CA ASN F 142 8.58 -20.81 10.03
C ASN F 142 8.74 -19.39 9.48
N ASP F 143 8.89 -18.40 10.36
CA ASP F 143 9.03 -17.02 9.91
C ASP F 143 10.26 -16.85 9.04
N TRP F 144 11.43 -17.27 9.53
CA TRP F 144 12.64 -17.11 8.71
C TRP F 144 12.74 -18.14 7.59
N ILE F 145 12.10 -19.31 7.71
CA ILE F 145 12.03 -20.22 6.57
C ILE F 145 11.26 -19.56 5.42
N LEU F 146 10.10 -18.97 5.74
CA LEU F 146 9.33 -18.27 4.73
C LEU F 146 10.06 -17.02 4.24
N GLU F 147 10.85 -16.38 5.12
CA GLU F 147 11.66 -15.24 4.69
C GLU F 147 12.69 -15.65 3.65
N SER F 148 13.37 -16.78 3.87
CA SER F 148 14.32 -17.27 2.88
C SER F 148 13.63 -17.64 1.58
N ASP F 149 12.48 -18.31 1.66
CA ASP F 149 11.74 -18.66 0.46
C ASP F 149 11.31 -17.41 -0.31
N HIS F 150 10.83 -16.39 0.40
CA HIS F 150 10.42 -15.14 -0.24
C HIS F 150 11.62 -14.40 -0.82
N LEU F 151 12.76 -14.47 -0.16
CA LEU F 151 13.97 -13.85 -0.73
C LEU F 151 14.36 -14.51 -2.04
N ILE F 152 14.32 -15.85 -2.08
CA ILE F 152 14.63 -16.55 -3.32
C ILE F 152 13.63 -16.19 -4.41
N SER F 153 12.34 -16.15 -4.05
CA SER F 153 11.30 -15.80 -5.02
C SER F 153 11.48 -14.39 -5.55
N GLU F 154 11.82 -13.44 -4.66
CA GLU F 154 12.02 -12.06 -5.09
C GLU F 154 13.25 -11.93 -5.97
N MET F 155 14.33 -12.66 -5.64
CA MET F 155 15.51 -12.65 -6.50
C MET F 155 15.19 -13.18 -7.88
N LEU F 156 14.38 -14.24 -7.96
CA LEU F 156 14.04 -14.79 -9.27
C LEU F 156 13.06 -13.92 -10.04
N SER F 157 12.16 -13.22 -9.33
CA SER F 157 11.14 -12.41 -9.98
C SER F 157 11.62 -11.01 -10.36
N LYS F 158 12.65 -10.49 -9.70
CA LYS F 158 13.19 -9.19 -10.07
C LYS F 158 13.75 -9.22 -11.48
N GLU F 159 14.40 -10.32 -11.85
CA GLU F 159 14.92 -10.47 -13.21
C GLU F 159 13.78 -10.47 -14.23
N TYR F 160 12.69 -11.17 -13.92
CA TYR F 160 11.53 -11.15 -14.80
C TYR F 160 10.95 -9.75 -14.93
N ALA F 161 10.88 -9.03 -13.81
CA ALA F 161 10.35 -7.66 -13.86
C ALA F 161 11.23 -6.76 -14.71
N GLU F 162 12.55 -6.87 -14.56
CA GLU F 162 13.47 -6.07 -15.37
C GLU F 162 13.35 -6.43 -16.84
N ARG F 163 13.23 -7.72 -17.14
CA ARG F 163 13.05 -8.14 -18.52
C ARG F 163 11.76 -7.60 -19.11
N GLN F 164 10.67 -7.67 -18.35
CA GLN F 164 9.38 -7.16 -18.83
C GLN F 164 9.36 -5.66 -18.96
N GLY F 165 10.19 -4.94 -18.20
CA GLY F 165 10.25 -3.50 -18.30
C GLY F 165 11.04 -2.97 -19.48
N LYS F 166 11.76 -3.84 -20.19
CA LYS F 166 12.58 -3.43 -21.32
C LYS F 166 12.33 -4.23 -22.60
N THR F 167 11.79 -5.45 -22.51
CA THR F 167 11.54 -6.26 -23.69
C THR F 167 10.05 -6.26 -23.99
N PRO F 168 9.62 -5.77 -25.15
CA PRO F 168 8.18 -5.71 -25.44
C PRO F 168 7.56 -7.10 -25.54
N ILE F 169 6.28 -7.18 -25.17
CA ILE F 169 5.52 -8.40 -25.39
C ILE F 169 5.32 -8.65 -26.87
N THR F 170 5.16 -7.58 -27.66
CA THR F 170 4.94 -7.73 -29.09
C THR F 170 6.16 -8.34 -29.77
N LEU F 171 7.36 -7.94 -29.36
CA LEU F 171 8.57 -8.50 -29.94
C LEU F 171 8.71 -10.00 -29.62
N VAL F 172 8.40 -10.38 -28.38
CA VAL F 172 8.43 -11.79 -28.02
C VAL F 172 7.40 -12.58 -28.81
N ASP F 173 6.20 -12.01 -28.98
CA ASP F 173 5.19 -12.67 -29.79
C ASP F 173 5.64 -12.84 -31.23
N ILE F 174 6.26 -11.80 -31.80
CA ILE F 174 6.75 -11.88 -33.17
C ILE F 174 7.82 -12.96 -33.30
N CYS F 175 8.74 -13.02 -32.35
CA CYS F 175 9.78 -14.04 -32.39
C CYS F 175 9.19 -15.44 -32.28
N PHE F 176 8.24 -15.64 -31.36
CA PHE F 176 7.65 -16.95 -31.16
C PHE F 176 6.87 -17.40 -32.39
N TRP F 177 6.08 -16.49 -32.97
CA TRP F 177 5.31 -16.85 -34.17
C TRP F 177 6.21 -17.05 -35.38
N SER F 178 7.31 -16.30 -35.47
CA SER F 178 8.28 -16.53 -36.53
C SER F 178 8.94 -17.91 -36.39
N THR F 179 9.24 -18.30 -35.15
CA THR F 179 9.80 -19.62 -34.93
C THR F 179 8.81 -20.72 -35.29
N ILE F 180 7.53 -20.52 -34.95
CA ILE F 180 6.50 -21.49 -35.35
C ILE F 180 6.40 -21.57 -36.86
N PHE F 181 6.43 -20.42 -37.53
CA PHE F 181 6.37 -20.39 -38.99
C PHE F 181 7.57 -21.10 -39.61
N PHE F 182 8.75 -20.89 -39.05
CA PHE F 182 9.96 -21.54 -39.56
C PHE F 182 9.91 -23.05 -39.34
N THR F 183 9.41 -23.49 -38.18
CA THR F 183 9.28 -24.92 -37.92
C THR F 183 8.27 -25.56 -38.88
N ALA F 184 7.15 -24.89 -39.13
CA ALA F 184 6.18 -25.39 -40.10
C ALA F 184 6.78 -25.44 -41.50
N SER F 185 7.59 -24.43 -41.85
CA SER F 185 8.26 -24.43 -43.14
C SER F 185 9.21 -25.60 -43.26
N LEU F 186 9.96 -25.90 -42.20
CA LEU F 186 10.84 -27.06 -42.23
C LEU F 186 10.05 -28.35 -42.37
N PHE F 187 8.94 -28.47 -41.65
CA PHE F 187 8.09 -29.66 -41.77
C PHE F 187 7.60 -29.84 -43.19
N LEU F 188 7.10 -28.76 -43.80
CA LEU F 188 6.65 -28.85 -45.18
C LEU F 188 7.81 -29.13 -46.14
N HIS F 189 9.02 -28.72 -45.77
CA HIS F 189 10.19 -29.04 -46.58
C HIS F 189 10.47 -30.54 -46.57
N LEU F 190 10.43 -31.16 -45.38
CA LEU F 190 10.66 -32.61 -45.32
C LEU F 190 9.54 -33.39 -46.01
N VAL F 191 8.28 -33.11 -45.65
CA VAL F 191 7.19 -33.92 -46.18
C VAL F 191 6.98 -33.66 -47.66
N GLY F 192 7.15 -32.41 -48.10
CA GLY F 192 6.92 -32.06 -49.48
C GLY F 192 5.45 -31.87 -49.79
N ILE F 193 5.13 -30.87 -50.61
CA ILE F 193 3.77 -30.55 -51.00
C ILE F 193 3.66 -30.75 -52.51
N PRO F 194 2.63 -31.43 -53.00
CA PRO F 194 2.51 -31.64 -54.45
C PRO F 194 2.43 -30.31 -55.19
N THR F 195 3.08 -30.27 -56.35
CA THR F 195 3.17 -29.05 -57.15
C THR F 195 2.23 -29.04 -58.33
N HIS F 196 1.86 -30.20 -58.87
CA HIS F 196 0.97 -30.27 -60.01
C HIS F 196 0.30 -31.63 -60.04
N ARG F 197 -0.80 -31.71 -60.77
CA ARG F 197 -1.60 -32.92 -60.85
C ARG F 197 -1.10 -33.84 -61.96
N HIS F 198 -1.34 -35.13 -61.79
CA HIS F 198 -1.05 -36.13 -62.81
C HIS F 198 -2.32 -36.89 -63.14
N LEU F 199 -2.60 -37.04 -64.43
CA LEU F 199 -3.77 -37.80 -64.86
C LEU F 199 -3.56 -39.29 -64.58
N LYS F 200 -4.66 -39.96 -64.23
CA LYS F 200 -4.60 -41.38 -63.91
C LYS F 200 -4.34 -42.19 -65.18
N GLY F 201 -3.27 -42.97 -65.18
CA GLY F 201 -2.91 -43.79 -66.32
C GLY F 201 -2.19 -43.07 -67.43
N GLU F 202 -1.85 -41.79 -67.25
CA GLU F 202 -1.17 -41.00 -68.27
C GLU F 202 0.17 -40.52 -67.72
N ALA F 203 0.93 -39.84 -68.58
CA ALA F 203 2.24 -39.33 -68.24
C ALA F 203 2.10 -37.97 -67.56
N CYS F 204 3.24 -37.32 -67.32
CA CYS F 204 3.22 -36.01 -66.67
C CYS F 204 2.68 -34.96 -67.63
N PRO F 205 1.65 -34.19 -67.24
CA PRO F 205 1.02 -33.26 -68.20
C PRO F 205 1.76 -31.94 -68.33
N LEU F 206 2.99 -31.86 -67.84
CA LEU F 206 3.75 -30.62 -67.98
C LEU F 206 4.03 -30.33 -69.46
N PRO F 207 4.06 -29.05 -69.84
CA PRO F 207 3.89 -27.85 -69.01
C PRO F 207 2.43 -27.44 -68.83
N HIS F 208 1.49 -28.19 -69.39
CA HIS F 208 0.07 -27.86 -69.26
C HIS F 208 -0.39 -28.07 -67.83
N LYS F 209 -1.35 -27.25 -67.41
CA LYS F 209 -1.94 -27.32 -66.09
C LYS F 209 -3.38 -27.82 -66.19
N LEU F 210 -3.74 -28.77 -65.35
CA LEU F 210 -5.05 -29.40 -65.37
C LEU F 210 -5.84 -29.00 -64.13
N ASP F 211 -7.14 -28.77 -64.31
CA ASP F 211 -8.04 -28.42 -63.22
C ASP F 211 -8.56 -29.70 -62.56
N SER F 212 -9.58 -29.56 -61.72
CA SER F 212 -10.18 -30.74 -61.08
C SER F 212 -10.82 -31.67 -62.10
N PHE F 213 -11.26 -31.12 -63.23
CA PHE F 213 -11.85 -31.93 -64.30
C PHE F 213 -10.80 -32.52 -65.23
N GLY F 214 -9.53 -32.14 -65.09
CA GLY F 214 -8.47 -32.67 -65.92
C GLY F 214 -8.27 -31.96 -67.23
N GLY F 215 -9.10 -30.97 -67.55
CA GLY F 215 -8.96 -30.24 -68.80
C GLY F 215 -8.04 -29.05 -68.68
N CYS F 216 -7.87 -28.36 -69.82
CA CYS F 216 -7.04 -27.17 -69.87
C CYS F 216 -7.53 -26.27 -70.99
N ARG F 217 -7.17 -24.99 -70.92
CA ARG F 217 -7.62 -24.03 -71.92
C ARG F 217 -6.92 -24.21 -73.26
N CYS F 218 -5.79 -24.94 -73.29
CA CYS F 218 -5.08 -25.15 -74.55
C CYS F 218 -5.86 -26.04 -75.51
N GLY F 219 -6.78 -26.86 -75.00
CA GLY F 219 -7.55 -27.76 -75.83
C GLY F 219 -6.94 -29.12 -76.06
N LYS F 220 -5.69 -29.33 -75.64
CA LYS F 220 -5.06 -30.64 -75.80
C LYS F 220 -5.73 -31.68 -74.92
N TYR F 221 -6.12 -31.30 -73.70
CA TYR F 221 -6.75 -32.22 -72.77
C TYR F 221 -8.24 -31.91 -72.67
N PRO F 222 -9.11 -32.77 -73.20
CA PRO F 222 -10.55 -32.51 -73.09
C PRO F 222 -11.04 -32.60 -71.65
N ARG F 223 -12.09 -31.83 -71.37
CA ARG F 223 -12.68 -31.79 -70.03
C ARG F 223 -13.61 -32.99 -69.86
N LEU F 224 -13.01 -34.15 -69.60
CA LEU F 224 -13.75 -35.39 -69.42
C LEU F 224 -14.08 -35.67 -67.97
N LYS F 225 -13.75 -34.76 -67.05
CA LYS F 225 -14.00 -34.93 -65.62
C LYS F 225 -13.36 -36.20 -65.06
N LYS F 226 -12.20 -36.57 -65.60
CA LYS F 226 -11.50 -37.75 -65.12
C LYS F 226 -10.85 -37.47 -63.77
N PRO F 227 -10.76 -38.47 -62.91
CA PRO F 227 -10.09 -38.29 -61.62
C PRO F 227 -8.60 -38.00 -61.80
N THR F 228 -8.06 -37.23 -60.87
CA THR F 228 -6.66 -36.83 -60.91
C THR F 228 -6.03 -37.03 -59.53
N ILE F 229 -4.72 -37.26 -59.53
CA ILE F 229 -3.96 -37.47 -58.31
C ILE F 229 -2.97 -36.32 -58.15
N TRP F 230 -2.30 -36.30 -57.00
CA TRP F 230 -1.33 -35.26 -56.67
C TRP F 230 0.06 -35.88 -56.54
N HIS F 231 1.04 -35.24 -57.16
CA HIS F 231 2.43 -35.69 -57.10
C HIS F 231 3.33 -34.49 -56.80
N LYS F 232 4.41 -34.76 -56.07
CA LYS F 232 5.36 -33.71 -55.70
C LYS F 232 6.29 -33.43 -56.87
N ARG F 233 7.34 -32.64 -56.62
CA ARG F 233 8.29 -32.30 -57.65
C ARG F 233 9.08 -33.54 -58.08
N HIS F 234 9.27 -33.69 -59.38
CA HIS F 234 9.99 -34.83 -59.93
C HIS F 234 10.88 -34.41 -61.09
N GLY G 2 -2.81 -32.97 -11.97
CA GLY G 2 -3.84 -32.06 -11.51
C GLY G 2 -3.93 -30.78 -12.34
N GLN G 3 -2.77 -30.27 -12.75
CA GLN G 3 -2.73 -29.05 -13.55
C GLN G 3 -3.43 -29.27 -14.90
N LEU G 4 -3.17 -30.42 -15.54
CA LEU G 4 -3.77 -30.69 -16.84
C LEU G 4 -5.28 -30.78 -16.75
N ILE G 5 -5.79 -31.53 -15.75
CA ILE G 5 -7.23 -31.68 -15.62
C ILE G 5 -7.88 -30.36 -15.22
N SER G 6 -7.20 -29.57 -14.37
CA SER G 6 -7.73 -28.26 -13.99
C SER G 6 -7.83 -27.34 -15.21
N PHE G 7 -6.81 -27.37 -16.07
CA PHE G 7 -6.86 -26.58 -17.29
C PHE G 7 -7.93 -27.11 -18.24
N PHE G 8 -8.17 -28.41 -18.25
CA PHE G 8 -9.23 -28.98 -19.09
C PHE G 8 -10.61 -28.54 -18.63
N GLN G 9 -10.81 -28.44 -17.30
CA GLN G 9 -12.10 -27.97 -16.81
C GLN G 9 -12.35 -26.49 -17.10
N GLU G 10 -11.33 -25.74 -17.52
CA GLU G 10 -11.45 -24.32 -17.78
C GLU G 10 -11.31 -23.98 -19.25
N ILE G 11 -11.48 -24.96 -20.14
CA ILE G 11 -11.35 -24.70 -21.58
C ILE G 11 -12.38 -23.69 -22.09
N PRO G 12 -13.68 -23.82 -21.80
CA PRO G 12 -14.64 -22.88 -22.40
C PRO G 12 -14.37 -21.42 -22.07
N VAL G 13 -13.94 -21.12 -20.85
CA VAL G 13 -13.64 -19.73 -20.52
C VAL G 13 -12.34 -19.28 -21.19
N PHE G 14 -11.37 -20.18 -21.32
CA PHE G 14 -10.12 -19.83 -22.01
C PHE G 14 -10.33 -19.65 -23.50
N LEU G 15 -11.23 -20.44 -24.10
CA LEU G 15 -11.46 -20.37 -25.54
C LEU G 15 -12.38 -19.21 -25.90
N GLN G 16 -12.03 -18.01 -25.43
CA GLN G 16 -12.74 -16.79 -25.80
C GLN G 16 -11.84 -15.73 -26.41
N GLU G 17 -10.53 -15.83 -26.24
CA GLU G 17 -9.58 -14.90 -26.85
C GLU G 17 -8.93 -15.54 -28.06
N ALA G 18 -8.56 -14.70 -29.02
CA ALA G 18 -7.96 -15.21 -30.25
C ALA G 18 -6.62 -15.89 -29.99
N LEU G 19 -5.82 -15.33 -29.07
CA LEU G 19 -4.52 -15.90 -28.79
C LEU G 19 -4.62 -17.30 -28.19
N ASN G 20 -5.60 -17.50 -27.29
CA ASN G 20 -5.76 -18.82 -26.69
C ASN G 20 -6.17 -19.86 -27.74
N ILE G 21 -7.08 -19.50 -28.64
CA ILE G 21 -7.48 -20.41 -29.71
C ILE G 21 -6.30 -20.72 -30.61
N ALA G 22 -5.49 -19.69 -30.92
CA ALA G 22 -4.30 -19.92 -31.74
C ALA G 22 -3.32 -20.85 -31.06
N LEU G 23 -3.12 -20.67 -29.76
CA LEU G 23 -2.21 -21.55 -29.02
C LEU G 23 -2.71 -22.99 -29.00
N VAL G 24 -4.02 -23.17 -28.78
CA VAL G 24 -4.58 -24.52 -28.77
C VAL G 24 -4.41 -25.16 -30.14
N ALA G 25 -4.71 -24.41 -31.20
CA ALA G 25 -4.60 -24.95 -32.56
C ALA G 25 -3.16 -25.33 -32.90
N VAL G 26 -2.21 -24.45 -32.57
CA VAL G 26 -0.82 -24.75 -32.90
C VAL G 26 -0.30 -25.90 -32.05
N SER G 27 -0.76 -26.01 -30.80
CA SER G 27 -0.35 -27.15 -29.98
C SER G 27 -0.87 -28.46 -30.56
N LEU G 28 -2.14 -28.49 -30.97
CA LEU G 28 -2.71 -29.70 -31.55
C LEU G 28 -2.01 -30.06 -32.86
N ILE G 29 -1.74 -29.06 -33.71
CA ILE G 29 -1.07 -29.32 -34.97
C ILE G 29 0.35 -29.82 -34.73
N ALA G 30 1.06 -29.23 -33.76
CA ALA G 30 2.41 -29.68 -33.46
C ALA G 30 2.42 -31.12 -32.95
N VAL G 31 1.48 -31.47 -32.06
CA VAL G 31 1.43 -32.83 -31.55
C VAL G 31 1.11 -33.82 -32.68
N ILE G 32 0.14 -33.48 -33.53
CA ILE G 32 -0.22 -34.37 -34.62
C ILE G 32 0.95 -34.56 -35.58
N ALA G 33 1.62 -33.45 -35.94
CA ALA G 33 2.74 -33.54 -36.87
C ALA G 33 3.91 -34.29 -36.25
N GLY G 34 4.13 -34.14 -34.94
CA GLY G 34 5.18 -34.91 -34.30
C GLY G 34 4.88 -36.39 -34.27
N ILE G 35 3.61 -36.75 -34.04
CA ILE G 35 3.22 -38.16 -34.10
C ILE G 35 3.43 -38.71 -35.51
N ILE G 36 3.05 -37.94 -36.52
CA ILE G 36 3.26 -38.37 -37.91
C ILE G 36 4.74 -38.54 -38.19
N ASN G 37 5.58 -37.60 -37.75
CA ASN G 37 7.01 -37.69 -37.99
C ASN G 37 7.60 -38.92 -37.31
N LEU G 38 7.21 -39.19 -36.06
CA LEU G 38 7.71 -40.38 -35.37
C LEU G 38 7.27 -41.65 -36.08
N TYR G 39 6.02 -41.68 -36.56
CA TYR G 39 5.58 -42.81 -37.37
C TYR G 39 6.36 -42.92 -38.67
N LYS G 40 6.65 -41.78 -39.29
CA LYS G 40 7.40 -41.79 -40.54
C LYS G 40 8.88 -42.08 -40.33
N SER G 41 9.44 -41.66 -39.19
CA SER G 41 10.84 -41.89 -38.90
C SER G 41 11.14 -43.30 -38.42
N GLY G 42 10.11 -44.11 -38.18
CA GLY G 42 10.31 -45.49 -37.78
C GLY G 42 10.53 -45.73 -36.30
N LEU G 43 10.32 -44.72 -35.46
CA LEU G 43 10.46 -44.93 -34.01
C LEU G 43 9.42 -45.93 -33.51
N PHE G 44 8.18 -45.84 -34.00
CA PHE G 44 7.17 -46.81 -33.65
C PHE G 44 7.54 -48.21 -34.14
N GLN G 45 8.13 -48.28 -35.33
CA GLN G 45 8.62 -49.57 -35.83
C GLN G 45 9.72 -50.12 -34.93
N PHE G 46 10.62 -49.24 -34.45
CA PHE G 46 11.66 -49.67 -33.53
C PHE G 46 11.06 -50.20 -32.22
N ILE G 47 10.05 -49.51 -31.70
CA ILE G 47 9.40 -49.96 -30.47
C ILE G 47 8.73 -51.32 -30.69
N PHE G 48 8.06 -51.48 -31.83
CA PHE G 48 7.42 -52.76 -32.13
C PHE G 48 8.44 -53.88 -32.25
N PHE G 49 9.58 -53.60 -32.89
CA PHE G 49 10.65 -54.58 -32.99
C PHE G 49 11.20 -54.95 -31.61
N LEU G 50 11.37 -53.95 -30.75
CA LEU G 50 11.88 -54.22 -29.40
C LEU G 50 10.91 -55.07 -28.60
N LEU G 51 9.61 -54.78 -28.72
CA LEU G 51 8.61 -55.52 -27.94
C LEU G 51 8.50 -56.97 -28.41
N LEU G 52 8.65 -57.22 -29.70
CA LEU G 52 8.49 -58.57 -30.25
C LEU G 52 9.78 -59.04 -30.91
N ALA G 53 10.92 -58.84 -30.26
CA ALA G 53 12.21 -59.26 -30.80
C ALA G 53 12.36 -60.77 -30.62
N GLY G 54 12.36 -61.50 -31.73
CA GLY G 54 12.55 -62.93 -31.67
C GLY G 54 11.38 -63.71 -31.10
N ARG G 55 10.17 -63.13 -31.11
CA ARG G 55 9.00 -63.80 -30.60
C ARG G 55 7.89 -64.00 -31.62
N SER G 56 7.90 -63.25 -32.72
CA SER G 56 6.88 -63.39 -33.75
C SER G 56 7.46 -62.92 -35.08
N CYS G 57 6.83 -63.34 -36.17
CA CYS G 57 7.26 -62.96 -37.50
C CYS G 57 6.06 -62.68 -38.41
N GLY H 2 -29.37 -16.22 -1.98
CA GLY H 2 -28.98 -15.00 -2.65
C GLY H 2 -27.73 -15.16 -3.50
N THR H 3 -27.55 -16.35 -4.06
CA THR H 3 -26.40 -16.67 -4.90
C THR H 3 -26.88 -16.97 -6.31
N PHE H 4 -26.27 -16.31 -7.29
CA PHE H 4 -26.60 -16.52 -8.69
C PHE H 4 -25.32 -16.64 -9.51
N LYS H 5 -25.44 -17.29 -10.66
CA LYS H 5 -24.29 -17.48 -11.53
C LYS H 5 -23.83 -16.14 -12.09
N ILE H 6 -22.52 -15.88 -11.97
CA ILE H 6 -21.95 -14.61 -12.41
C ILE H 6 -21.19 -14.82 -13.71
N GLY H 7 -20.74 -16.05 -13.94
CA GLY H 7 -19.99 -16.38 -15.14
C GLY H 7 -20.09 -17.85 -15.50
N LEU H 8 -18.97 -18.44 -15.93
CA LEU H 8 -18.97 -19.85 -16.29
C LEU H 8 -18.93 -20.73 -15.04
N HIS H 9 -17.87 -20.60 -14.24
CA HIS H 9 -17.73 -21.36 -13.01
C HIS H 9 -17.76 -20.51 -11.76
N THR H 10 -17.36 -19.23 -11.85
CA THR H 10 -17.46 -18.33 -10.72
C THR H 10 -18.92 -18.06 -10.37
N GLU H 11 -19.17 -17.77 -9.10
CA GLU H 11 -20.51 -17.51 -8.61
C GLU H 11 -20.51 -16.30 -7.69
N PHE H 12 -21.66 -15.63 -7.62
CA PHE H 12 -21.84 -14.49 -6.73
C PHE H 12 -22.32 -15.00 -5.37
N GLN H 13 -21.59 -14.65 -4.32
CA GLN H 13 -21.90 -15.09 -2.97
C GLN H 13 -21.80 -13.91 -2.01
N SER H 14 -22.56 -13.97 -0.92
CA SER H 14 -22.60 -12.92 0.08
C SER H 14 -22.54 -13.51 1.47
N VAL H 15 -21.94 -12.76 2.39
CA VAL H 15 -21.82 -13.16 3.79
C VAL H 15 -22.32 -12.01 4.66
N THR H 16 -23.06 -12.35 5.70
CA THR H 16 -23.60 -11.38 6.65
C THR H 16 -22.88 -11.52 7.97
N LEU H 17 -22.31 -10.43 8.46
CA LEU H 17 -21.55 -10.41 9.70
C LEU H 17 -22.36 -9.74 10.80
N THR H 18 -21.89 -9.89 12.03
CA THR H 18 -22.60 -9.34 13.18
C THR H 18 -21.63 -9.15 14.34
N MET H 19 -22.05 -8.34 15.31
CA MET H 19 -21.29 -8.04 16.52
C MET H 19 -22.15 -8.16 17.77
N GLN H 20 -23.19 -8.99 17.74
CA GLN H 20 -24.08 -9.10 18.88
C GLN H 20 -23.35 -9.63 20.11
N ARG H 21 -22.54 -10.67 19.94
CA ARG H 21 -21.86 -11.28 21.09
C ARG H 21 -20.85 -10.32 21.70
N LEU H 22 -20.12 -9.57 20.87
CA LEU H 22 -19.16 -8.61 21.40
C LEU H 22 -19.87 -7.49 22.15
N LEU H 23 -21.03 -7.04 21.67
CA LEU H 23 -21.76 -5.95 22.28
C LEU H 23 -22.70 -6.39 23.39
N ALA H 24 -22.81 -7.69 23.65
CA ALA H 24 -23.66 -8.21 24.72
C ALA H 24 -22.88 -8.87 25.84
N ASN H 25 -21.94 -9.76 25.50
CA ASN H 25 -21.09 -10.38 26.52
C ASN H 25 -20.17 -9.35 27.18
N HIS H 26 -19.95 -8.21 26.54
CA HIS H 26 -19.13 -7.13 27.07
C HIS H 26 -19.91 -5.82 27.08
N SER H 27 -21.13 -5.87 27.61
CA SER H 27 -22.02 -4.71 27.57
C SER H 27 -21.42 -3.51 28.29
N ASN H 28 -20.64 -3.74 29.35
CA ASN H 28 -20.02 -2.65 30.08
C ASN H 28 -18.91 -2.00 29.26
N GLU H 29 -18.69 -0.72 29.52
CA GLU H 29 -17.66 0.13 28.91
C GLU H 29 -17.94 0.47 27.45
N LEU H 30 -18.99 -0.08 26.85
CA LEU H 30 -19.40 0.29 25.50
C LEU H 30 -20.88 -0.04 25.29
N PRO H 31 -21.77 0.92 25.51
CA PRO H 31 -23.20 0.68 25.28
C PRO H 31 -23.51 0.46 23.81
N SER H 32 -24.61 -0.26 23.58
CA SER H 32 -25.09 -0.55 22.23
C SER H 32 -26.26 0.38 21.92
N LEU H 33 -26.23 0.99 20.72
CA LEU H 33 -27.28 1.96 20.32
C LEU H 33 -28.07 1.39 19.14
N CYS H 34 -29.33 1.83 18.97
CA CYS H 34 -30.15 1.38 17.81
C CYS H 34 -31.15 2.48 17.41
N MET H 35 -31.40 2.63 16.11
CA MET H 35 -32.42 3.61 15.63
C MET H 35 -33.73 2.86 15.38
N LEU H 36 -34.65 2.86 16.35
CA LEU H 36 -35.92 2.10 16.21
C LEU H 36 -36.86 2.81 15.22
N ASN H 37 -36.98 4.14 15.32
CA ASN H 37 -37.96 4.87 14.46
C ASN H 37 -37.32 6.13 13.88
N ASN H 38 -38.06 6.89 13.07
CA ASN H 38 -37.49 8.15 12.57
C ASN H 38 -37.21 9.14 13.69
N SER H 39 -37.93 9.03 14.81
CA SER H 39 -37.73 9.91 15.94
C SER H 39 -37.37 9.19 17.23
N PHE H 40 -37.42 7.86 17.26
CA PHE H 40 -37.20 7.10 18.48
C PHE H 40 -35.84 6.41 18.41
N TYR H 41 -35.05 6.58 19.48
CA TYR H 41 -33.73 5.98 19.58
C TYR H 41 -33.57 5.38 20.97
N TYR H 42 -32.73 4.37 21.07
CA TYR H 42 -32.59 3.61 22.31
C TYR H 42 -31.12 3.34 22.61
N MET H 43 -30.77 3.43 23.89
CA MET H 43 -29.43 3.18 24.38
C MET H 43 -29.46 2.11 25.45
N ARG H 44 -28.60 1.12 25.33
CA ARG H 44 -28.55 -0.01 26.26
C ARG H 44 -27.13 -0.11 26.82
N GLY H 45 -26.92 0.50 27.98
CA GLY H 45 -25.64 0.45 28.67
C GLY H 45 -25.72 -0.45 29.89
N GLY H 46 -24.75 -1.35 30.00
CA GLY H 46 -24.72 -2.29 31.11
C GLY H 46 -25.89 -3.25 31.10
N VAL H 47 -26.77 -3.12 32.09
CA VAL H 47 -27.95 -3.97 32.22
C VAL H 47 -29.24 -3.15 32.23
N ASN H 48 -29.16 -1.86 31.91
CA ASN H 48 -30.31 -0.97 31.93
C ASN H 48 -30.49 -0.35 30.55
N THR H 49 -31.74 -0.24 30.11
CA THR H 49 -32.08 0.26 28.79
C THR H 49 -32.72 1.65 28.92
N PHE H 50 -32.35 2.54 28.02
CA PHE H 50 -32.83 3.92 28.02
C PHE H 50 -33.57 4.23 26.74
N LEU H 51 -34.42 5.26 26.78
CA LEU H 51 -35.16 5.74 25.63
C LEU H 51 -34.70 7.15 25.30
N ILE H 52 -34.38 7.39 24.02
CA ILE H 52 -33.95 8.69 23.54
C ILE H 52 -34.84 9.09 22.38
N ARG H 53 -35.57 10.19 22.55
CA ARG H 53 -36.49 10.66 21.52
C ARG H 53 -36.31 12.15 21.30
N VAL H 54 -36.52 12.57 20.05
CA VAL H 54 -36.46 13.97 19.66
C VAL H 54 -37.78 14.35 19.01
N SER H 55 -38.34 15.48 19.42
CA SER H 55 -39.64 15.94 18.94
C SER H 55 -39.80 17.39 19.37
N ASP H 56 -40.99 17.94 19.15
CA ASP H 56 -41.31 19.30 19.56
C ASP H 56 -42.14 19.38 20.83
N ILE H 57 -42.81 18.30 21.22
CA ILE H 57 -43.62 18.28 22.43
C ILE H 57 -42.72 18.07 23.62
N SER H 58 -42.77 19.00 24.58
CA SER H 58 -41.95 18.93 25.78
C SER H 58 -42.85 18.95 27.01
N VAL H 59 -42.65 17.99 27.90
CA VAL H 59 -43.38 17.94 29.16
C VAL H 59 -42.60 18.63 30.29
N LEU H 60 -41.28 18.76 30.15
CA LEU H 60 -40.47 19.41 31.17
C LEU H 60 -40.61 20.93 31.09
N MET H 61 -40.55 21.58 32.25
CA MET H 61 -40.72 23.02 32.35
C MET H 61 -39.56 23.62 33.15
N LYS H 62 -39.32 24.91 32.92
CA LYS H 62 -38.21 25.63 33.51
C LYS H 62 -38.62 26.48 34.70
N GLU H 63 -39.74 26.16 35.35
CA GLU H 63 -40.25 26.94 36.47
C GLU H 63 -40.11 26.22 37.80
N TYR H 64 -40.62 25.01 37.92
CA TYR H 64 -40.60 24.26 39.17
C TYR H 64 -39.95 22.89 38.99
N ASP H 65 -38.82 22.87 38.28
CA ASP H 65 -38.07 21.64 38.05
C ASP H 65 -36.60 21.88 38.33
N VAL H 66 -35.94 20.86 38.86
CA VAL H 66 -34.52 20.95 39.22
C VAL H 66 -33.66 20.76 37.98
N SER H 67 -32.65 21.60 37.85
CA SER H 67 -31.74 21.58 36.71
C SER H 67 -30.46 20.82 37.04
N ILE H 68 -29.60 20.69 36.03
CA ILE H 68 -28.34 19.97 36.17
C ILE H 68 -27.21 20.88 35.67
N TYR H 69 -26.25 21.18 36.55
CA TYR H 69 -25.05 21.90 36.19
C TYR H 69 -23.76 21.11 36.38
N GLU H 70 -23.76 20.09 37.23
CA GLU H 70 -22.54 19.39 37.56
C GLU H 70 -22.56 17.98 36.98
N PRO H 71 -21.42 17.50 36.47
CA PRO H 71 -21.36 16.11 35.96
C PRO H 71 -21.44 15.05 37.05
N GLU H 72 -21.54 15.42 38.32
CA GLU H 72 -21.58 14.47 39.42
C GLU H 72 -22.95 14.35 40.08
N ASP H 73 -23.70 15.44 40.18
CA ASP H 73 -25.01 15.41 40.82
C ASP H 73 -26.13 14.99 39.86
N LEU H 74 -25.80 14.69 38.60
CA LEU H 74 -26.80 14.27 37.64
C LEU H 74 -27.43 12.92 37.97
N GLY H 75 -26.82 12.15 38.88
CA GLY H 75 -27.42 10.88 39.29
C GLY H 75 -28.70 11.04 40.09
N ASN H 76 -28.91 12.23 40.69
CA ASN H 76 -30.13 12.47 41.44
C ASN H 76 -31.36 12.44 40.53
N CYS H 77 -31.19 12.80 39.26
CA CYS H 77 -32.32 12.87 38.32
C CYS H 77 -32.65 11.49 37.78
N LEU H 78 -32.90 10.53 38.67
CA LEU H 78 -33.23 9.17 38.26
C LEU H 78 -33.90 8.46 39.43
N ASN H 79 -35.11 7.96 39.22
CA ASN H 79 -35.84 7.31 40.30
C ASN H 79 -35.11 6.08 40.80
N LYS H 80 -34.68 5.21 39.89
CA LYS H 80 -33.86 4.06 40.23
C LYS H 80 -32.41 4.42 39.90
N SER H 81 -31.81 5.23 40.77
CA SER H 81 -30.48 5.78 40.53
C SER H 81 -29.39 4.75 40.88
N ASP H 82 -29.50 3.58 40.24
CA ASP H 82 -28.48 2.55 40.43
C ASP H 82 -27.17 2.97 39.79
N SER H 83 -27.22 3.44 38.54
CA SER H 83 -26.02 3.88 37.83
C SER H 83 -26.43 4.74 36.66
N SER H 84 -26.03 6.02 36.68
CA SER H 84 -26.25 6.93 35.56
C SER H 84 -24.96 7.22 34.80
N TRP H 85 -23.96 6.33 34.95
CA TRP H 85 -22.73 6.49 34.19
C TRP H 85 -22.98 6.41 32.69
N ALA H 86 -23.97 5.61 32.27
CA ALA H 86 -24.31 5.56 30.86
C ALA H 86 -24.85 6.89 30.36
N ILE H 87 -25.72 7.54 31.16
CA ILE H 87 -26.22 8.86 30.81
C ILE H 87 -25.07 9.86 30.72
N HIS H 88 -24.18 9.82 31.71
CA HIS H 88 -23.04 10.75 31.72
C HIS H 88 -22.16 10.54 30.49
N TRP H 89 -21.89 9.29 30.14
CA TRP H 89 -20.98 9.01 29.04
C TRP H 89 -21.63 9.33 27.70
N PHE H 90 -22.93 9.10 27.57
CA PHE H 90 -23.65 9.55 26.38
C PHE H 90 -23.62 11.06 26.27
N SER H 91 -23.81 11.76 27.39
CA SER H 91 -23.85 13.21 27.38
C SER H 91 -22.50 13.80 26.96
N ASN H 92 -21.39 13.27 27.48
CA ASN H 92 -20.09 13.80 27.11
C ASN H 92 -19.54 13.15 25.84
N ALA H 93 -20.23 12.17 25.26
CA ALA H 93 -19.89 11.67 23.94
C ALA H 93 -20.66 12.38 22.83
N LEU H 94 -21.80 13.00 23.15
CA LEU H 94 -22.48 13.84 22.16
C LEU H 94 -21.70 15.10 21.84
N GLY H 95 -20.66 15.43 22.61
CA GLY H 95 -19.93 16.67 22.46
C GLY H 95 -20.35 17.74 23.45
N HIS H 96 -21.37 17.49 24.26
CA HIS H 96 -21.82 18.46 25.24
C HIS H 96 -20.77 18.63 26.33
N ASP H 97 -20.44 19.89 26.64
CA ASP H 97 -19.48 20.22 27.68
C ASP H 97 -20.20 21.03 28.76
N TRP H 98 -20.06 20.59 30.01
CA TRP H 98 -20.76 21.25 31.11
C TRP H 98 -20.21 22.63 31.42
N LEU H 99 -19.08 23.02 30.85
CA LEU H 99 -18.45 24.29 31.19
C LEU H 99 -19.15 25.47 30.53
N MET H 100 -19.19 25.49 29.20
CA MET H 100 -19.67 26.65 28.44
C MET H 100 -20.82 26.27 27.51
N ASP H 101 -21.75 25.47 28.00
CA ASP H 101 -22.93 25.11 27.22
C ASP H 101 -24.18 25.29 28.08
N PRO H 102 -25.32 25.53 27.45
CA PRO H 102 -26.58 25.64 28.21
C PRO H 102 -26.86 24.35 28.98
N PRO H 103 -27.38 24.46 30.19
CA PRO H 103 -27.60 23.28 31.03
C PRO H 103 -28.89 22.56 30.67
N MET H 104 -29.17 21.48 31.40
CA MET H 104 -30.34 20.67 31.19
C MET H 104 -31.07 20.46 32.52
N LEU H 105 -32.37 20.24 32.43
CA LEU H 105 -33.22 20.00 33.60
C LEU H 105 -33.65 18.54 33.62
N CYS H 106 -34.47 18.19 34.60
CA CYS H 106 -34.91 16.82 34.80
C CYS H 106 -36.17 16.82 35.63
N ARG H 107 -36.69 15.62 35.88
CA ARG H 107 -37.86 15.41 36.73
C ARG H 107 -37.43 14.86 38.08
N ASN H 108 -38.23 15.14 39.10
CA ASN H 108 -37.94 14.64 40.44
C ASN H 108 -37.99 13.11 40.45
N LYS H 109 -37.05 12.51 41.19
CA LYS H 109 -37.01 11.04 41.28
C LYS H 109 -38.25 10.48 41.96
N THR H 110 -38.73 11.16 43.01
CA THR H 110 -39.90 10.69 43.74
C THR H 110 -41.20 10.84 42.95
N LYS H 111 -41.18 11.60 41.87
CA LYS H 111 -42.40 11.81 41.09
C LYS H 111 -42.79 10.53 40.34
N LYS H 112 -44.09 10.38 40.11
CA LYS H 112 -44.60 9.14 39.50
C LYS H 112 -44.05 8.95 38.09
N GLU H 113 -43.97 10.01 37.30
CA GLU H 113 -43.51 9.90 35.92
C GLU H 113 -42.04 9.50 35.83
N GLY H 114 -41.29 9.59 36.93
CA GLY H 114 -39.91 9.16 36.92
C GLY H 114 -38.98 10.16 36.25
N SER H 115 -37.78 9.67 35.95
CA SER H 115 -36.75 10.51 35.36
C SER H 115 -37.14 10.93 33.95
N ASN H 116 -36.74 12.15 33.58
CA ASN H 116 -36.99 12.67 32.24
C ASN H 116 -35.90 13.71 31.93
N ILE H 117 -34.90 13.31 31.16
CA ILE H 117 -33.82 14.20 30.76
C ILE H 117 -34.18 14.82 29.42
N GLN H 118 -34.11 16.15 29.34
CA GLN H 118 -34.50 16.89 28.16
C GLN H 118 -33.39 17.84 27.74
N PHE H 119 -33.16 17.94 26.43
CA PHE H 119 -32.25 18.89 25.84
C PHE H 119 -33.01 19.88 24.97
N ASN H 120 -32.52 21.11 24.90
CA ASN H 120 -33.11 22.15 24.07
C ASN H 120 -32.23 22.34 22.84
N ILE H 121 -32.66 21.79 21.72
CA ILE H 121 -31.90 21.88 20.47
C ILE H 121 -32.74 22.60 19.43
N SER H 122 -33.66 23.44 19.88
CA SER H 122 -34.54 24.16 18.97
C SER H 122 -33.75 25.14 18.10
N LYS H 123 -34.18 25.26 16.84
CA LYS H 123 -33.55 26.17 15.89
C LYS H 123 -34.18 27.55 16.06
N ALA H 124 -33.71 28.28 17.06
CA ALA H 124 -34.21 29.61 17.36
C ALA H 124 -33.08 30.42 17.98
N ASP H 125 -33.43 31.60 18.49
CA ASP H 125 -32.44 32.49 19.07
C ASP H 125 -31.84 31.88 20.34
N ASP H 126 -30.54 32.10 20.53
CA ASP H 126 -29.79 31.65 21.70
C ASP H 126 -29.79 30.13 21.83
N ALA H 127 -30.10 29.41 20.74
CA ALA H 127 -30.10 27.95 20.78
C ALA H 127 -29.52 27.33 19.51
N ARG H 128 -28.86 28.12 18.67
CA ARG H 128 -28.26 27.61 17.44
C ARG H 128 -26.80 27.21 17.62
N VAL H 129 -26.27 27.27 18.84
CA VAL H 129 -24.92 26.83 19.14
C VAL H 129 -24.91 25.48 19.81
N TYR H 130 -25.72 25.31 20.85
CA TYR H 130 -25.78 24.03 21.56
C TYR H 130 -26.54 22.99 20.74
N GLY H 131 -27.64 23.39 20.11
CA GLY H 131 -28.46 22.43 19.38
C GLY H 131 -27.74 21.81 18.19
N LYS H 132 -27.04 22.63 17.42
CA LYS H 132 -26.30 22.10 16.28
C LYS H 132 -25.22 21.11 16.71
N LYS H 133 -24.49 21.44 17.78
CA LYS H 133 -23.44 20.55 18.26
C LYS H 133 -24.03 19.24 18.79
N ILE H 134 -25.15 19.32 19.52
CA ILE H 134 -25.78 18.12 20.03
C ILE H 134 -26.28 17.24 18.89
N ARG H 135 -26.89 17.87 17.87
CA ARG H 135 -27.39 17.10 16.74
C ARG H 135 -26.24 16.48 15.94
N ASN H 136 -25.11 17.18 15.83
CA ASN H 136 -23.95 16.59 15.17
C ASN H 136 -23.42 15.40 15.95
N GLY H 137 -23.34 15.52 17.27
CA GLY H 137 -22.91 14.38 18.08
C GLY H 137 -23.85 13.21 17.96
N MET H 138 -25.15 13.48 17.89
CA MET H 138 -26.14 12.41 17.74
C MET H 138 -26.08 11.80 16.35
N ARG H 139 -25.75 12.59 15.33
CA ARG H 139 -25.51 12.05 14.00
C ARG H 139 -24.30 11.12 14.01
N HIS H 140 -23.24 11.50 14.74
CA HIS H 140 -22.09 10.61 14.86
C HIS H 140 -22.44 9.32 15.58
N LEU H 141 -23.14 9.43 16.71
CA LEU H 141 -23.41 8.25 17.52
C LEU H 141 -24.41 7.32 16.84
N PHE H 142 -25.51 7.86 16.33
CA PHE H 142 -26.55 7.07 15.67
C PHE H 142 -26.41 7.22 14.16
N ARG H 143 -26.44 6.08 13.46
CA ARG H 143 -26.15 6.09 12.02
C ARG H 143 -27.12 7.00 11.27
N GLY H 144 -28.40 6.67 11.28
CA GLY H 144 -29.40 7.51 10.65
C GLY H 144 -29.92 8.55 11.63
N PHE H 145 -30.16 9.76 11.11
CA PHE H 145 -30.74 10.82 11.93
C PHE H 145 -31.43 11.81 10.98
N HIS H 146 -32.75 11.71 10.88
CA HIS H 146 -33.57 12.65 10.12
C HIS H 146 -34.31 13.50 11.15
N ASP H 147 -33.68 14.60 11.56
CA ASP H 147 -34.22 15.41 12.64
C ASP H 147 -35.55 16.07 12.23
N PRO H 148 -36.47 16.23 13.18
CA PRO H 148 -37.72 16.94 12.91
C PRO H 148 -37.68 18.42 13.26
N CYS H 149 -36.58 18.93 13.78
CA CYS H 149 -36.50 20.33 14.17
C CYS H 149 -36.58 21.23 12.94
N GLU H 150 -37.38 22.28 13.04
CA GLU H 150 -37.56 23.25 11.97
C GLU H 150 -37.12 24.63 12.44
N GLU H 151 -36.62 25.42 11.51
CA GLU H 151 -36.15 26.76 11.85
C GLU H 151 -37.31 27.62 12.35
N GLY H 152 -37.07 28.32 13.45
CA GLY H 152 -38.09 29.17 14.05
C GLY H 152 -39.18 28.44 14.79
N LYS H 153 -39.02 27.13 15.02
CA LYS H 153 -40.02 26.33 15.71
C LYS H 153 -39.36 25.55 16.84
N VAL H 154 -40.18 25.16 17.82
CA VAL H 154 -39.66 24.45 18.99
C VAL H 154 -39.29 23.02 18.59
N CYS H 155 -38.24 22.51 19.25
CA CYS H 155 -37.79 21.14 19.04
C CYS H 155 -36.87 20.76 20.19
N TYR H 156 -37.11 19.61 20.80
CA TYR H 156 -36.39 19.19 21.99
C TYR H 156 -35.93 17.75 21.87
N LEU H 157 -34.81 17.44 22.50
CA LEU H 157 -34.29 16.09 22.60
C LEU H 157 -34.54 15.57 24.00
N THR H 158 -35.21 14.43 24.10
CA THR H 158 -35.65 13.87 25.37
C THR H 158 -35.00 12.52 25.61
N ILE H 159 -34.46 12.34 26.82
CA ILE H 159 -33.89 11.06 27.25
C ILE H 159 -34.70 10.57 28.44
N ASN H 160 -35.21 9.35 28.36
CA ASN H 160 -36.07 8.79 29.39
C ASN H 160 -35.61 7.37 29.69
N GLN H 161 -35.20 7.13 30.94
CA GLN H 161 -34.84 5.79 31.37
C GLN H 161 -36.05 4.87 31.29
N CYS H 162 -35.88 3.71 30.66
CA CYS H 162 -37.00 2.83 30.39
C CYS H 162 -37.51 2.17 31.68
N GLY H 163 -38.81 1.95 31.73
CA GLY H 163 -39.46 1.45 32.93
C GLY H 163 -40.37 2.49 33.54
N ASP H 164 -40.06 3.75 33.30
CA ASP H 164 -40.92 4.83 33.77
C ASP H 164 -42.24 4.80 33.01
N PRO H 165 -43.36 5.21 33.62
CA PRO H 165 -44.64 5.22 32.91
C PRO H 165 -44.62 6.11 31.68
N SER H 166 -43.87 7.21 31.74
CA SER H 166 -43.73 8.09 30.59
C SER H 166 -43.06 7.40 29.40
N SER H 167 -42.21 6.40 29.66
CA SER H 167 -41.55 5.68 28.58
C SER H 167 -42.54 4.83 27.81
N PHE H 168 -43.71 4.56 28.40
CA PHE H 168 -44.80 3.81 27.75
C PHE H 168 -44.41 2.37 27.51
N ASP H 169 -45.20 1.65 26.71
CA ASP H 169 -44.89 0.26 26.39
C ASP H 169 -43.73 0.14 25.41
N TYR H 170 -43.21 1.26 24.91
CA TYR H 170 -42.11 1.23 23.95
C TYR H 170 -40.83 0.66 24.56
N CYS H 171 -40.76 0.54 25.87
CA CYS H 171 -39.61 -0.05 26.56
C CYS H 171 -39.98 -1.42 27.11
N GLY H 172 -38.99 -2.06 27.74
CA GLY H 172 -39.19 -3.38 28.31
C GLY H 172 -38.94 -4.49 27.29
N VAL H 173 -39.39 -5.69 27.65
CA VAL H 173 -39.25 -6.84 26.78
C VAL H 173 -40.25 -6.78 25.62
N ASN H 174 -41.40 -6.15 25.83
CA ASN H 174 -42.44 -6.13 24.81
C ASN H 174 -41.98 -5.43 23.54
N HIS H 175 -41.12 -4.43 23.70
CA HIS H 175 -40.67 -3.61 22.55
C HIS H 175 -39.14 -3.52 22.56
N LEU H 176 -38.57 -2.52 21.89
CA LEU H 176 -37.09 -2.30 21.89
C LEU H 176 -36.38 -3.42 21.11
N SER H 177 -36.66 -4.68 21.42
CA SER H 177 -35.97 -5.82 20.76
C SER H 177 -36.04 -5.67 19.24
N LYS H 178 -37.13 -5.09 18.72
CA LYS H 178 -37.30 -4.94 17.25
C LYS H 178 -36.16 -4.07 16.68
N CYS H 179 -35.72 -3.05 17.43
CA CYS H 179 -34.59 -2.20 16.97
C CYS H 179 -33.30 -3.06 16.92
N GLN H 180 -32.50 -2.88 15.87
CA GLN H 180 -31.24 -3.68 15.73
C GLN H 180 -30.05 -2.85 16.23
N PHE H 181 -29.41 -3.29 17.31
CA PHE H 181 -28.20 -2.59 17.81
C PHE H 181 -27.15 -2.59 16.71
N ASP H 182 -26.55 -1.43 16.44
CA ASP H 182 -25.58 -1.32 15.32
C ASP H 182 -24.15 -1.22 15.87
N HIS H 183 -23.22 -2.01 15.32
CA HIS H 183 -21.84 -1.89 15.74
C HIS H 183 -21.13 -0.69 15.12
N VAL H 184 -21.66 -0.14 14.02
CA VAL H 184 -21.10 1.09 13.46
C VAL H 184 -21.28 2.24 14.45
N ASN H 185 -22.40 2.23 15.18
CA ASN H 185 -22.60 3.21 16.25
C ASN H 185 -21.50 3.11 17.29
N THR H 186 -21.14 1.88 17.69
CA THR H 186 -20.06 1.70 18.64
C THR H 186 -18.72 2.15 18.06
N LEU H 187 -18.48 1.85 16.78
CA LEU H 187 -17.21 2.25 16.16
C LEU H 187 -17.07 3.77 16.12
N HIS H 188 -18.14 4.48 15.74
CA HIS H 188 -18.13 5.94 15.84
C HIS H 188 -18.21 6.41 17.29
N PHE H 189 -18.48 5.51 18.22
CA PHE H 189 -18.72 5.87 19.62
C PHE H 189 -17.53 5.59 20.53
N LEU H 190 -16.61 4.72 20.12
CA LEU H 190 -15.46 4.36 20.93
C LEU H 190 -14.15 4.97 20.43
N VAL H 191 -14.20 5.88 19.46
CA VAL H 191 -13.01 6.49 18.89
C VAL H 191 -12.98 7.96 19.29
N ARG H 192 -11.80 8.41 19.72
CA ARG H 192 -11.56 9.81 20.09
C ARG H 192 -10.40 10.30 19.22
N SER H 193 -10.72 10.78 18.02
CA SER H 193 -9.72 11.25 17.08
C SER H 193 -9.84 12.73 16.77
N LYS H 194 -10.87 13.41 17.29
CA LYS H 194 -11.08 14.84 17.12
C LYS H 194 -11.45 15.17 15.67
N THR H 195 -11.43 14.14 14.81
CA THR H 195 -11.80 14.29 13.40
C THR H 195 -13.20 13.77 13.11
N HIS H 196 -14.12 13.93 14.06
CA HIS H 196 -15.48 13.43 13.94
C HIS H 196 -16.45 14.56 14.26
N LEU H 197 -17.76 14.24 14.19
CA LEU H 197 -18.82 15.20 14.44
C LEU H 197 -19.30 15.06 15.89
N ASN H 198 -18.56 15.67 16.80
CA ASN H 198 -18.97 15.74 18.20
C ASN H 198 -18.69 17.13 18.77
N GLY I 18 -8.53 -21.74 5.09
CA GLY I 18 -7.69 -20.77 5.80
C GLY I 18 -8.40 -20.12 6.97
N TYR I 19 -8.59 -18.81 6.87
CA TYR I 19 -9.29 -18.08 7.93
C TYR I 19 -10.76 -18.51 7.97
N CYS I 20 -11.28 -18.67 9.19
CA CYS I 20 -12.63 -19.15 9.39
C CYS I 20 -13.34 -18.26 10.42
N LEU I 21 -14.61 -17.97 10.16
CA LEU I 21 -15.44 -17.19 11.06
C LEU I 21 -16.38 -18.11 11.82
N GLU I 22 -16.48 -17.90 13.13
CA GLU I 22 -17.27 -18.76 13.98
C GLU I 22 -18.77 -18.59 13.72
N GLU I 23 -19.56 -19.46 14.35
CA GLU I 23 -21.01 -19.43 14.14
C GLU I 23 -21.62 -18.12 14.61
N TRP I 24 -21.20 -17.63 15.78
CA TRP I 24 -21.79 -16.43 16.34
C TRP I 24 -21.42 -15.16 15.58
N MET I 25 -20.47 -15.25 14.65
CA MET I 25 -20.07 -14.09 13.86
C MET I 25 -20.94 -13.86 12.63
N LEU I 26 -21.82 -14.80 12.30
CA LEU I 26 -22.66 -14.72 11.11
C LEU I 26 -24.13 -14.72 11.49
N ILE I 27 -24.97 -14.34 10.52
CA ILE I 27 -26.41 -14.28 10.69
C ILE I 27 -27.05 -15.34 9.80
N ALA I 28 -27.86 -16.20 10.39
CA ALA I 28 -28.61 -17.24 9.66
C ALA I 28 -27.68 -18.11 8.83
N ALA I 29 -26.53 -18.47 9.39
CA ALA I 29 -25.55 -19.29 8.70
C ALA I 29 -24.74 -20.07 9.73
N LYS I 30 -23.82 -20.89 9.24
CA LYS I 30 -22.92 -21.69 10.05
C LYS I 30 -21.49 -21.18 9.88
N MET I 31 -20.54 -21.91 10.46
CA MET I 31 -19.14 -21.54 10.34
C MET I 31 -18.72 -21.54 8.87
N LYS I 32 -18.06 -20.46 8.45
CA LYS I 32 -17.60 -20.31 7.08
C LYS I 32 -16.11 -20.00 7.07
N CYS I 33 -15.39 -20.60 6.13
CA CYS I 33 -13.94 -20.47 6.05
C CYS I 33 -13.56 -19.74 4.77
N PHE I 34 -12.66 -18.77 4.91
CA PHE I 34 -12.17 -17.97 3.80
C PHE I 34 -10.72 -18.31 3.49
N GLY I 35 -10.35 -18.22 2.22
CA GLY I 35 -9.01 -18.56 1.82
C GLY I 35 -7.98 -17.61 2.37
N ASN I 36 -6.77 -18.13 2.60
CA ASN I 36 -5.69 -17.31 3.13
C ASN I 36 -5.30 -16.20 2.16
N THR I 37 -5.26 -16.50 0.86
CA THR I 37 -4.82 -15.51 -0.13
C THR I 37 -5.76 -14.31 -0.15
N ALA I 38 -7.07 -14.56 -0.11
CA ALA I 38 -8.02 -13.45 -0.05
C ALA I 38 -7.87 -12.66 1.25
N VAL I 39 -7.71 -13.38 2.37
CA VAL I 39 -7.52 -12.72 3.65
C VAL I 39 -6.18 -11.98 3.69
N ALA I 40 -5.16 -12.55 3.03
CA ALA I 40 -3.85 -11.91 3.01
C ALA I 40 -3.87 -10.54 2.34
N LYS I 41 -4.92 -10.25 1.56
CA LYS I 41 -5.05 -8.93 0.97
C LYS I 41 -5.31 -7.85 2.01
N CYS I 42 -5.66 -8.24 3.23
CA CYS I 42 -5.93 -7.31 4.31
C CYS I 42 -4.67 -6.87 5.06
N ASN I 43 -3.51 -7.37 4.66
CA ASN I 43 -2.26 -7.01 5.35
C ASN I 43 -1.98 -5.52 5.24
N GLN I 44 -2.16 -4.95 4.05
CA GLN I 44 -1.90 -3.53 3.81
C GLN I 44 -3.15 -2.78 3.38
N ASN I 45 -4.32 -3.42 3.38
CA ASN I 45 -5.55 -2.79 2.94
C ASN I 45 -6.20 -2.10 4.14
N HIS I 46 -6.10 -0.77 4.17
CA HIS I 46 -6.78 0.05 5.18
C HIS I 46 -7.96 0.79 4.59
N ASP I 47 -8.48 0.31 3.45
CA ASP I 47 -9.63 0.92 2.80
C ASP I 47 -10.72 -0.10 2.52
N SER I 48 -10.78 -1.16 3.32
CA SER I 48 -11.78 -2.21 3.17
C SER I 48 -12.43 -2.48 4.51
N GLU I 49 -13.77 -2.52 4.54
CA GLU I 49 -14.50 -2.70 5.78
C GLU I 49 -14.44 -4.15 6.27
N PHE I 50 -14.39 -5.11 5.34
CA PHE I 50 -14.33 -6.51 5.74
C PHE I 50 -13.05 -6.81 6.51
N CYS I 51 -11.94 -6.20 6.11
CA CYS I 51 -10.69 -6.38 6.84
C CYS I 51 -10.80 -5.82 8.25
N ASP I 52 -11.45 -4.66 8.40
CA ASP I 52 -11.65 -4.09 9.73
C ASP I 52 -12.49 -5.01 10.60
N MET I 53 -13.56 -5.58 10.03
CA MET I 53 -14.40 -6.49 10.80
C MET I 53 -13.62 -7.76 11.19
N LEU I 54 -12.80 -8.27 10.28
CA LEU I 54 -11.97 -9.43 10.60
C LEU I 54 -10.98 -9.10 11.71
N ARG I 55 -10.40 -7.90 11.68
CA ARG I 55 -9.47 -7.49 12.72
C ARG I 55 -10.19 -7.38 14.07
N LEU I 56 -11.41 -6.85 14.07
CA LEU I 56 -12.20 -6.79 15.30
C LEU I 56 -12.48 -8.18 15.84
N PHE I 57 -12.85 -9.12 14.95
CA PHE I 57 -13.09 -10.50 15.37
C PHE I 57 -11.82 -11.12 15.95
N ASP I 58 -10.67 -10.89 15.31
CA ASP I 58 -9.41 -11.42 15.82
C ASP I 58 -9.08 -10.85 17.19
N TYR I 59 -9.30 -9.54 17.36
CA TYR I 59 -9.05 -8.93 18.67
C TYR I 59 -9.96 -9.51 19.74
N ASN I 60 -11.24 -9.73 19.40
CA ASN I 60 -12.16 -10.35 20.36
C ASN I 60 -11.69 -11.75 20.72
N LYS I 61 -11.26 -12.53 19.73
CA LYS I 61 -10.79 -13.89 19.98
C LYS I 61 -9.56 -13.88 20.89
N ASN I 62 -8.61 -12.98 20.62
CA ASN I 62 -7.43 -12.88 21.47
C ASN I 62 -7.79 -12.44 22.89
N ALA I 63 -8.71 -11.49 23.01
CA ALA I 63 -9.09 -10.99 24.33
C ALA I 63 -9.77 -12.07 25.16
N ILE I 64 -10.65 -12.86 24.55
CA ILE I 64 -11.32 -13.93 25.29
C ILE I 64 -10.31 -14.97 25.76
N LYS I 65 -9.36 -15.35 24.89
CA LYS I 65 -8.42 -16.41 25.25
C LYS I 65 -7.38 -15.91 26.25
N THR I 66 -6.91 -14.68 26.11
CA THR I 66 -5.79 -14.17 26.89
C THR I 66 -6.17 -13.11 27.90
N LEU I 67 -6.88 -12.07 27.46
CA LEU I 67 -7.17 -10.91 28.31
C LEU I 67 -8.46 -11.07 29.11
N ASN I 68 -9.05 -12.27 29.11
CA ASN I 68 -10.29 -12.51 29.83
C ASN I 68 -10.15 -13.56 30.93
N ASP I 69 -9.25 -14.52 30.79
CA ASP I 69 -9.09 -15.54 31.82
C ASP I 69 -8.64 -14.93 33.14
N GLU I 70 -7.71 -13.98 33.09
CA GLU I 70 -7.19 -13.33 34.29
C GLU I 70 -8.07 -12.17 34.69
N ALA I 71 -8.16 -11.94 36.00
CA ALA I 71 -8.99 -10.87 36.56
C ALA I 71 -8.32 -9.51 36.49
N LYS I 72 -7.26 -9.36 35.69
CA LYS I 72 -6.54 -8.10 35.55
C LYS I 72 -7.17 -7.16 34.54
N LYS I 73 -8.45 -7.32 34.23
CA LYS I 73 -9.13 -6.51 33.23
C LYS I 73 -9.48 -5.13 33.79
N GLU I 74 -8.47 -4.44 34.30
CA GLU I 74 -8.61 -3.09 34.80
C GLU I 74 -8.21 -2.05 33.76
N ILE I 75 -7.85 -2.47 32.55
CA ILE I 75 -7.44 -1.58 31.47
C ILE I 75 -8.41 -1.73 30.31
N ASN I 76 -8.88 -0.60 29.80
CA ASN I 76 -9.86 -0.60 28.70
C ASN I 76 -9.11 -0.65 27.36
N LEU I 77 -8.49 -1.80 27.11
CA LEU I 77 -7.74 -1.99 25.87
C LEU I 77 -8.64 -2.05 24.64
N LEU I 78 -9.94 -2.33 24.84
CA LEU I 78 -10.84 -2.43 23.68
C LEU I 78 -10.98 -1.09 22.97
N SER I 79 -11.07 0.00 23.73
CA SER I 79 -11.18 1.32 23.11
C SER I 79 -9.94 1.64 22.28
N GLN I 80 -8.76 1.36 22.83
CA GLN I 80 -7.53 1.59 22.07
C GLN I 80 -7.42 0.68 20.86
N ALA I 81 -7.97 -0.53 20.95
CA ALA I 81 -8.00 -1.42 19.79
C ALA I 81 -8.88 -0.83 18.69
N VAL I 82 -10.10 -0.40 19.04
CA VAL I 82 -10.97 0.23 18.05
C VAL I 82 -10.32 1.50 17.51
N ASN I 83 -9.49 2.15 18.30
CA ASN I 83 -8.77 3.32 17.82
C ASN I 83 -7.78 2.96 16.71
N ALA I 84 -7.10 1.83 16.85
CA ALA I 84 -5.99 1.48 15.97
C ALA I 84 -6.26 0.31 15.04
N LEU I 85 -7.09 -0.65 15.44
CA LEU I 85 -7.27 -1.86 14.64
C LEU I 85 -8.25 -1.69 13.49
N ILE I 86 -8.94 -0.55 13.40
CA ILE I 86 -9.82 -0.28 12.27
C ILE I 86 -9.47 1.10 11.71
N SER I 87 -9.88 1.31 10.47
CA SER I 87 -9.58 2.56 9.75
C SER I 87 -10.66 3.58 10.07
N ASP I 88 -10.30 4.59 10.86
CA ASP I 88 -11.26 5.64 11.21
C ASP I 88 -11.65 6.49 10.00
N ASN I 89 -10.71 6.70 9.07
CA ASN I 89 -11.04 7.48 7.88
C ASN I 89 -12.07 6.77 7.01
N LEU I 90 -12.05 5.43 7.00
CA LEU I 90 -13.09 4.69 6.30
C LEU I 90 -14.46 4.92 6.94
N LEU I 91 -14.50 4.91 8.27
CA LEU I 91 -15.75 5.20 8.98
C LEU I 91 -16.26 6.59 8.65
N MET I 92 -15.35 7.57 8.65
CA MET I 92 -15.78 8.94 8.37
C MET I 92 -16.21 9.10 6.92
N LYS I 93 -15.56 8.41 5.98
CA LYS I 93 -15.99 8.44 4.60
C LYS I 93 -17.38 7.83 4.44
N ASN I 94 -17.63 6.72 5.13
CA ASN I 94 -18.97 6.12 5.09
C ASN I 94 -20.01 7.06 5.69
N LYS I 95 -19.65 7.75 6.78
CA LYS I 95 -20.57 8.72 7.38
C LYS I 95 -20.86 9.87 6.43
N ILE I 96 -19.83 10.36 5.73
CA ILE I 96 -20.03 11.43 4.76
C ILE I 96 -20.96 10.96 3.64
N LYS I 97 -20.72 9.73 3.14
CA LYS I 97 -21.56 9.19 2.08
C LYS I 97 -23.01 9.06 2.55
N GLU I 98 -23.21 8.62 3.79
CA GLU I 98 -24.57 8.53 4.33
C GLU I 98 -25.21 9.90 4.44
N LEU I 99 -24.46 10.90 4.90
CA LEU I 99 -25.00 12.25 5.04
C LEU I 99 -25.28 12.90 3.69
N MET I 100 -24.64 12.44 2.62
CA MET I 100 -24.92 12.94 1.28
C MET I 100 -25.90 12.07 0.51
N SER I 101 -26.58 11.14 1.19
CA SER I 101 -27.63 10.32 0.59
C SER I 101 -27.13 9.52 -0.61
N ILE I 102 -25.87 9.09 -0.56
CA ILE I 102 -25.31 8.22 -1.60
C ILE I 102 -24.96 6.89 -0.94
N PRO I 103 -24.87 5.79 -1.69
CA PRO I 103 -24.71 4.48 -1.04
C PRO I 103 -23.48 4.40 -0.16
N TYR I 104 -23.62 3.72 0.98
CA TYR I 104 -22.58 3.62 1.98
C TYR I 104 -22.61 2.23 2.59
N CYS I 105 -21.57 1.93 3.37
CA CYS I 105 -21.41 0.64 4.03
C CYS I 105 -21.74 0.77 5.52
N ASN I 106 -22.61 -0.10 6.02
CA ASN I 106 -22.90 -0.16 7.44
C ASN I 106 -22.44 -1.46 8.08
N TYR I 107 -21.43 -2.10 7.49
CA TYR I 107 -20.65 -3.15 8.15
C TYR I 107 -21.48 -4.37 8.53
N THR I 108 -22.38 -4.78 7.66
CA THR I 108 -23.18 -5.95 8.01
C THR I 108 -23.17 -7.03 6.94
N LYS I 109 -23.16 -6.66 5.66
CA LYS I 109 -23.28 -7.62 4.58
C LYS I 109 -22.16 -7.38 3.57
N PHE I 110 -21.46 -8.46 3.21
CA PHE I 110 -20.33 -8.37 2.31
C PHE I 110 -20.51 -9.39 1.19
N TRP I 111 -20.31 -8.95 -0.04
CA TRP I 111 -20.45 -9.81 -1.22
C TRP I 111 -19.09 -9.99 -1.90
N TYR I 112 -18.94 -11.13 -2.55
CA TYR I 112 -17.69 -11.47 -3.23
C TYR I 112 -18.01 -12.42 -4.37
N VAL I 113 -16.98 -12.74 -5.16
CA VAL I 113 -17.10 -13.65 -6.29
C VAL I 113 -16.25 -14.88 -5.99
N ASN I 114 -16.88 -16.05 -6.02
CA ASN I 114 -16.24 -17.30 -5.61
C ASN I 114 -16.18 -18.25 -6.79
N HIS I 115 -14.98 -18.76 -7.08
CA HIS I 115 -14.80 -19.81 -8.06
C HIS I 115 -15.13 -21.15 -7.42
N THR I 116 -16.13 -21.84 -7.99
CA THR I 116 -16.65 -23.04 -7.35
C THR I 116 -15.64 -24.19 -7.36
N LEU I 117 -15.01 -24.42 -8.51
CA LEU I 117 -14.14 -25.59 -8.64
C LEU I 117 -12.91 -25.48 -7.76
N THR I 118 -12.18 -24.36 -7.85
CA THR I 118 -10.93 -24.24 -7.12
C THR I 118 -11.12 -23.68 -5.71
N GLY I 119 -12.26 -23.06 -5.42
CA GLY I 119 -12.50 -22.47 -4.13
C GLY I 119 -11.88 -21.12 -3.91
N GLN I 120 -11.15 -20.59 -4.90
CA GLN I 120 -10.56 -19.27 -4.77
C GLN I 120 -11.62 -18.20 -4.94
N HIS I 121 -11.65 -17.24 -4.01
CA HIS I 121 -12.67 -16.21 -4.00
C HIS I 121 -12.01 -14.85 -3.76
N THR I 122 -12.71 -13.80 -4.18
CA THR I 122 -12.22 -12.45 -4.01
C THR I 122 -12.44 -11.99 -2.57
N LEU I 123 -11.77 -10.89 -2.22
CA LEU I 123 -11.99 -10.29 -0.92
C LEU I 123 -13.40 -9.70 -0.86
N PRO I 124 -14.20 -10.04 0.15
CA PRO I 124 -15.58 -9.55 0.19
C PRO I 124 -15.65 -8.03 0.22
N ARG I 125 -16.65 -7.49 -0.48
CA ARG I 125 -16.86 -6.06 -0.59
C ARG I 125 -18.24 -5.71 -0.03
N CYS I 126 -18.38 -4.46 0.40
CA CYS I 126 -19.62 -4.01 1.01
C CYS I 126 -20.80 -4.13 0.06
N TRP I 127 -21.93 -4.57 0.59
CA TRP I 127 -23.21 -4.49 -0.09
C TRP I 127 -23.81 -3.14 0.31
N LEU I 128 -23.60 -2.13 -0.54
CA LEU I 128 -23.96 -0.77 -0.18
C LEU I 128 -25.46 -0.63 0.01
N ILE I 129 -25.84 0.29 0.90
CA ILE I 129 -27.24 0.55 1.22
C ILE I 129 -27.54 2.02 0.98
N ARG I 130 -28.67 2.29 0.34
CA ARG I 130 -29.16 3.64 0.12
C ARG I 130 -30.59 3.72 0.62
N ASN I 131 -30.92 4.81 1.32
CA ASN I 131 -32.23 5.02 1.91
C ASN I 131 -32.60 3.88 2.87
N GLY I 132 -31.60 3.31 3.54
CA GLY I 132 -31.85 2.26 4.50
C GLY I 132 -32.17 0.90 3.91
N SER I 133 -31.94 0.71 2.61
CA SER I 133 -32.24 -0.55 1.95
C SER I 133 -31.06 -0.99 1.09
N TYR I 134 -30.87 -2.30 0.99
CA TYR I 134 -29.79 -2.84 0.19
C TYR I 134 -30.02 -2.57 -1.29
N LEU I 135 -28.94 -2.55 -2.06
CA LEU I 135 -29.04 -2.44 -3.50
C LEU I 135 -29.56 -3.76 -4.08
N ASN I 136 -30.16 -3.68 -5.27
CA ASN I 136 -30.86 -4.80 -5.89
C ASN I 136 -29.99 -5.55 -6.89
N THR I 137 -28.68 -5.57 -6.67
CA THR I 137 -27.73 -6.29 -7.54
C THR I 137 -27.84 -5.85 -8.99
N SER I 138 -28.33 -4.63 -9.23
CA SER I 138 -28.47 -4.11 -10.58
C SER I 138 -27.84 -2.73 -10.68
N GLU I 139 -27.80 -2.01 -9.56
CA GLU I 139 -27.18 -0.69 -9.54
C GLU I 139 -25.66 -0.76 -9.40
N PHE I 140 -25.12 -1.92 -9.07
CA PHE I 140 -23.67 -2.15 -9.05
C PHE I 140 -23.33 -3.39 -9.87
N ARG I 141 -24.05 -3.59 -10.98
CA ARG I 141 -23.82 -4.74 -11.83
C ARG I 141 -22.39 -4.72 -12.39
N ASN I 142 -21.94 -3.55 -12.86
CA ASN I 142 -20.58 -3.44 -13.35
C ASN I 142 -19.56 -3.78 -12.28
N ASP I 143 -19.88 -3.48 -11.01
CA ASP I 143 -18.94 -3.77 -9.93
C ASP I 143 -18.64 -5.26 -9.85
N TRP I 144 -19.68 -6.10 -9.76
CA TRP I 144 -19.42 -7.53 -9.65
C TRP I 144 -19.02 -8.17 -10.98
N ILE I 145 -19.41 -7.61 -12.13
CA ILE I 145 -18.88 -8.10 -13.39
C ILE I 145 -17.37 -7.90 -13.45
N LEU I 146 -16.92 -6.68 -13.15
CA LEU I 146 -15.48 -6.40 -13.13
C LEU I 146 -14.78 -7.17 -12.03
N GLU I 147 -15.46 -7.45 -10.92
CA GLU I 147 -14.85 -8.22 -9.85
C GLU I 147 -14.63 -9.68 -10.28
N SER I 148 -15.58 -10.25 -10.99
CA SER I 148 -15.39 -11.59 -11.54
C SER I 148 -14.26 -11.62 -12.57
N ASP I 149 -14.21 -10.60 -13.43
CA ASP I 149 -13.11 -10.52 -14.39
C ASP I 149 -11.77 -10.42 -13.68
N HIS I 150 -11.70 -9.60 -12.62
CA HIS I 150 -10.48 -9.48 -11.84
C HIS I 150 -10.13 -10.78 -11.13
N LEU I 151 -11.13 -11.53 -10.68
CA LEU I 151 -10.86 -12.83 -10.07
C LEU I 151 -10.24 -13.80 -11.08
N ILE I 152 -10.78 -13.82 -12.30
CA ILE I 152 -10.19 -14.68 -13.34
C ILE I 152 -8.77 -14.24 -13.65
N SER I 153 -8.55 -12.93 -13.75
CA SER I 153 -7.21 -12.41 -14.03
C SER I 153 -6.24 -12.78 -12.91
N GLU I 154 -6.69 -12.67 -11.66
CA GLU I 154 -5.83 -13.01 -10.53
C GLU I 154 -5.51 -14.51 -10.50
N MET I 155 -6.50 -15.35 -10.80
CA MET I 155 -6.26 -16.78 -10.87
C MET I 155 -5.23 -17.10 -11.95
N LEU I 156 -5.32 -16.44 -13.10
CA LEU I 156 -4.37 -16.70 -14.17
C LEU I 156 -2.97 -16.15 -13.85
N SER I 157 -2.90 -14.99 -13.18
CA SER I 157 -1.62 -14.36 -12.90
C SER I 157 -0.91 -14.94 -11.69
N LYS I 158 -1.63 -15.58 -10.77
CA LYS I 158 -0.98 -16.22 -9.63
C LYS I 158 -0.05 -17.33 -10.09
N GLU I 159 -0.48 -18.10 -11.09
CA GLU I 159 0.37 -19.16 -11.62
C GLU I 159 1.64 -18.59 -12.24
N TYR I 160 1.50 -17.50 -13.00
CA TYR I 160 2.67 -16.85 -13.59
C TYR I 160 3.63 -16.36 -12.52
N ALA I 161 3.09 -15.72 -11.48
CA ALA I 161 3.94 -15.21 -10.40
C ALA I 161 4.66 -16.34 -9.68
N GLU I 162 3.94 -17.44 -9.38
CA GLU I 162 4.54 -18.56 -8.68
C GLU I 162 5.61 -19.23 -9.55
N ARG I 163 5.36 -19.35 -10.85
CA ARG I 163 6.34 -19.94 -11.75
C ARG I 163 7.59 -19.07 -11.84
N GLN I 164 7.40 -17.75 -11.96
CA GLN I 164 8.55 -16.84 -12.00
C GLN I 164 9.29 -16.81 -10.67
N GLY I 165 8.63 -17.14 -9.57
CA GLY I 165 9.31 -17.21 -8.29
C GLY I 165 10.16 -18.45 -8.09
N LYS I 166 9.96 -19.49 -8.91
CA LYS I 166 10.72 -20.72 -8.79
C LYS I 166 11.60 -21.02 -9.98
N THR I 167 11.22 -20.55 -11.18
CA THR I 167 11.98 -20.84 -12.39
C THR I 167 12.79 -19.62 -12.78
N PRO I 168 14.12 -19.72 -12.85
CA PRO I 168 14.92 -18.56 -13.25
C PRO I 168 14.67 -18.17 -14.69
N ILE I 169 14.79 -16.87 -14.96
CA ILE I 169 14.66 -16.40 -16.34
C ILE I 169 15.91 -16.70 -17.14
N THR I 170 17.06 -16.83 -16.50
CA THR I 170 18.28 -17.21 -17.21
C THR I 170 18.15 -18.62 -17.79
N LEU I 171 17.53 -19.53 -17.03
CA LEU I 171 17.31 -20.88 -17.55
C LEU I 171 16.34 -20.87 -18.72
N VAL I 172 15.29 -20.06 -18.65
CA VAL I 172 14.35 -19.94 -19.76
C VAL I 172 15.04 -19.39 -21.00
N ASP I 173 15.89 -18.37 -20.80
CA ASP I 173 16.64 -17.81 -21.92
C ASP I 173 17.60 -18.84 -22.51
N ILE I 174 18.26 -19.62 -21.65
CA ILE I 174 19.16 -20.67 -22.13
C ILE I 174 18.40 -21.69 -22.97
N CYS I 175 17.23 -22.11 -22.48
CA CYS I 175 16.43 -23.08 -23.24
C CYS I 175 15.97 -22.49 -24.57
N PHE I 176 15.52 -21.24 -24.57
CA PHE I 176 15.04 -20.62 -25.80
C PHE I 176 16.17 -20.49 -26.82
N TRP I 177 17.35 -20.05 -26.38
CA TRP I 177 18.46 -19.89 -27.31
C TRP I 177 19.00 -21.24 -27.77
N SER I 178 18.94 -22.26 -26.90
CA SER I 178 19.31 -23.60 -27.33
C SER I 178 18.35 -24.12 -28.39
N THR I 179 17.05 -23.84 -28.24
CA THR I 179 16.08 -24.25 -29.26
C THR I 179 16.32 -23.50 -30.57
N ILE I 180 16.64 -22.21 -30.50
CA ILE I 180 16.95 -21.45 -31.71
C ILE I 180 18.19 -22.03 -32.39
N PHE I 181 19.23 -22.33 -31.61
CA PHE I 181 20.45 -22.91 -32.15
C PHE I 181 20.17 -24.26 -32.81
N PHE I 182 19.37 -25.09 -32.15
CA PHE I 182 19.04 -26.41 -32.70
C PHE I 182 18.22 -26.30 -33.97
N THR I 183 17.27 -25.36 -34.01
CA THR I 183 16.47 -25.18 -35.22
C THR I 183 17.34 -24.66 -36.37
N ALA I 184 18.27 -23.75 -36.08
CA ALA I 184 19.19 -23.29 -37.11
C ALA I 184 20.07 -24.43 -37.60
N SER I 185 20.53 -25.29 -36.68
CA SER I 185 21.32 -26.44 -37.07
C SER I 185 20.52 -27.38 -37.96
N LEU I 186 19.25 -27.59 -37.65
CA LEU I 186 18.39 -28.40 -38.51
C LEU I 186 18.23 -27.77 -39.89
N PHE I 187 18.06 -26.45 -39.93
CA PHE I 187 17.94 -25.76 -41.22
C PHE I 187 19.20 -25.95 -42.06
N LEU I 188 20.37 -25.77 -41.45
CA LEU I 188 21.62 -25.98 -42.18
C LEU I 188 21.81 -27.44 -42.55
N HIS I 189 21.21 -28.35 -41.78
CA HIS I 189 21.21 -29.76 -42.16
C HIS I 189 20.42 -29.99 -43.43
N LEU I 190 19.21 -29.42 -43.52
CA LEU I 190 18.39 -29.60 -44.70
C LEU I 190 19.01 -28.94 -45.94
N VAL I 191 19.38 -27.67 -45.81
CA VAL I 191 19.89 -26.95 -46.98
C VAL I 191 21.29 -27.43 -47.35
N GLY I 192 22.10 -27.81 -46.37
CA GLY I 192 23.47 -28.21 -46.63
C GLY I 192 24.40 -27.02 -46.83
N ILE I 193 25.66 -27.18 -46.45
CA ILE I 193 26.66 -26.13 -46.56
C ILE I 193 27.84 -26.70 -47.33
N PRO I 194 28.37 -25.99 -48.34
CA PRO I 194 29.52 -26.51 -49.08
C PRO I 194 30.73 -26.71 -48.17
N THR I 195 31.48 -27.78 -48.44
CA THR I 195 32.65 -28.12 -47.64
C THR I 195 33.98 -27.89 -48.35
N HIS I 196 33.98 -27.81 -49.68
CA HIS I 196 35.22 -27.59 -50.43
C HIS I 196 34.87 -26.96 -51.77
N ARG I 197 35.88 -26.35 -52.39
CA ARG I 197 35.72 -25.68 -53.66
C ARG I 197 35.97 -26.63 -54.82
N HIS I 198 35.28 -26.37 -55.93
CA HIS I 198 35.46 -27.10 -57.17
C HIS I 198 35.87 -26.14 -58.27
N LEU I 199 36.92 -26.48 -59.02
CA LEU I 199 37.33 -25.66 -60.15
C LEU I 199 36.30 -25.72 -61.27
N LYS I 200 36.13 -24.59 -61.95
CA LYS I 200 35.16 -24.53 -63.04
C LYS I 200 35.64 -25.37 -64.22
N GLY I 201 34.77 -26.25 -64.69
CA GLY I 201 35.08 -27.13 -65.79
C GLY I 201 35.93 -28.33 -65.43
N GLU I 202 36.20 -28.56 -64.15
CA GLU I 202 37.03 -29.67 -63.70
C GLU I 202 36.25 -30.51 -62.70
N ALA I 203 36.85 -31.64 -62.33
CA ALA I 203 36.24 -32.56 -61.38
C ALA I 203 36.54 -32.12 -59.95
N CYS I 204 36.13 -32.96 -59.00
CA CYS I 204 36.34 -32.65 -57.58
C CYS I 204 37.82 -32.78 -57.24
N PRO I 205 38.45 -31.75 -56.67
CA PRO I 205 39.90 -31.80 -56.44
C PRO I 205 40.30 -32.55 -55.19
N LEU I 206 39.39 -33.33 -54.60
CA LEU I 206 39.73 -34.09 -53.41
C LEU I 206 40.81 -35.12 -53.73
N PRO I 207 41.72 -35.40 -52.79
CA PRO I 207 41.77 -34.88 -51.41
C PRO I 207 42.49 -33.53 -51.30
N HIS I 208 42.92 -32.95 -52.41
CA HIS I 208 43.58 -31.66 -52.37
C HIS I 208 42.56 -30.55 -52.09
N LYS I 209 43.03 -29.50 -51.42
CA LYS I 209 42.21 -28.35 -51.08
C LYS I 209 42.66 -27.13 -51.88
N LEU I 210 41.70 -26.31 -52.28
CA LEU I 210 41.94 -25.13 -53.10
C LEU I 210 41.70 -23.87 -52.29
N ASP I 211 42.55 -22.87 -52.49
CA ASP I 211 42.44 -21.60 -51.80
C ASP I 211 41.50 -20.68 -52.56
N SER I 212 41.46 -19.40 -52.18
CA SER I 212 40.61 -18.43 -52.85
C SER I 212 41.05 -18.22 -54.31
N PHE I 213 42.33 -18.33 -54.58
CA PHE I 213 42.87 -18.18 -55.93
C PHE I 213 42.89 -19.50 -56.71
N GLY I 214 42.47 -20.60 -56.09
CA GLY I 214 42.44 -21.88 -56.77
C GLY I 214 43.77 -22.59 -56.88
N GLY I 215 44.80 -22.12 -56.17
CA GLY I 215 46.11 -22.72 -56.22
C GLY I 215 46.35 -23.71 -55.08
N CYS I 216 47.42 -24.49 -55.24
CA CYS I 216 47.84 -25.46 -54.23
C CYS I 216 49.29 -25.21 -53.85
N ARG I 217 49.59 -25.33 -52.57
CA ARG I 217 50.98 -25.22 -52.11
C ARG I 217 51.84 -26.37 -52.64
N CYS I 218 51.21 -27.47 -53.06
CA CYS I 218 51.96 -28.59 -53.62
C CYS I 218 52.52 -28.28 -55.00
N GLY I 219 52.00 -27.28 -55.68
CA GLY I 219 52.39 -26.96 -57.04
C GLY I 219 51.61 -27.65 -58.11
N LYS I 220 50.73 -28.60 -57.75
CA LYS I 220 49.90 -29.26 -58.75
C LYS I 220 48.93 -28.29 -59.41
N TYR I 221 48.33 -27.40 -58.62
CA TYR I 221 47.38 -26.42 -59.13
C TYR I 221 48.02 -25.05 -59.17
N PRO I 222 48.32 -24.51 -60.34
CA PRO I 222 48.93 -23.17 -60.40
C PRO I 222 47.96 -22.10 -59.93
N ARG I 223 48.53 -21.03 -59.38
CA ARG I 223 47.74 -19.91 -58.85
C ARG I 223 47.40 -18.97 -60.01
N LEU I 224 46.41 -19.40 -60.81
CA LEU I 224 45.95 -18.63 -61.95
C LEU I 224 44.85 -17.63 -61.62
N LYS I 225 44.42 -17.58 -60.35
CA LYS I 225 43.35 -16.70 -59.91
C LYS I 225 42.05 -16.93 -60.68
N LYS I 226 41.81 -18.16 -61.09
CA LYS I 226 40.60 -18.49 -61.81
C LYS I 226 39.40 -18.51 -60.86
N PRO I 227 38.21 -18.17 -61.34
CA PRO I 227 37.02 -18.23 -60.49
C PRO I 227 36.72 -19.66 -60.05
N THR I 228 36.16 -19.78 -58.85
CA THR I 228 35.84 -21.06 -58.27
C THR I 228 34.41 -21.05 -57.75
N ILE I 229 33.81 -22.24 -57.67
CA ILE I 229 32.45 -22.41 -57.19
C ILE I 229 32.48 -23.24 -55.91
N TRP I 230 31.34 -23.29 -55.23
CA TRP I 230 31.19 -24.01 -53.97
C TRP I 230 30.23 -25.18 -54.16
N HIS I 231 30.64 -26.36 -53.70
CA HIS I 231 29.82 -27.55 -53.77
C HIS I 231 29.85 -28.28 -52.44
N LYS I 232 28.77 -29.00 -52.14
CA LYS I 232 28.65 -29.75 -50.90
C LYS I 232 29.39 -31.07 -51.03
N ARG I 233 29.22 -31.95 -50.04
CA ARG I 233 29.87 -33.25 -50.07
C ARG I 233 29.30 -34.10 -51.21
N HIS I 234 30.18 -34.80 -51.91
CA HIS I 234 29.77 -35.66 -53.02
C HIS I 234 30.09 -37.12 -52.74
#